data_6NN4
#
_entry.id   6NN4
#
_cell.length_a   120.572
_cell.length_b   204.662
_cell.length_c   112.334
_cell.angle_alpha   90.00
_cell.angle_beta   90.00
_cell.angle_gamma   90.00
#
_symmetry.space_group_name_H-M   'P 21 21 2'
#
loop_
_entity.id
_entity.type
_entity.pdbx_description
1 polymer 'Pyruvate kinase PKLR'
2 non-polymer 1,6-di-O-phosphono-beta-D-fructofuranose
3 non-polymer 1,2-ETHANEDIOL
4 non-polymer PHOSPHOENOLPYRUVATE
5 water water
#
_entity_poly.entity_id   1
_entity_poly.type   'polypeptide(L)'
_entity_poly.pdbx_seq_one_letter_code
;MEGPAGYLRRASVAQLTQELGTAFFQQQQLPAAMADTFLEHLCLLDIDSEPVAARSTSIIATIGPASRSVERLKEMIKAG
MNIARLNFSHGSHEYHAESIANVREAVESFAGSPLSYRPVAIALDTKGPEIRTGILQGGPESEVELVKGSQVLVTVDPAF
RTRGNANTVWVDYPNIVRVVPVGGRIYIDDGLISLVVQKIGPEGLVTQVENGGVLGSRKGVNLPGAQVDLPGLSEQDVRD
LRFGVEHGVDIVFASFVRKASDVAAVRAALGPEGHGIKIISKIENHEGVKRFDEILEVSDGIMVARGDLGIEIPAEKVFL
AQKMMIGRCNLAGKPVVCATQMLESMITKPRPTRAETSDVANAVLDGADCIMLSGETAKGNFPVEAVKMQHAIAREAEAA
VYHRQLFEELRRAAPLSRDPTEVTAIGAVEAAFKCCAAAIIVLTTTGRSAQLLSRYRPRAAVIAVTRSAQAARQVHLCRG
VFPLLYREPPEAIWADDVNRRVQFGIESGKLRGFLRVGDLVIVVTGWRPGSGYTNIMRVLSIS
;
_entity_poly.pdbx_strand_id   A,B,C,D
#
loop_
_chem_comp.id
_chem_comp.type
_chem_comp.name
_chem_comp.formula
EDO non-polymer 1,2-ETHANEDIOL 'C2 H6 O2'
FBP D-saccharide, beta linking 1,6-di-O-phosphono-beta-D-fructofuranose 'C6 H14 O12 P2'
PEP non-polymer PHOSPHOENOLPYRUVATE 'C3 H5 O6 P'
#
# COMPACT_ATOMS: atom_id res chain seq x y z
N ALA A 23 2.62 -18.33 -24.23
CA ALA A 23 2.10 -19.37 -23.32
C ALA A 23 2.88 -19.42 -22.00
N PHE A 24 4.14 -18.96 -22.03
CA PHE A 24 4.91 -18.80 -20.79
C PHE A 24 4.06 -18.10 -19.73
N PHE A 25 3.38 -17.01 -20.11
CA PHE A 25 2.59 -16.21 -19.18
C PHE A 25 1.27 -16.86 -18.79
N GLN A 26 0.92 -18.01 -19.37
CA GLN A 26 -0.28 -18.69 -18.92
C GLN A 26 0.01 -19.62 -17.76
N GLN A 27 1.26 -20.01 -17.58
CA GLN A 27 1.62 -21.03 -16.60
C GLN A 27 2.06 -20.41 -15.28
N GLN A 28 2.29 -21.30 -14.30
CA GLN A 28 2.63 -21.05 -12.92
C GLN A 28 1.95 -19.83 -12.33
N GLN A 29 0.65 -19.69 -12.58
CA GLN A 29 -0.20 -18.65 -11.99
C GLN A 29 0.32 -17.22 -12.21
N LEU A 30 1.04 -16.98 -13.31
CA LEU A 30 1.53 -15.63 -13.57
C LEU A 30 0.42 -14.60 -13.77
N PRO A 31 -0.73 -14.91 -14.38
CA PRO A 31 -1.85 -13.95 -14.33
C PRO A 31 -2.14 -13.49 -12.92
N ALA A 32 -2.16 -14.43 -11.98
CA ALA A 32 -2.46 -14.10 -10.59
C ALA A 32 -1.28 -13.38 -9.94
N ALA A 33 -0.04 -13.77 -10.27
CA ALA A 33 1.12 -13.10 -9.68
C ALA A 33 1.17 -11.63 -10.07
N MET A 34 0.67 -11.31 -11.25
CA MET A 34 0.65 -9.95 -11.75
C MET A 34 -0.51 -9.11 -11.22
N ALA A 35 -1.48 -9.71 -10.55
CA ALA A 35 -2.60 -8.92 -10.03
C ALA A 35 -2.13 -7.75 -9.18
N ASP A 36 -2.96 -6.71 -9.05
CA ASP A 36 -2.59 -5.51 -8.31
C ASP A 36 -3.00 -5.55 -6.85
N THR A 37 -3.85 -6.49 -6.44
CA THR A 37 -4.21 -6.64 -5.04
C THR A 37 -4.19 -8.12 -4.72
N PHE A 38 -4.10 -8.42 -3.42
CA PHE A 38 -4.23 -9.79 -2.96
C PHE A 38 -5.57 -10.39 -3.35
N LEU A 39 -6.65 -9.63 -3.13
CA LEU A 39 -7.98 -10.12 -3.48
C LEU A 39 -8.04 -10.46 -4.97
N GLU A 40 -7.58 -9.54 -5.83
CA GLU A 40 -7.59 -9.82 -7.26
C GLU A 40 -6.68 -11.00 -7.61
N HIS A 41 -5.57 -11.15 -6.90
CA HIS A 41 -4.70 -12.30 -7.13
C HIS A 41 -5.44 -13.60 -6.83
N LEU A 42 -6.15 -13.65 -5.70
CA LEU A 42 -6.98 -14.82 -5.40
C LEU A 42 -7.97 -15.11 -6.53
N CYS A 43 -8.68 -14.06 -7.01
CA CYS A 43 -9.70 -14.24 -8.04
C CYS A 43 -9.11 -14.76 -9.35
N LEU A 44 -7.80 -14.59 -9.59
CA LEU A 44 -7.19 -15.04 -10.83
C LEU A 44 -6.47 -16.40 -10.73
N LEU A 45 -6.48 -17.04 -9.57
CA LEU A 45 -5.94 -18.40 -9.48
C LEU A 45 -6.71 -19.30 -10.43
N ASP A 46 -5.98 -20.16 -11.13
CA ASP A 46 -6.48 -20.86 -12.30
C ASP A 46 -5.99 -22.30 -12.23
N ILE A 47 -6.93 -23.24 -12.12
CA ILE A 47 -6.57 -24.65 -12.05
C ILE A 47 -5.99 -25.17 -13.35
N ASP A 48 -6.13 -24.43 -14.45
CA ASP A 48 -5.52 -24.83 -15.72
C ASP A 48 -4.08 -24.32 -15.88
N SER A 49 -3.60 -23.44 -15.00
CA SER A 49 -2.25 -22.88 -15.09
C SER A 49 -1.26 -23.89 -14.51
N GLU A 50 -0.47 -24.53 -15.35
CA GLU A 50 0.35 -25.62 -14.81
C GLU A 50 1.59 -25.08 -14.10
N PRO A 51 1.99 -25.70 -13.00
CA PRO A 51 3.29 -25.36 -12.42
C PRO A 51 4.41 -25.85 -13.31
N VAL A 52 5.46 -25.04 -13.41
CA VAL A 52 6.60 -25.41 -14.25
C VAL A 52 7.89 -25.38 -13.41
N ALA A 53 7.93 -24.49 -12.42
CA ALA A 53 9.10 -24.43 -11.54
C ALA A 53 9.26 -25.74 -10.77
N ALA A 54 10.49 -26.01 -10.35
CA ALA A 54 10.76 -27.13 -9.48
C ALA A 54 10.11 -26.91 -8.11
N ARG A 55 9.59 -27.97 -7.53
CA ARG A 55 9.06 -27.88 -6.17
C ARG A 55 10.14 -27.46 -5.20
N SER A 56 9.80 -26.53 -4.33
CA SER A 56 10.79 -25.79 -3.56
C SER A 56 10.67 -25.97 -2.07
N THR A 57 9.47 -26.29 -1.55
CA THR A 57 9.26 -26.64 -0.15
C THR A 57 9.76 -28.06 0.10
N SER A 58 10.61 -28.24 1.11
CA SER A 58 11.22 -29.53 1.34
C SER A 58 10.26 -30.44 2.13
N ILE A 59 10.40 -31.74 1.88
CA ILE A 59 9.54 -32.77 2.49
C ILE A 59 10.36 -33.55 3.52
N ILE A 60 9.90 -33.51 4.75
CA ILE A 60 10.47 -34.28 5.84
C ILE A 60 9.61 -35.54 5.99
N ALA A 61 10.24 -36.72 5.88
CA ALA A 61 9.55 -38.01 6.06
C ALA A 61 10.10 -38.71 7.28
N THR A 62 9.21 -39.12 8.17
CA THR A 62 9.61 -39.84 9.37
C THR A 62 9.83 -41.33 9.05
N ILE A 63 10.96 -41.85 9.53
CA ILE A 63 11.35 -43.21 9.24
C ILE A 63 10.73 -44.14 10.29
N GLY A 64 10.17 -45.23 9.82
CA GLY A 64 9.62 -46.25 10.69
C GLY A 64 9.45 -47.55 9.92
N PRO A 65 8.78 -48.55 10.52
CA PRO A 65 8.62 -49.86 9.84
C PRO A 65 8.14 -49.77 8.39
N ALA A 66 7.28 -48.79 8.05
CA ALA A 66 6.85 -48.61 6.67
C ALA A 66 7.94 -48.02 5.75
N SER A 67 9.04 -47.49 6.29
CA SER A 67 9.95 -46.73 5.45
C SER A 67 11.43 -47.00 5.76
N ARG A 68 11.73 -47.99 6.58
CA ARG A 68 13.10 -48.30 6.93
C ARG A 68 13.88 -48.99 5.80
N SER A 69 13.23 -49.80 4.98
CA SER A 69 14.00 -50.61 4.04
C SER A 69 14.67 -49.75 2.97
N VAL A 70 15.90 -50.15 2.63
CA VAL A 70 16.62 -49.49 1.55
C VAL A 70 15.72 -49.32 0.34
N GLU A 71 14.97 -50.38 -0.02
CA GLU A 71 14.18 -50.29 -1.24
C GLU A 71 13.05 -49.27 -1.11
N ARG A 72 12.40 -49.20 0.06
CA ARG A 72 11.35 -48.20 0.28
C ARG A 72 11.95 -46.79 0.20
N LEU A 73 13.09 -46.57 0.87
CA LEU A 73 13.77 -45.29 0.90
C LEU A 73 14.16 -44.80 -0.50
N LYS A 74 14.51 -45.72 -1.41
CA LYS A 74 14.79 -45.30 -2.78
C LYS A 74 13.55 -44.75 -3.47
N GLU A 75 12.41 -45.40 -3.30
CA GLU A 75 11.18 -44.88 -3.89
C GLU A 75 10.79 -43.55 -3.26
N MET A 76 11.04 -43.41 -1.96
CA MET A 76 10.76 -42.16 -1.28
C MET A 76 11.68 -41.06 -1.77
N ILE A 77 12.95 -41.37 -2.03
CA ILE A 77 13.82 -40.37 -2.58
C ILE A 77 13.32 -39.93 -3.95
N LYS A 78 12.93 -40.87 -4.79
CA LYS A 78 12.46 -40.54 -6.12
C LYS A 78 11.16 -39.75 -6.08
N ALA A 79 10.36 -39.98 -5.03
CA ALA A 79 9.08 -39.30 -4.86
C ALA A 79 9.21 -37.88 -4.35
N GLY A 80 10.34 -37.56 -3.72
CA GLY A 80 10.59 -36.21 -3.26
C GLY A 80 11.12 -36.01 -1.86
N MET A 81 11.36 -37.06 -1.09
CA MET A 81 11.83 -36.84 0.29
C MET A 81 13.20 -36.14 0.29
N ASN A 82 13.34 -35.16 1.14
CA ASN A 82 14.57 -34.36 1.23
C ASN A 82 15.26 -34.49 2.59
N ILE A 83 14.51 -34.77 3.63
CA ILE A 83 15.01 -34.87 4.99
C ILE A 83 14.35 -36.10 5.60
N ALA A 84 15.19 -37.01 6.16
CA ALA A 84 14.70 -38.17 6.89
C ALA A 84 14.76 -37.92 8.39
N ARG A 85 13.61 -38.01 9.04
CA ARG A 85 13.44 -37.77 10.46
C ARG A 85 13.46 -39.08 11.25
N LEU A 86 14.36 -39.13 12.24
CA LEU A 86 14.46 -40.23 13.17
C LEU A 86 13.74 -39.81 14.44
N ASN A 87 12.72 -40.57 14.84
CA ASN A 87 11.95 -40.22 16.02
C ASN A 87 12.47 -41.06 17.18
N PHE A 88 13.29 -40.44 18.01
CA PHE A 88 13.82 -41.14 19.17
C PHE A 88 12.83 -41.24 20.30
N SER A 89 11.53 -41.03 20.08
CA SER A 89 10.59 -41.39 21.10
C SER A 89 10.48 -42.90 21.19
N HIS A 90 10.88 -43.60 20.13
CA HIS A 90 10.78 -45.05 20.01
C HIS A 90 12.02 -45.54 19.27
N GLY A 91 12.36 -46.79 19.55
CA GLY A 91 13.48 -47.41 18.86
C GLY A 91 14.80 -47.21 19.55
N SER A 92 15.55 -48.30 19.62
CA SER A 92 16.85 -48.28 20.25
C SER A 92 17.86 -47.55 19.37
N HIS A 93 19.03 -47.28 19.95
CA HIS A 93 20.12 -46.70 19.16
C HIS A 93 20.46 -47.59 17.99
N GLU A 94 20.45 -48.89 18.22
CA GLU A 94 20.74 -49.87 17.17
C GLU A 94 19.73 -49.74 16.04
N TYR A 95 18.46 -49.69 16.41
CA TYR A 95 17.43 -49.40 15.42
C TYR A 95 17.72 -48.12 14.63
N HIS A 96 18.06 -47.02 15.32
CA HIS A 96 18.20 -45.78 14.55
C HIS A 96 19.46 -45.84 13.73
N ALA A 97 20.48 -46.53 14.24
CA ALA A 97 21.71 -46.67 13.46
C ALA A 97 21.44 -47.37 12.12
N GLU A 98 20.63 -48.43 12.14
CA GLU A 98 20.17 -49.08 10.91
C GLU A 98 19.40 -48.12 10.02
N SER A 99 18.44 -47.39 10.59
CA SER A 99 17.73 -46.37 9.80
C SER A 99 18.71 -45.44 9.08
N ILE A 100 19.68 -44.89 9.82
CA ILE A 100 20.66 -43.98 9.23
C ILE A 100 21.41 -44.66 8.09
N ALA A 101 21.94 -45.86 8.34
N ALA A 101 21.94 -45.86 8.34
CA ALA A 101 22.72 -46.54 7.31
CA ALA A 101 22.72 -46.56 7.32
C ALA A 101 21.88 -46.83 6.06
C ALA A 101 21.88 -46.82 6.07
N ASN A 102 20.61 -47.22 6.25
CA ASN A 102 19.75 -47.49 5.11
C ASN A 102 19.47 -46.26 4.28
N VAL A 103 19.28 -45.10 4.96
CA VAL A 103 19.13 -43.82 4.27
C VAL A 103 20.39 -43.49 3.49
N ARG A 104 21.55 -43.64 4.11
CA ARG A 104 22.78 -43.33 3.38
C ARG A 104 22.96 -44.27 2.22
N GLU A 105 22.59 -45.55 2.38
CA GLU A 105 22.79 -46.46 1.26
C GLU A 105 21.82 -46.15 0.13
N ALA A 106 20.57 -45.81 0.46
CA ALA A 106 19.62 -45.39 -0.56
C ALA A 106 20.11 -44.14 -1.27
N VAL A 107 20.61 -43.16 -0.50
CA VAL A 107 21.05 -41.92 -1.12
C VAL A 107 22.22 -42.20 -2.05
N GLU A 108 23.17 -43.02 -1.59
CA GLU A 108 24.36 -43.30 -2.39
C GLU A 108 24.05 -44.21 -3.58
N SER A 109 22.96 -44.97 -3.53
CA SER A 109 22.58 -45.75 -4.70
C SER A 109 22.34 -44.87 -5.92
N PHE A 110 22.09 -43.57 -5.73
CA PHE A 110 21.84 -42.67 -6.83
C PHE A 110 23.10 -41.92 -7.25
N ALA A 111 24.22 -42.15 -6.57
CA ALA A 111 25.48 -41.48 -6.94
C ALA A 111 26.10 -42.12 -8.20
N TYR A 117 21.04 -38.03 -8.49
CA TYR A 117 21.62 -37.79 -7.17
C TYR A 117 20.85 -36.74 -6.38
N ARG A 118 20.42 -37.10 -5.18
CA ARG A 118 19.71 -36.19 -4.27
C ARG A 118 20.38 -36.29 -2.90
N PRO A 119 21.05 -35.24 -2.43
CA PRO A 119 21.36 -35.17 -0.99
C PRO A 119 20.06 -35.26 -0.18
N VAL A 120 20.13 -35.98 0.94
CA VAL A 120 19.04 -36.14 1.89
C VAL A 120 19.63 -35.90 3.26
N ALA A 121 19.06 -34.98 4.01
CA ALA A 121 19.49 -34.72 5.36
C ALA A 121 18.86 -35.70 6.33
N ILE A 122 19.56 -35.87 7.45
CA ILE A 122 19.18 -36.80 8.51
C ILE A 122 18.96 -35.97 9.74
N ALA A 123 17.75 -36.05 10.28
CA ALA A 123 17.30 -35.23 11.39
C ALA A 123 16.93 -36.13 12.56
N LEU A 124 17.49 -35.81 13.73
CA LEU A 124 17.22 -36.50 14.97
C LEU A 124 16.23 -35.72 15.80
N ASP A 125 15.09 -36.34 16.07
CA ASP A 125 13.99 -35.71 16.81
C ASP A 125 13.96 -36.32 18.21
N THR A 126 14.22 -35.49 19.20
CA THR A 126 14.46 -35.98 20.54
C THR A 126 13.18 -36.42 21.23
N LYS A 127 13.32 -37.45 22.06
CA LYS A 127 12.24 -37.90 22.93
C LYS A 127 11.71 -36.77 23.80
N GLY A 128 12.60 -36.15 24.56
CA GLY A 128 12.25 -34.98 25.33
C GLY A 128 11.51 -35.29 26.62
N PRO A 129 11.13 -34.23 27.33
CA PRO A 129 10.28 -34.37 28.52
C PRO A 129 9.00 -35.13 28.19
N GLU A 130 8.59 -35.99 29.12
CA GLU A 130 7.46 -36.91 28.90
C GLU A 130 6.93 -37.45 30.24
N ASP A 229 7.96 -28.02 35.19
CA ASP A 229 9.25 -27.37 34.97
C ASP A 229 10.43 -28.35 34.85
N LEU A 230 10.22 -29.45 34.14
CA LEU A 230 11.30 -30.41 33.91
C LEU A 230 12.52 -29.72 33.30
N PRO A 231 13.67 -30.37 33.22
CA PRO A 231 14.82 -29.74 32.57
C PRO A 231 14.67 -29.74 31.06
N GLY A 232 15.48 -28.91 30.41
CA GLY A 232 15.45 -28.84 28.96
C GLY A 232 15.80 -30.15 28.29
N LEU A 233 16.49 -31.04 29.00
CA LEU A 233 17.01 -32.27 28.44
C LEU A 233 16.97 -33.35 29.50
N SER A 234 16.47 -34.51 29.11
CA SER A 234 16.56 -35.69 29.95
C SER A 234 17.96 -36.30 29.86
N GLU A 235 18.24 -37.21 30.79
CA GLU A 235 19.44 -38.03 30.65
C GLU A 235 19.40 -38.83 29.35
N GLN A 236 18.22 -39.31 28.98
CA GLN A 236 18.05 -40.03 27.72
C GLN A 236 18.35 -39.11 26.54
N ASP A 237 17.78 -37.90 26.55
CA ASP A 237 18.05 -36.95 25.50
C ASP A 237 19.55 -36.78 25.30
N VAL A 238 20.29 -36.61 26.40
CA VAL A 238 21.72 -36.33 26.28
C VAL A 238 22.43 -37.48 25.59
N ARG A 239 22.09 -38.71 25.98
CA ARG A 239 22.75 -39.85 25.35
C ARG A 239 22.36 -39.95 23.89
N ASP A 240 21.08 -39.62 23.57
CA ASP A 240 20.59 -39.67 22.20
C ASP A 240 21.32 -38.66 21.32
N LEU A 241 21.64 -37.49 21.85
CA LEU A 241 22.32 -36.47 21.06
C LEU A 241 23.79 -36.81 20.86
N ARG A 242 24.41 -37.45 21.86
CA ARG A 242 25.75 -38.00 21.65
C ARG A 242 25.72 -38.98 20.47
N PHE A 243 24.76 -39.92 20.49
CA PHE A 243 24.61 -40.88 19.39
C PHE A 243 24.54 -40.17 18.05
N GLY A 244 23.71 -39.11 17.98
CA GLY A 244 23.50 -38.44 16.72
C GLY A 244 24.74 -37.74 16.24
N VAL A 245 25.50 -37.16 17.18
CA VAL A 245 26.77 -36.56 16.79
C VAL A 245 27.71 -37.67 16.30
N GLU A 246 27.85 -38.73 17.10
CA GLU A 246 28.70 -39.85 16.68
C GLU A 246 28.30 -40.39 15.31
N HIS A 247 27.02 -40.27 14.91
CA HIS A 247 26.60 -40.74 13.59
C HIS A 247 26.43 -39.65 12.54
N GLY A 248 26.91 -38.44 12.79
CA GLY A 248 26.86 -37.40 11.77
C GLY A 248 25.48 -36.93 11.33
N VAL A 249 24.49 -36.94 12.24
CA VAL A 249 23.19 -36.36 11.88
C VAL A 249 23.39 -34.88 11.54
N ASP A 250 22.54 -34.35 10.64
CA ASP A 250 22.68 -32.96 10.18
C ASP A 250 21.85 -31.98 10.98
N ILE A 251 20.79 -32.46 11.61
CA ILE A 251 19.76 -31.63 12.22
C ILE A 251 19.25 -32.30 13.48
N VAL A 252 18.93 -31.48 14.46
CA VAL A 252 18.24 -31.92 15.65
C VAL A 252 16.92 -31.14 15.72
N PHE A 253 15.81 -31.89 15.81
CA PHE A 253 14.52 -31.31 16.16
C PHE A 253 14.37 -31.49 17.67
N ALA A 254 14.56 -30.41 18.42
CA ALA A 254 14.59 -30.46 19.89
C ALA A 254 13.21 -30.27 20.50
N SER A 255 12.76 -31.28 21.27
CA SER A 255 11.42 -31.28 21.83
C SER A 255 11.24 -30.29 22.98
N PHE A 256 10.00 -29.82 23.11
CA PHE A 256 9.54 -29.03 24.26
C PHE A 256 10.48 -27.92 24.65
N VAL A 257 10.95 -27.18 23.66
CA VAL A 257 11.76 -25.98 23.91
C VAL A 257 10.84 -24.90 24.47
N ARG A 258 11.16 -24.40 25.66
CA ARG A 258 10.36 -23.39 26.34
C ARG A 258 11.07 -22.05 26.50
N LYS A 259 12.36 -21.98 26.21
CA LYS A 259 13.18 -20.82 26.53
C LYS A 259 14.56 -21.07 25.97
N ALA A 260 15.33 -20.00 25.85
CA ALA A 260 16.58 -20.08 25.12
C ALA A 260 17.55 -21.00 25.82
N SER A 261 17.44 -21.13 27.14
CA SER A 261 18.38 -21.97 27.87
C SER A 261 18.20 -23.43 27.48
N ASP A 262 16.97 -23.86 27.21
CA ASP A 262 16.76 -25.19 26.68
C ASP A 262 17.53 -25.38 25.39
N VAL A 263 17.58 -24.36 24.53
CA VAL A 263 18.37 -24.49 23.32
C VAL A 263 19.85 -24.60 23.65
N ALA A 264 20.32 -23.74 24.56
CA ALA A 264 21.73 -23.79 24.92
C ALA A 264 22.09 -25.17 25.47
N ALA A 265 21.20 -25.74 26.29
CA ALA A 265 21.41 -27.08 26.80
C ALA A 265 21.60 -28.10 25.67
N VAL A 266 20.82 -27.98 24.59
CA VAL A 266 20.96 -28.92 23.49
C VAL A 266 22.30 -28.72 22.81
N ARG A 267 22.68 -27.45 22.61
CA ARG A 267 23.95 -27.10 22.00
C ARG A 267 25.11 -27.69 22.78
N ALA A 268 25.06 -27.57 24.10
CA ALA A 268 26.13 -28.10 24.93
C ALA A 268 26.17 -29.63 24.88
N ALA A 269 25.02 -30.28 24.91
CA ALA A 269 25.01 -31.74 24.84
C ALA A 269 25.55 -32.23 23.50
N LEU A 270 25.39 -31.42 22.43
CA LEU A 270 26.03 -31.77 21.17
C LEU A 270 27.53 -31.62 21.27
N GLY A 271 27.98 -30.69 22.11
CA GLY A 271 29.37 -30.60 22.44
C GLY A 271 30.19 -30.24 21.24
N PRO A 272 31.51 -30.48 21.32
CA PRO A 272 32.43 -29.81 20.40
C PRO A 272 32.39 -30.39 18.99
N GLU A 273 32.13 -31.67 18.85
CA GLU A 273 32.11 -32.27 17.52
C GLU A 273 30.84 -31.93 16.74
N GLY A 274 29.76 -31.51 17.43
CA GLY A 274 28.51 -31.19 16.78
C GLY A 274 28.17 -29.70 16.68
N HIS A 275 29.16 -28.85 16.39
CA HIS A 275 28.92 -27.42 16.25
C HIS A 275 28.21 -27.08 14.93
N GLY A 276 28.43 -27.87 13.90
CA GLY A 276 27.79 -27.64 12.62
C GLY A 276 26.40 -28.25 12.49
N ILE A 277 25.88 -28.89 13.52
CA ILE A 277 24.55 -29.47 13.47
C ILE A 277 23.52 -28.38 13.71
N LYS A 278 22.55 -28.27 12.81
CA LYS A 278 21.48 -27.27 12.94
C LYS A 278 20.51 -27.69 14.02
N ILE A 279 20.14 -26.74 14.90
CA ILE A 279 19.13 -26.96 15.94
C ILE A 279 17.83 -26.28 15.56
N ILE A 280 16.79 -27.09 15.45
CA ILE A 280 15.45 -26.64 15.12
C ILE A 280 14.62 -26.84 16.37
N SER A 281 14.14 -25.78 16.97
CA SER A 281 13.41 -25.90 18.23
C SER A 281 11.94 -26.19 17.94
N LYS A 282 11.44 -27.27 18.55
CA LYS A 282 10.03 -27.63 18.50
C LYS A 282 9.27 -26.81 19.52
N ILE A 283 8.28 -26.04 19.06
CA ILE A 283 7.42 -25.23 19.92
C ILE A 283 6.14 -26.02 20.13
N GLU A 284 5.91 -26.43 21.38
CA GLU A 284 4.93 -27.46 21.65
C GLU A 284 3.98 -27.08 22.75
N ASN A 285 4.16 -25.93 23.41
CA ASN A 285 3.30 -25.59 24.52
C ASN A 285 3.18 -24.07 24.63
N HIS A 286 2.35 -23.65 25.56
CA HIS A 286 2.02 -22.23 25.68
C HIS A 286 3.27 -21.41 25.92
N GLU A 287 4.12 -21.86 26.86
CA GLU A 287 5.33 -21.11 27.18
C GLU A 287 6.24 -20.95 25.98
N GLY A 288 6.45 -22.02 25.21
CA GLY A 288 7.29 -21.90 24.03
C GLY A 288 6.77 -20.86 23.07
N VAL A 289 5.45 -20.80 22.90
CA VAL A 289 4.84 -19.80 22.02
C VAL A 289 5.09 -18.40 22.56
N LYS A 290 4.91 -18.21 23.88
CA LYS A 290 5.04 -16.88 24.47
C LYS A 290 6.47 -16.41 24.47
N ARG A 291 7.41 -17.31 24.74
CA ARG A 291 8.84 -17.00 24.72
C ARG A 291 9.44 -17.22 23.35
N PHE A 292 8.63 -17.16 22.30
CA PHE A 292 9.09 -17.52 20.97
C PHE A 292 10.26 -16.68 20.51
N ASP A 293 10.19 -15.36 20.72
CA ASP A 293 11.24 -14.47 20.21
C ASP A 293 12.60 -14.87 20.79
N GLU A 294 12.66 -15.12 22.09
CA GLU A 294 13.95 -15.52 22.68
C GLU A 294 14.37 -16.91 22.19
N ILE A 295 13.45 -17.84 21.94
CA ILE A 295 13.83 -19.13 21.39
C ILE A 295 14.35 -18.98 19.97
N LEU A 296 13.61 -18.23 19.14
CA LEU A 296 14.02 -18.09 17.75
C LEU A 296 15.40 -17.46 17.62
N GLU A 297 15.74 -16.56 18.53
CA GLU A 297 16.98 -15.78 18.43
C GLU A 297 18.20 -16.68 18.51
N VAL A 298 18.16 -17.70 19.37
CA VAL A 298 19.29 -18.61 19.56
C VAL A 298 19.15 -19.91 18.78
N SER A 299 18.04 -20.13 18.09
CA SER A 299 17.80 -21.35 17.35
C SER A 299 18.19 -21.15 15.90
N ASP A 300 18.46 -22.26 15.23
CA ASP A 300 18.66 -22.17 13.78
C ASP A 300 17.35 -22.15 13.03
N GLY A 301 16.26 -22.55 13.68
CA GLY A 301 14.98 -22.69 13.02
C GLY A 301 13.95 -23.18 14.00
N ILE A 302 12.76 -23.45 13.48
CA ILE A 302 11.60 -23.77 14.30
C ILE A 302 10.76 -24.87 13.67
N MET A 303 10.17 -25.70 14.51
CA MET A 303 9.09 -26.60 14.10
C MET A 303 7.83 -26.18 14.85
N VAL A 304 6.79 -25.89 14.11
CA VAL A 304 5.45 -25.80 14.68
C VAL A 304 5.00 -27.22 14.95
N ALA A 305 5.10 -27.64 16.22
CA ALA A 305 4.85 -29.04 16.58
C ALA A 305 3.40 -29.14 17.01
N ARG A 306 2.51 -29.17 15.99
CA ARG A 306 1.08 -28.99 16.19
C ARG A 306 0.44 -30.13 16.99
N GLY A 307 1.03 -31.32 16.94
CA GLY A 307 0.52 -32.47 17.67
C GLY A 307 0.39 -32.15 19.14
N ASP A 308 1.54 -31.88 19.79
CA ASP A 308 1.52 -31.55 21.21
C ASP A 308 0.94 -30.17 21.44
N LEU A 309 1.23 -29.22 20.55
CA LEU A 309 0.70 -27.87 20.72
C LEU A 309 -0.81 -27.89 20.87
N GLY A 310 -1.50 -28.59 19.97
CA GLY A 310 -2.97 -28.66 20.05
C GLY A 310 -3.51 -29.51 21.19
N ILE A 311 -2.64 -30.04 22.02
CA ILE A 311 -3.09 -30.61 23.28
C ILE A 311 -2.83 -29.61 24.40
N GLU A 312 -1.73 -28.88 24.27
CA GLU A 312 -1.29 -28.00 25.35
C GLU A 312 -2.03 -26.67 25.34
N ILE A 313 -2.47 -26.20 24.17
CA ILE A 313 -3.36 -25.06 24.04
C ILE A 313 -4.62 -25.55 23.34
N PRO A 314 -5.70 -24.77 23.35
CA PRO A 314 -6.93 -25.25 22.69
C PRO A 314 -6.68 -25.43 21.20
N ALA A 315 -7.29 -26.51 20.68
CA ALA A 315 -7.00 -26.98 19.33
C ALA A 315 -7.37 -25.94 18.29
N GLU A 316 -8.42 -25.16 18.58
CA GLU A 316 -8.92 -24.11 17.71
C GLU A 316 -8.00 -22.89 17.68
N LYS A 317 -6.99 -22.82 18.54
CA LYS A 317 -5.98 -21.77 18.46
C LYS A 317 -4.72 -22.12 17.67
N VAL A 318 -4.47 -23.41 17.39
CA VAL A 318 -3.15 -23.78 16.87
C VAL A 318 -2.84 -23.03 15.58
N PHE A 319 -3.84 -22.79 14.74
CA PHE A 319 -3.55 -22.11 13.48
C PHE A 319 -3.00 -20.69 13.71
N LEU A 320 -3.36 -20.03 14.81
CA LEU A 320 -2.80 -18.71 15.10
C LEU A 320 -1.32 -18.82 15.45
N ALA A 321 -0.98 -19.82 16.27
CA ALA A 321 0.41 -20.01 16.64
C ALA A 321 1.23 -20.42 15.41
N GLN A 322 0.65 -21.24 14.53
CA GLN A 322 1.35 -21.62 13.31
C GLN A 322 1.61 -20.40 12.45
N LYS A 323 0.56 -19.62 12.17
CA LYS A 323 0.69 -18.49 11.28
C LYS A 323 1.65 -17.46 11.86
N MET A 324 1.56 -17.23 13.17
CA MET A 324 2.44 -16.28 13.84
C MET A 324 3.89 -16.72 13.70
N MET A 325 4.16 -18.00 14.02
CA MET A 325 5.55 -18.44 14.06
C MET A 325 6.16 -18.51 12.67
N ILE A 326 5.36 -18.88 11.67
CA ILE A 326 5.89 -18.91 10.31
C ILE A 326 6.17 -17.48 9.84
N GLY A 327 5.23 -16.57 10.09
CA GLY A 327 5.49 -15.17 9.76
C GLY A 327 6.78 -14.65 10.36
N ARG A 328 6.99 -14.92 11.65
CA ARG A 328 8.16 -14.38 12.34
C ARG A 328 9.45 -15.05 11.86
N CYS A 329 9.40 -16.36 11.55
CA CYS A 329 10.58 -17.03 11.00
C CYS A 329 10.93 -16.50 9.63
N ASN A 330 9.91 -16.25 8.78
CA ASN A 330 10.16 -15.67 7.46
C ASN A 330 10.83 -14.29 7.60
N LEU A 331 10.28 -13.47 8.49
CA LEU A 331 10.90 -12.18 8.75
C LEU A 331 12.35 -12.35 9.14
N ALA A 332 12.64 -13.32 9.99
CA ALA A 332 14.00 -13.47 10.48
C ALA A 332 14.88 -14.25 9.51
N GLY A 333 14.34 -14.74 8.41
CA GLY A 333 15.16 -15.51 7.49
C GLY A 333 15.64 -16.84 8.01
N LYS A 334 14.91 -17.45 8.96
CA LYS A 334 15.22 -18.76 9.54
C LYS A 334 14.19 -19.82 9.17
N PRO A 335 14.64 -21.07 8.95
CA PRO A 335 13.71 -22.10 8.45
C PRO A 335 12.60 -22.43 9.45
N VAL A 336 11.42 -22.70 8.92
CA VAL A 336 10.29 -23.07 9.76
C VAL A 336 9.62 -24.30 9.16
N VAL A 337 9.28 -25.24 10.05
CA VAL A 337 8.71 -26.53 9.67
C VAL A 337 7.29 -26.61 10.18
N CYS A 338 6.37 -26.98 9.31
CA CYS A 338 5.02 -27.27 9.74
C CYS A 338 4.89 -28.79 9.90
N ALA A 339 4.46 -29.24 11.07
CA ALA A 339 4.47 -30.67 11.33
C ALA A 339 3.13 -31.20 11.84
N THR A 340 2.83 -32.43 11.43
CA THR A 340 1.95 -33.35 12.17
C THR A 340 0.51 -33.34 11.66
N GLN A 341 0.08 -34.52 11.24
CA GLN A 341 -1.27 -34.83 10.76
C GLN A 341 -1.64 -34.13 9.48
N MET A 342 -0.64 -33.65 8.74
CA MET A 342 -0.91 -32.96 7.49
C MET A 342 -1.64 -33.84 6.50
N LEU A 343 -1.29 -35.13 6.44
CA LEU A 343 -2.00 -36.03 5.55
C LEU A 343 -2.46 -37.28 6.30
N GLU A 344 -3.01 -37.09 7.50
CA GLU A 344 -3.17 -38.18 8.45
C GLU A 344 -3.87 -39.42 7.87
N SER A 345 -4.95 -39.22 7.11
CA SER A 345 -5.76 -40.35 6.70
C SER A 345 -5.03 -41.24 5.71
N MET A 346 -3.95 -40.76 5.11
CA MET A 346 -3.20 -41.63 4.23
C MET A 346 -2.43 -42.69 4.97
N ILE A 347 -2.49 -42.74 6.30
CA ILE A 347 -1.93 -43.87 7.01
C ILE A 347 -2.67 -45.15 6.57
N THR A 348 -3.98 -45.04 6.28
CA THR A 348 -4.77 -46.15 5.82
C THR A 348 -5.36 -46.02 4.42
N LYS A 349 -5.56 -44.80 3.91
CA LYS A 349 -6.22 -44.64 2.62
C LYS A 349 -5.20 -44.19 1.57
N PRO A 350 -5.38 -44.59 0.31
CA PRO A 350 -4.43 -44.16 -0.73
C PRO A 350 -4.56 -42.69 -1.13
N ARG A 351 -5.61 -42.01 -0.71
CA ARG A 351 -5.84 -40.61 -1.07
C ARG A 351 -6.23 -39.83 0.18
N PRO A 352 -5.85 -38.57 0.26
CA PRO A 352 -6.12 -37.77 1.46
C PRO A 352 -7.49 -37.10 1.38
N THR A 353 -7.90 -36.54 2.51
CA THR A 353 -9.14 -35.80 2.58
C THR A 353 -8.94 -34.40 1.97
N ARG A 354 -10.08 -33.72 1.78
CA ARG A 354 -10.06 -32.34 1.28
C ARG A 354 -9.44 -31.42 2.30
N ALA A 355 -9.62 -31.70 3.59
CA ALA A 355 -8.99 -30.84 4.58
C ALA A 355 -7.48 -31.03 4.60
N GLU A 356 -6.99 -32.24 4.25
CA GLU A 356 -5.56 -32.51 4.33
C GLU A 356 -4.82 -31.87 3.19
N THR A 357 -5.38 -31.89 1.96
CA THR A 357 -4.69 -31.19 0.87
C THR A 357 -4.69 -29.68 1.15
N SER A 358 -5.79 -29.17 1.68
CA SER A 358 -5.89 -27.76 2.06
C SER A 358 -4.79 -27.40 3.04
N ASP A 359 -4.60 -28.23 4.07
CA ASP A 359 -3.62 -27.93 5.10
C ASP A 359 -2.19 -27.89 4.55
N VAL A 360 -1.82 -28.84 3.68
CA VAL A 360 -0.52 -28.77 3.03
C VAL A 360 -0.36 -27.47 2.24
N ALA A 361 -1.33 -27.17 1.36
CA ALA A 361 -1.24 -25.98 0.50
C ALA A 361 -1.18 -24.69 1.32
N ASN A 362 -1.98 -24.62 2.36
CA ASN A 362 -1.95 -23.46 3.22
C ASN A 362 -0.68 -23.36 4.06
N ALA A 363 -0.06 -24.48 4.41
CA ALA A 363 1.22 -24.32 5.11
C ALA A 363 2.23 -23.66 4.18
N VAL A 364 2.18 -24.00 2.90
CA VAL A 364 3.12 -23.44 1.95
C VAL A 364 2.80 -21.98 1.73
N LEU A 365 1.50 -21.65 1.63
CA LEU A 365 1.11 -20.25 1.49
C LEU A 365 1.39 -19.46 2.77
N ASP A 366 1.32 -20.09 3.94
CA ASP A 366 1.68 -19.37 5.16
C ASP A 366 3.15 -18.95 5.12
N GLY A 367 4.00 -19.75 4.47
CA GLY A 367 5.42 -19.46 4.43
C GLY A 367 6.37 -20.55 4.92
N ALA A 368 5.88 -21.78 5.11
CA ALA A 368 6.73 -22.82 5.68
C ALA A 368 7.85 -23.19 4.71
N ASP A 369 9.07 -23.36 5.24
CA ASP A 369 10.15 -23.88 4.41
C ASP A 369 10.03 -25.37 4.17
N CYS A 370 9.50 -26.09 5.16
CA CYS A 370 9.41 -27.54 5.17
C CYS A 370 8.06 -28.00 5.66
N ILE A 371 7.58 -29.07 5.07
CA ILE A 371 6.37 -29.76 5.50
C ILE A 371 6.74 -31.21 5.77
N MET A 372 6.02 -31.82 6.70
CA MET A 372 6.50 -33.01 7.37
C MET A 372 5.43 -34.09 7.32
N LEU A 373 5.90 -35.32 7.26
CA LEU A 373 5.06 -36.51 7.40
C LEU A 373 5.56 -37.33 8.59
N SER A 374 4.62 -37.83 9.42
CA SER A 374 5.00 -38.63 10.57
C SER A 374 4.49 -40.05 10.35
N GLY A 375 3.33 -40.43 10.88
CA GLY A 375 2.84 -41.80 10.69
C GLY A 375 2.57 -42.14 9.24
N GLU A 376 2.34 -41.14 8.40
CA GLU A 376 2.07 -41.38 6.99
C GLU A 376 3.23 -42.10 6.30
N THR A 377 4.46 -41.87 6.74
CA THR A 377 5.63 -42.53 6.20
C THR A 377 6.23 -43.54 7.18
N ALA A 378 6.06 -43.32 8.48
CA ALA A 378 6.71 -44.18 9.45
C ALA A 378 6.00 -45.51 9.61
N LYS A 379 4.67 -45.51 9.54
CA LYS A 379 3.93 -46.73 9.81
C LYS A 379 2.78 -46.99 8.88
N GLY A 380 2.36 -46.06 8.03
CA GLY A 380 1.12 -46.24 7.29
C GLY A 380 1.33 -47.17 6.12
N ASN A 381 0.25 -47.41 5.39
CA ASN A 381 0.28 -48.29 4.23
C ASN A 381 0.66 -47.58 2.94
N PHE A 382 0.84 -46.29 2.97
CA PHE A 382 1.08 -45.59 1.72
C PHE A 382 2.18 -44.55 1.83
N PRO A 383 3.36 -44.92 2.34
CA PRO A 383 4.41 -43.90 2.56
C PRO A 383 4.81 -43.16 1.31
N VAL A 384 4.94 -43.88 0.18
CA VAL A 384 5.46 -43.27 -1.05
C VAL A 384 4.42 -42.33 -1.65
N GLU A 385 3.17 -42.77 -1.72
CA GLU A 385 2.08 -41.94 -2.21
C GLU A 385 1.93 -40.66 -1.37
N ALA A 386 2.26 -40.73 -0.08
CA ALA A 386 2.14 -39.57 0.79
C ALA A 386 3.20 -38.51 0.48
N VAL A 387 4.46 -38.95 0.38
CA VAL A 387 5.52 -38.07 -0.11
C VAL A 387 5.10 -37.44 -1.44
N LYS A 388 4.63 -38.29 -2.37
CA LYS A 388 4.25 -37.80 -3.69
C LYS A 388 3.08 -36.83 -3.60
N MET A 389 2.15 -37.08 -2.70
CA MET A 389 1.04 -36.16 -2.55
C MET A 389 1.56 -34.84 -2.00
N GLN A 390 2.44 -34.86 -0.98
CA GLN A 390 2.98 -33.59 -0.49
C GLN A 390 3.71 -32.84 -1.61
N HIS A 391 4.41 -33.56 -2.48
CA HIS A 391 5.15 -32.90 -3.56
C HIS A 391 4.19 -32.21 -4.53
N ALA A 392 3.12 -32.91 -4.92
CA ALA A 392 2.19 -32.37 -5.90
C ALA A 392 1.48 -31.12 -5.37
N ILE A 393 1.04 -31.14 -4.11
CA ILE A 393 0.37 -29.97 -3.53
C ILE A 393 1.34 -28.80 -3.42
N ALA A 394 2.53 -29.04 -2.87
CA ALA A 394 3.49 -27.98 -2.63
C ALA A 394 3.83 -27.23 -3.90
N ARG A 395 3.97 -27.96 -5.01
CA ARG A 395 4.26 -27.36 -6.29
C ARG A 395 3.14 -26.44 -6.74
N GLU A 396 1.88 -26.86 -6.58
CA GLU A 396 0.76 -25.98 -6.94
C GLU A 396 0.75 -24.76 -6.03
N ALA A 397 0.92 -24.97 -4.72
CA ALA A 397 0.83 -23.89 -3.78
C ALA A 397 1.93 -22.88 -3.99
N GLU A 398 3.15 -23.38 -4.25
CA GLU A 398 4.28 -22.50 -4.51
C GLU A 398 4.00 -21.56 -5.67
N ALA A 399 3.44 -22.10 -6.76
CA ALA A 399 3.13 -21.25 -7.88
C ALA A 399 2.07 -20.19 -7.54
N ALA A 400 1.27 -20.41 -6.50
CA ALA A 400 0.20 -19.52 -6.11
C ALA A 400 0.65 -18.45 -5.13
N VAL A 401 1.89 -18.51 -4.69
CA VAL A 401 2.41 -17.48 -3.80
C VAL A 401 2.36 -16.12 -4.50
N TYR A 402 1.92 -15.11 -3.78
CA TYR A 402 1.77 -13.75 -4.34
C TYR A 402 3.05 -13.00 -4.01
N HIS A 403 4.08 -13.25 -4.84
CA HIS A 403 5.41 -12.70 -4.56
C HIS A 403 5.42 -11.19 -4.51
N ARG A 404 4.66 -10.54 -5.39
CA ARG A 404 4.59 -9.07 -5.41
C ARG A 404 4.36 -8.49 -4.02
N GLN A 405 3.37 -9.00 -3.29
CA GLN A 405 3.16 -8.52 -1.92
C GLN A 405 4.23 -9.06 -0.97
N LEU A 406 4.55 -10.35 -1.11
CA LEU A 406 5.47 -10.97 -0.15
C LEU A 406 6.87 -10.33 -0.22
N PHE A 407 7.44 -10.20 -1.41
CA PHE A 407 8.78 -9.63 -1.51
C PHE A 407 8.80 -8.20 -0.95
N GLU A 408 7.86 -7.37 -1.39
CA GLU A 408 7.77 -6.00 -0.86
C GLU A 408 7.65 -5.96 0.67
N GLU A 409 6.85 -6.82 1.28
CA GLU A 409 6.76 -6.76 2.74
C GLU A 409 8.07 -7.24 3.39
N LEU A 410 8.66 -8.31 2.86
CA LEU A 410 9.92 -8.81 3.43
C LEU A 410 11.04 -7.79 3.29
N ARG A 411 11.00 -6.95 2.27
CA ARG A 411 11.86 -5.78 2.16
C ARG A 411 11.63 -4.71 3.24
N ARG A 412 10.44 -4.11 3.20
CA ARG A 412 10.15 -3.02 4.12
C ARG A 412 10.46 -3.41 5.56
N ALA A 413 10.06 -4.62 5.95
CA ALA A 413 10.21 -5.09 7.32
C ALA A 413 11.62 -5.59 7.60
N ALA A 414 12.39 -5.86 6.59
CA ALA A 414 13.77 -6.25 6.85
C ALA A 414 14.60 -5.03 7.24
N PRO A 415 15.62 -5.22 8.05
CA PRO A 415 16.43 -4.09 8.50
C PRO A 415 17.58 -3.83 7.54
N LEU A 416 18.06 -2.58 7.57
CA LEU A 416 19.30 -2.25 6.89
C LEU A 416 20.36 -3.24 7.33
N SER A 417 21.25 -3.55 6.42
CA SER A 417 22.36 -4.43 6.73
C SER A 417 23.59 -3.85 6.09
N ARG A 418 24.69 -3.78 6.83
CA ARG A 418 26.01 -3.59 6.26
C ARG A 418 26.71 -4.91 5.93
N ASP A 419 25.98 -6.04 5.88
CA ASP A 419 26.59 -7.33 5.59
C ASP A 419 26.60 -7.57 4.08
N PRO A 420 27.76 -7.67 3.44
CA PRO A 420 27.77 -7.75 1.96
C PRO A 420 27.01 -8.94 1.41
N THR A 421 26.95 -10.06 2.14
CA THR A 421 26.17 -11.20 1.67
C THR A 421 24.69 -10.87 1.66
N GLU A 422 24.20 -10.29 2.75
CA GLU A 422 22.81 -9.83 2.82
C GLU A 422 22.52 -8.80 1.72
N VAL A 423 23.37 -7.81 1.58
CA VAL A 423 23.19 -6.77 0.56
C VAL A 423 23.17 -7.39 -0.83
N THR A 424 24.11 -8.29 -1.12
CA THR A 424 24.16 -8.94 -2.42
C THR A 424 22.91 -9.78 -2.65
N ALA A 425 22.45 -10.46 -1.60
CA ALA A 425 21.31 -11.35 -1.76
C ALA A 425 20.05 -10.59 -2.18
N ILE A 426 19.73 -9.48 -1.51
CA ILE A 426 18.48 -8.83 -1.90
C ILE A 426 18.60 -8.21 -3.29
N GLY A 427 19.78 -7.70 -3.61
CA GLY A 427 20.01 -7.19 -4.94
C GLY A 427 19.80 -8.27 -5.99
N ALA A 428 20.27 -9.48 -5.68
CA ALA A 428 20.13 -10.56 -6.64
C ALA A 428 18.66 -11.00 -6.79
N VAL A 429 17.89 -11.03 -5.69
CA VAL A 429 16.49 -11.43 -5.78
C VAL A 429 15.67 -10.40 -6.55
N GLU A 430 15.87 -9.12 -6.23
CA GLU A 430 15.29 -8.04 -7.02
C GLU A 430 15.64 -8.19 -8.49
N ALA A 431 16.91 -8.41 -8.78
CA ALA A 431 17.31 -8.61 -10.16
C ALA A 431 16.61 -9.80 -10.77
N ALA A 432 16.50 -10.91 -10.03
CA ALA A 432 15.88 -12.11 -10.61
C ALA A 432 14.42 -11.82 -10.97
N PHE A 433 13.68 -11.17 -10.06
CA PHE A 433 12.29 -10.80 -10.36
C PHE A 433 12.19 -9.93 -11.61
N LYS A 434 13.18 -9.07 -11.87
CA LYS A 434 13.04 -8.11 -12.97
C LYS A 434 13.11 -8.78 -14.34
N CYS A 435 13.86 -9.87 -14.47
CA CYS A 435 14.03 -10.51 -15.77
C CYS A 435 13.44 -11.92 -15.84
N CYS A 436 12.55 -12.26 -14.93
CA CYS A 436 11.98 -13.62 -14.83
C CYS A 436 13.08 -14.66 -14.98
N ALA A 437 14.08 -14.55 -14.11
CA ALA A 437 15.25 -15.42 -14.20
C ALA A 437 14.86 -16.85 -13.87
N ALA A 438 15.47 -17.80 -14.58
CA ALA A 438 15.19 -19.20 -14.32
C ALA A 438 15.81 -19.62 -12.99
N ALA A 439 16.97 -19.08 -12.62
CA ALA A 439 17.64 -19.53 -11.41
C ALA A 439 18.61 -18.46 -10.91
N ILE A 440 18.96 -18.58 -9.63
CA ILE A 440 20.07 -17.87 -9.02
C ILE A 440 21.10 -18.92 -8.64
N ILE A 441 22.26 -18.94 -9.30
CA ILE A 441 23.34 -19.88 -8.96
C ILE A 441 24.23 -19.19 -7.94
N VAL A 442 24.41 -19.82 -6.79
CA VAL A 442 25.21 -19.27 -5.72
C VAL A 442 26.22 -20.33 -5.29
N LEU A 443 27.47 -19.91 -5.17
CA LEU A 443 28.53 -20.75 -4.65
C LEU A 443 28.52 -20.55 -3.15
N THR A 444 28.45 -21.64 -2.42
CA THR A 444 28.36 -21.51 -0.98
C THR A 444 29.10 -22.65 -0.33
N THR A 445 29.68 -22.34 0.84
CA THR A 445 30.49 -23.31 1.56
C THR A 445 29.70 -23.92 2.71
N THR A 446 28.95 -23.08 3.44
CA THR A 446 28.18 -23.44 4.61
C THR A 446 26.68 -23.43 4.38
N GLY A 447 26.20 -22.97 3.22
CA GLY A 447 24.81 -22.76 2.96
C GLY A 447 24.31 -21.34 3.20
N ARG A 448 25.04 -20.52 3.97
CA ARG A 448 24.51 -19.23 4.40
C ARG A 448 24.09 -18.34 3.22
N SER A 449 24.94 -18.17 2.21
CA SER A 449 24.56 -17.26 1.14
C SER A 449 23.28 -17.75 0.48
N ALA A 450 23.06 -19.07 0.49
CA ALA A 450 21.85 -19.65 -0.09
C ALA A 450 20.64 -19.35 0.78
N GLN A 451 20.80 -19.46 2.10
CA GLN A 451 19.75 -19.10 3.05
C GLN A 451 19.33 -17.64 2.87
N LEU A 452 20.30 -16.75 2.70
CA LEU A 452 19.99 -15.32 2.58
C LEU A 452 19.31 -15.00 1.26
N LEU A 453 19.54 -15.81 0.22
CA LEU A 453 18.73 -15.68 -0.98
C LEU A 453 17.30 -16.13 -0.71
N SER A 454 17.15 -17.36 -0.14
CA SER A 454 15.84 -18.00 0.07
C SER A 454 14.91 -17.17 0.94
N ARG A 455 15.46 -16.34 1.86
CA ARG A 455 14.60 -15.57 2.76
C ARG A 455 13.77 -14.47 2.05
N TYR A 456 14.06 -14.15 0.80
CA TYR A 456 13.26 -13.19 0.01
C TYR A 456 12.31 -13.92 -0.93
N ARG A 457 12.25 -15.25 -0.83
CA ARG A 457 11.37 -16.08 -1.62
C ARG A 457 11.37 -15.72 -3.11
N PRO A 458 12.52 -15.83 -3.77
CA PRO A 458 12.53 -15.73 -5.23
C PRO A 458 11.63 -16.78 -5.82
N ARG A 459 11.00 -16.45 -6.96
CA ARG A 459 10.42 -17.49 -7.79
C ARG A 459 11.50 -18.30 -8.47
N ALA A 460 12.62 -17.65 -8.79
CA ALA A 460 13.76 -18.37 -9.35
C ALA A 460 14.29 -19.43 -8.39
N ALA A 461 14.62 -20.60 -8.93
CA ALA A 461 15.31 -21.62 -8.16
C ALA A 461 16.66 -21.10 -7.69
N VAL A 462 17.01 -21.43 -6.44
CA VAL A 462 18.33 -21.12 -5.92
C VAL A 462 19.16 -22.39 -5.96
N ILE A 463 20.18 -22.37 -6.81
CA ILE A 463 21.02 -23.53 -7.12
C ILE A 463 22.32 -23.32 -6.35
N ALA A 464 22.47 -24.02 -5.22
CA ALA A 464 23.60 -23.83 -4.31
C ALA A 464 24.67 -24.88 -4.60
N VAL A 465 25.74 -24.43 -5.29
CA VAL A 465 26.94 -25.25 -5.52
C VAL A 465 27.84 -25.16 -4.29
N THR A 466 28.13 -26.31 -3.68
CA THR A 466 28.97 -26.41 -2.50
C THR A 466 29.90 -27.63 -2.59
N ARG A 467 31.03 -27.56 -1.89
CA ARG A 467 31.88 -28.73 -1.71
C ARG A 467 31.52 -29.51 -0.46
N SER A 468 30.71 -28.93 0.41
CA SER A 468 30.45 -29.52 1.71
C SER A 468 29.23 -30.42 1.62
N ALA A 469 29.43 -31.74 1.80
CA ALA A 469 28.30 -32.64 1.73
C ALA A 469 27.28 -32.33 2.82
N GLN A 470 27.76 -31.93 4.01
CA GLN A 470 26.82 -31.60 5.06
C GLN A 470 25.99 -30.36 4.72
N ALA A 471 26.61 -29.36 4.11
CA ALA A 471 25.85 -28.16 3.76
C ALA A 471 24.88 -28.45 2.62
N ALA A 472 25.23 -29.37 1.73
CA ALA A 472 24.30 -29.74 0.68
C ALA A 472 23.05 -30.39 1.27
N ARG A 473 23.22 -31.14 2.37
CA ARG A 473 22.08 -31.72 3.04
C ARG A 473 21.29 -30.67 3.80
N GLN A 474 21.99 -29.80 4.57
CA GLN A 474 21.31 -28.91 5.51
C GLN A 474 20.54 -27.80 4.81
N VAL A 475 20.96 -27.37 3.62
CA VAL A 475 20.22 -26.35 2.94
C VAL A 475 18.83 -26.82 2.52
N HIS A 476 18.52 -28.12 2.65
CA HIS A 476 17.15 -28.53 2.43
C HIS A 476 16.21 -27.97 3.49
N LEU A 477 16.75 -27.41 4.57
CA LEU A 477 15.91 -26.70 5.51
C LEU A 477 15.33 -25.41 4.91
N CYS A 478 15.77 -24.97 3.73
CA CYS A 478 15.48 -23.62 3.26
C CYS A 478 14.68 -23.71 1.97
N ARG A 479 13.47 -23.14 1.96
CA ARG A 479 12.65 -23.22 0.78
C ARG A 479 13.44 -22.79 -0.45
N GLY A 480 13.34 -23.59 -1.50
CA GLY A 480 13.77 -23.15 -2.81
C GLY A 480 15.24 -23.30 -3.08
N VAL A 481 15.97 -24.04 -2.24
CA VAL A 481 17.40 -24.19 -2.41
C VAL A 481 17.67 -25.62 -2.88
N PHE A 482 18.34 -25.74 -4.03
CA PHE A 482 18.63 -26.99 -4.70
C PHE A 482 20.13 -27.21 -4.66
N PRO A 483 20.61 -28.10 -3.80
CA PRO A 483 22.06 -28.25 -3.61
C PRO A 483 22.71 -29.11 -4.69
N LEU A 484 23.91 -28.70 -5.07
CA LEU A 484 24.73 -29.41 -6.02
C LEU A 484 26.07 -29.63 -5.34
N LEU A 485 26.43 -30.88 -5.10
CA LEU A 485 27.67 -31.20 -4.42
C LEU A 485 28.75 -31.31 -5.48
N TYR A 486 29.76 -30.46 -5.37
CA TYR A 486 30.85 -30.38 -6.33
C TYR A 486 32.00 -31.23 -5.80
N ARG A 487 32.46 -32.18 -6.60
CA ARG A 487 33.40 -33.18 -6.12
C ARG A 487 34.70 -33.13 -6.91
N GLU A 488 34.96 -32.05 -7.70
CA GLU A 488 36.16 -31.93 -8.51
C GLU A 488 37.29 -31.25 -7.72
N PRO A 489 38.53 -31.64 -7.98
CA PRO A 489 39.65 -31.11 -7.19
C PRO A 489 39.92 -29.65 -7.54
N PRO A 490 40.15 -28.80 -6.52
CA PRO A 490 40.44 -27.38 -6.77
C PRO A 490 41.29 -27.08 -8.00
N GLU A 491 40.95 -26.02 -8.74
CA GLU A 491 41.81 -25.53 -9.81
C GLU A 491 42.92 -24.65 -9.24
N ALA A 492 44.03 -24.56 -9.98
CA ALA A 492 45.17 -23.76 -9.52
C ALA A 492 44.79 -22.30 -9.43
N ILE A 493 44.33 -21.72 -10.53
CA ILE A 493 43.86 -20.34 -10.55
C ILE A 493 42.47 -20.32 -9.90
N TRP A 494 42.35 -19.64 -8.76
CA TRP A 494 41.13 -19.70 -7.99
C TRP A 494 39.93 -19.24 -8.82
N ALA A 495 40.07 -18.12 -9.53
CA ALA A 495 38.99 -17.66 -10.41
C ALA A 495 38.59 -18.71 -11.43
N ASP A 496 39.51 -19.58 -11.84
CA ASP A 496 39.13 -20.67 -12.72
C ASP A 496 38.27 -21.70 -11.99
N ASP A 497 38.53 -21.90 -10.69
CA ASP A 497 37.73 -22.83 -9.92
C ASP A 497 36.31 -22.28 -9.72
N VAL A 498 36.18 -20.96 -9.50
CA VAL A 498 34.87 -20.32 -9.39
C VAL A 498 34.05 -20.58 -10.66
N ASN A 499 34.61 -20.22 -11.82
CA ASN A 499 33.90 -20.40 -13.07
C ASN A 499 33.56 -21.87 -13.33
N ARG A 500 34.44 -22.80 -12.93
CA ARG A 500 34.12 -24.19 -13.18
C ARG A 500 32.93 -24.64 -12.33
N ARG A 501 32.85 -24.15 -11.09
CA ARG A 501 31.69 -24.46 -10.25
C ARG A 501 30.42 -23.82 -10.80
N VAL A 502 30.50 -22.58 -11.29
CA VAL A 502 29.34 -21.94 -11.91
C VAL A 502 28.89 -22.73 -13.12
N GLN A 503 29.85 -23.15 -13.95
CA GLN A 503 29.56 -23.99 -15.11
C GLN A 503 28.90 -25.29 -14.68
N PHE A 504 29.56 -26.03 -13.78
CA PHE A 504 28.92 -27.15 -13.13
C PHE A 504 27.47 -26.76 -12.79
N GLY A 505 27.29 -25.55 -12.25
CA GLY A 505 25.95 -25.12 -11.88
C GLY A 505 25.01 -25.05 -13.06
N ILE A 506 25.49 -24.46 -14.17
CA ILE A 506 24.66 -24.31 -15.35
C ILE A 506 24.32 -25.66 -15.96
N GLU A 507 25.34 -26.48 -16.25
CA GLU A 507 25.11 -27.73 -16.95
C GLU A 507 24.13 -28.61 -16.17
N SER A 508 24.35 -28.75 -14.85
CA SER A 508 23.43 -29.51 -14.02
C SER A 508 22.02 -28.95 -14.08
N GLY A 509 21.90 -27.62 -14.13
CA GLY A 509 20.59 -26.99 -14.21
C GLY A 509 19.92 -27.27 -15.54
N LYS A 510 20.70 -27.26 -16.62
CA LYS A 510 20.15 -27.61 -17.92
C LYS A 510 19.63 -29.04 -17.90
N LEU A 511 20.45 -29.97 -17.42
CA LEU A 511 20.09 -31.37 -17.50
C LEU A 511 18.99 -31.74 -16.51
N ARG A 512 18.77 -30.94 -15.45
CA ARG A 512 17.74 -31.24 -14.47
C ARG A 512 16.45 -30.45 -14.72
N GLY A 513 16.38 -29.67 -15.78
CA GLY A 513 15.16 -28.97 -16.14
C GLY A 513 15.09 -27.53 -15.69
N PHE A 514 16.02 -27.07 -14.85
CA PHE A 514 15.92 -25.70 -14.32
C PHE A 514 16.09 -24.65 -15.42
N LEU A 515 16.96 -24.94 -16.39
CA LEU A 515 17.52 -23.94 -17.28
C LEU A 515 17.40 -24.36 -18.73
N ARG A 516 17.04 -23.42 -19.57
CA ARG A 516 17.09 -23.55 -21.02
C ARG A 516 18.07 -22.51 -21.57
N VAL A 517 18.72 -22.86 -22.69
CA VAL A 517 19.39 -21.83 -23.49
C VAL A 517 18.43 -20.68 -23.66
N GLY A 518 18.97 -19.46 -23.60
CA GLY A 518 18.11 -18.29 -23.63
C GLY A 518 17.47 -17.93 -22.32
N ASP A 519 17.71 -18.70 -21.27
CA ASP A 519 17.31 -18.26 -19.95
C ASP A 519 18.31 -17.25 -19.40
N LEU A 520 17.83 -16.45 -18.46
CA LEU A 520 18.66 -15.55 -17.70
C LEU A 520 18.84 -16.11 -16.30
N VAL A 521 20.08 -16.13 -15.83
CA VAL A 521 20.36 -16.54 -14.47
C VAL A 521 21.14 -15.44 -13.79
N ILE A 522 20.97 -15.37 -12.48
CA ILE A 522 21.79 -14.59 -11.59
C ILE A 522 22.82 -15.51 -10.96
N VAL A 523 24.11 -15.14 -11.07
CA VAL A 523 25.22 -15.87 -10.46
C VAL A 523 25.71 -15.04 -9.29
N VAL A 524 25.88 -15.68 -8.13
CA VAL A 524 26.21 -14.97 -6.89
C VAL A 524 27.46 -15.63 -6.30
N THR A 525 28.54 -14.84 -6.21
CA THR A 525 29.84 -15.35 -5.84
C THR A 525 30.56 -14.35 -4.94
N GLY A 526 31.80 -14.71 -4.57
CA GLY A 526 32.60 -13.93 -3.65
C GLY A 526 33.87 -13.42 -4.32
N TRP A 527 34.51 -12.46 -3.62
CA TRP A 527 35.74 -11.82 -4.08
C TRP A 527 37.00 -12.58 -3.68
N ARG A 528 36.90 -13.52 -2.75
CA ARG A 528 38.04 -14.29 -2.29
C ARG A 528 37.55 -15.64 -1.79
N PRO A 529 38.47 -16.59 -1.60
CA PRO A 529 38.06 -17.93 -1.16
C PRO A 529 37.68 -17.94 0.31
N GLY A 530 36.84 -18.92 0.66
CA GLY A 530 36.41 -19.13 2.04
C GLY A 530 35.12 -18.40 2.37
N SER A 531 34.35 -19.01 3.28
CA SER A 531 33.04 -18.50 3.70
C SER A 531 33.12 -17.04 4.16
N GLY A 532 32.00 -16.33 4.01
CA GLY A 532 31.82 -15.00 4.56
C GLY A 532 32.03 -13.85 3.58
N TYR A 533 32.51 -14.12 2.36
CA TYR A 533 32.86 -13.07 1.42
C TYR A 533 32.01 -13.09 0.15
N THR A 534 30.76 -13.56 0.21
CA THR A 534 29.89 -13.36 -0.95
C THR A 534 29.66 -11.85 -1.10
N ASN A 535 29.78 -11.34 -2.32
CA ASN A 535 29.60 -9.91 -2.53
C ASN A 535 29.48 -9.50 -3.98
N ILE A 536 29.31 -10.46 -4.86
CA ILE A 536 29.30 -10.24 -6.30
C ILE A 536 28.05 -10.89 -6.88
N MET A 537 27.39 -10.16 -7.76
CA MET A 537 26.17 -10.54 -8.44
C MET A 537 26.38 -10.27 -9.93
N ARG A 538 26.09 -11.26 -10.76
CA ARG A 538 26.28 -11.10 -12.19
C ARG A 538 25.09 -11.66 -12.94
N VAL A 539 24.77 -11.04 -14.05
CA VAL A 539 23.62 -11.40 -14.86
C VAL A 539 24.13 -12.09 -16.10
N LEU A 540 23.58 -13.26 -16.41
CA LEU A 540 24.12 -14.17 -17.41
C LEU A 540 23.00 -14.83 -18.18
N SER A 541 23.17 -14.88 -19.50
CA SER A 541 22.31 -15.64 -20.39
C SER A 541 22.86 -17.06 -20.53
N ILE A 542 21.96 -18.03 -20.46
CA ILE A 542 22.33 -19.42 -20.73
C ILE A 542 22.47 -19.57 -22.24
N SER A 543 23.55 -20.20 -22.67
CA SER A 543 23.71 -20.54 -24.08
C SER A 543 24.21 -22.00 -24.21
N PHE B 24 -18.48 13.36 -18.83
CA PHE B 24 -18.26 13.52 -17.39
C PHE B 24 -16.82 13.15 -17.07
N PHE B 25 -16.43 11.88 -17.35
CA PHE B 25 -15.09 11.35 -16.99
C PHE B 25 -13.93 11.97 -17.83
N GLN B 26 -14.12 13.04 -18.60
CA GLN B 26 -13.04 13.82 -19.19
C GLN B 26 -13.07 15.23 -18.64
N GLN B 27 -13.38 15.32 -17.34
CA GLN B 27 -13.42 16.57 -16.60
C GLN B 27 -12.91 16.30 -15.19
N GLN B 28 -12.51 17.39 -14.54
CA GLN B 28 -11.86 17.43 -13.24
C GLN B 28 -10.90 16.29 -12.94
N GLN B 29 -10.04 15.96 -13.92
CA GLN B 29 -8.94 15.01 -13.73
C GLN B 29 -9.40 13.63 -13.23
N LEU B 30 -10.60 13.18 -13.62
CA LEU B 30 -11.10 11.91 -13.08
C LEU B 30 -10.27 10.74 -13.58
N PRO B 31 -9.83 10.74 -14.84
CA PRO B 31 -8.84 9.72 -15.27
C PRO B 31 -7.66 9.63 -14.32
N ALA B 32 -7.09 10.78 -13.95
CA ALA B 32 -5.98 10.78 -13.00
C ALA B 32 -6.45 10.40 -11.60
N ALA B 33 -7.68 10.78 -11.23
CA ALA B 33 -8.22 10.37 -9.95
C ALA B 33 -8.28 8.84 -9.83
N MET B 34 -8.62 8.15 -10.92
CA MET B 34 -8.76 6.69 -10.91
C MET B 34 -7.46 5.94 -10.86
N ALA B 35 -6.33 6.60 -11.13
CA ALA B 35 -5.04 5.92 -11.21
C ALA B 35 -4.75 5.09 -9.97
N ASP B 36 -3.93 4.06 -10.17
CA ASP B 36 -3.62 3.11 -9.13
C ASP B 36 -2.41 3.48 -8.31
N THR B 37 -1.58 4.41 -8.76
CA THR B 37 -0.43 4.86 -7.98
C THR B 37 -0.31 6.37 -8.17
N PHE B 38 0.43 7.00 -7.25
CA PHE B 38 0.67 8.43 -7.36
C PHE B 38 1.42 8.78 -8.63
N LEU B 39 2.47 8.00 -8.96
CA LEU B 39 3.20 8.21 -10.20
C LEU B 39 2.25 8.26 -11.38
N GLU B 40 1.35 7.27 -11.46
CA GLU B 40 0.45 7.15 -12.61
C GLU B 40 -0.63 8.22 -12.61
N HIS B 41 -1.09 8.65 -11.43
CA HIS B 41 -1.98 9.79 -11.34
C HIS B 41 -1.34 11.04 -11.95
N LEU B 42 -0.06 11.29 -11.61
CA LEU B 42 0.66 12.44 -12.16
C LEU B 42 0.76 12.37 -13.68
N CYS B 43 1.15 11.19 -14.20
CA CYS B 43 1.24 10.99 -15.66
C CYS B 43 -0.09 11.21 -16.38
N LEU B 44 -1.23 11.11 -15.67
CA LEU B 44 -2.54 11.28 -16.28
C LEU B 44 -3.13 12.68 -16.13
N LEU B 45 -2.40 13.63 -15.53
CA LEU B 45 -2.93 14.98 -15.42
C LEU B 45 -3.05 15.58 -16.82
N ASP B 46 -4.17 16.24 -17.06
CA ASP B 46 -4.62 16.57 -18.41
C ASP B 46 -5.06 18.03 -18.43
N ILE B 47 -4.30 18.87 -19.12
CA ILE B 47 -4.64 20.29 -19.20
C ILE B 47 -5.96 20.54 -19.93
N ASP B 48 -6.48 19.54 -20.65
CA ASP B 48 -7.78 19.64 -21.30
C ASP B 48 -8.94 19.19 -20.42
N SER B 49 -8.67 18.65 -19.23
CA SER B 49 -9.73 18.20 -18.32
C SER B 49 -10.19 19.42 -17.53
N GLU B 50 -11.35 19.92 -17.84
CA GLU B 50 -11.72 21.19 -17.20
C GLU B 50 -12.28 20.95 -15.80
N PRO B 51 -11.96 21.82 -14.84
CA PRO B 51 -12.57 21.68 -13.52
C PRO B 51 -14.05 22.01 -13.57
N VAL B 52 -14.81 21.34 -12.72
CA VAL B 52 -16.26 21.54 -12.71
C VAL B 52 -16.72 21.86 -11.29
N ALA B 53 -16.07 21.27 -10.30
CA ALA B 53 -16.42 21.55 -8.92
C ALA B 53 -16.15 23.02 -8.60
N ALA B 54 -16.99 23.57 -7.73
CA ALA B 54 -16.74 24.86 -7.13
C ALA B 54 -15.36 24.91 -6.50
N ARG B 55 -14.64 26.00 -6.73
CA ARG B 55 -13.39 26.22 -6.03
C ARG B 55 -13.60 26.10 -4.52
N SER B 56 -12.68 25.38 -3.87
CA SER B 56 -12.85 24.98 -2.48
C SER B 56 -11.83 25.56 -1.52
N THR B 57 -10.65 25.92 -1.99
CA THR B 57 -9.65 26.59 -1.14
C THR B 57 -10.05 28.05 -1.02
N SER B 58 -10.13 28.54 0.22
CA SER B 58 -10.53 29.91 0.46
C SER B 58 -9.34 30.85 0.26
N ILE B 59 -9.67 32.05 -0.22
CA ILE B 59 -8.71 33.10 -0.55
C ILE B 59 -8.82 34.19 0.50
N ILE B 60 -7.69 34.46 1.16
CA ILE B 60 -7.55 35.54 2.11
C ILE B 60 -6.91 36.73 1.39
N ALA B 61 -7.59 37.89 1.37
CA ALA B 61 -7.02 39.11 0.80
C ALA B 61 -6.73 40.10 1.91
N THR B 62 -5.52 40.61 1.93
CA THR B 62 -5.17 41.69 2.84
C THR B 62 -5.71 43.05 2.34
N ILE B 63 -6.38 43.75 3.24
CA ILE B 63 -6.95 45.05 2.94
C ILE B 63 -5.89 46.13 3.09
N GLY B 64 -5.89 47.08 2.17
CA GLY B 64 -4.94 48.18 2.14
C GLY B 64 -5.42 49.24 1.16
N PRO B 65 -4.61 50.26 0.88
CA PRO B 65 -5.06 51.35 -0.01
C PRO B 65 -5.64 50.86 -1.33
N ALA B 66 -5.11 49.77 -1.90
CA ALA B 66 -5.60 49.26 -3.16
C ALA B 66 -6.93 48.52 -3.03
N SER B 67 -7.34 48.19 -1.81
CA SER B 67 -8.50 47.33 -1.61
C SER B 67 -9.49 47.87 -0.59
N ARG B 68 -9.31 49.08 -0.12
CA ARG B 68 -10.14 49.59 0.96
C ARG B 68 -11.53 50.04 0.51
N SER B 69 -11.64 50.58 -0.69
CA SER B 69 -12.91 51.20 -1.10
C SER B 69 -14.01 50.16 -1.23
N VAL B 70 -15.24 50.54 -0.87
CA VAL B 70 -16.38 49.65 -1.03
C VAL B 70 -16.41 49.11 -2.45
N GLU B 71 -16.10 49.97 -3.41
CA GLU B 71 -16.22 49.58 -4.82
C GLU B 71 -15.15 48.55 -5.19
N ARG B 72 -13.93 48.66 -4.64
CA ARG B 72 -12.92 47.65 -4.87
C ARG B 72 -13.31 46.32 -4.20
N LEU B 73 -13.77 46.37 -2.95
CA LEU B 73 -14.18 45.19 -2.20
C LEU B 73 -15.28 44.40 -2.88
N LYS B 74 -16.22 45.07 -3.58
CA LYS B 74 -17.25 44.37 -4.33
C LYS B 74 -16.66 43.58 -5.49
N GLU B 75 -15.72 44.17 -6.24
CA GLU B 75 -15.05 43.44 -7.32
C GLU B 75 -14.30 42.23 -6.79
N MET B 76 -13.75 42.37 -5.59
CA MET B 76 -12.97 41.30 -4.99
C MET B 76 -13.84 40.17 -4.48
N ILE B 77 -14.99 40.49 -3.91
CA ILE B 77 -15.95 39.47 -3.54
C ILE B 77 -16.36 38.68 -4.79
N LYS B 78 -16.71 39.41 -5.85
CA LYS B 78 -17.08 38.73 -7.10
C LYS B 78 -15.96 37.82 -7.59
N ALA B 79 -14.72 38.26 -7.40
CA ALA B 79 -13.57 37.52 -7.90
C ALA B 79 -13.25 36.29 -7.04
N GLY B 80 -13.72 36.25 -5.79
CA GLY B 80 -13.58 35.07 -4.96
C GLY B 80 -13.03 35.26 -3.56
N MET B 81 -12.75 36.50 -3.14
CA MET B 81 -12.25 36.72 -1.78
C MET B 81 -13.24 36.17 -0.75
N ASN B 82 -12.73 35.41 0.21
CA ASN B 82 -13.56 34.80 1.25
C ASN B 82 -13.28 35.36 2.63
N ILE B 83 -12.06 35.81 2.86
CA ILE B 83 -11.61 36.29 4.17
C ILE B 83 -10.85 37.59 3.91
N ALA B 84 -11.25 38.67 4.59
CA ALA B 84 -10.54 39.95 4.52
C ALA B 84 -9.62 40.08 5.74
N ARG B 85 -8.34 40.30 5.48
CA ARG B 85 -7.32 40.38 6.52
C ARG B 85 -6.97 41.84 6.84
N LEU B 86 -7.02 42.18 8.13
CA LEU B 86 -6.63 43.51 8.61
C LEU B 86 -5.24 43.35 9.20
N ASN B 87 -4.26 44.00 8.61
CA ASN B 87 -2.89 43.92 9.08
C ASN B 87 -2.66 45.05 10.07
N PHE B 88 -2.72 44.74 11.35
CA PHE B 88 -2.56 45.75 12.38
C PHE B 88 -1.12 46.13 12.64
N SER B 89 -0.21 45.76 11.74
CA SER B 89 1.13 46.33 11.78
C SER B 89 1.11 47.78 11.34
N HIS B 90 0.07 48.21 10.63
CA HIS B 90 -0.06 49.57 10.12
C HIS B 90 -1.52 49.95 10.22
N GLY B 91 -1.76 51.26 10.36
CA GLY B 91 -3.10 51.82 10.45
C GLY B 91 -3.61 51.93 11.87
N SER B 92 -4.36 52.99 12.13
CA SER B 92 -4.95 53.20 13.44
C SER B 92 -6.26 52.44 13.55
N HIS B 93 -6.79 52.43 14.78
CA HIS B 93 -8.09 51.81 14.99
C HIS B 93 -9.13 52.39 14.07
N GLU B 94 -9.13 53.72 13.90
CA GLU B 94 -10.08 54.36 12.99
C GLU B 94 -9.93 53.80 11.59
N TYR B 95 -8.69 53.75 11.11
CA TYR B 95 -8.43 53.16 9.79
C TYR B 95 -9.00 51.73 9.69
N HIS B 96 -8.75 50.87 10.69
CA HIS B 96 -9.28 49.51 10.55
C HIS B 96 -10.77 49.47 10.74
N ALA B 97 -11.32 50.37 11.56
CA ALA B 97 -12.76 50.42 11.68
C ALA B 97 -13.40 50.72 10.35
N GLU B 98 -12.78 51.63 9.58
CA GLU B 98 -13.25 51.95 8.23
C GLU B 98 -13.14 50.73 7.31
N SER B 99 -12.03 50.00 7.38
CA SER B 99 -11.90 48.79 6.59
C SER B 99 -13.02 47.81 6.90
N ILE B 100 -13.22 47.53 8.18
CA ILE B 100 -14.30 46.63 8.60
C ILE B 100 -15.66 47.07 8.03
N ALA B 101 -16.00 48.36 8.19
CA ALA B 101 -17.33 48.81 7.75
C ALA B 101 -17.47 48.71 6.23
N ASN B 102 -16.39 49.00 5.48
CA ASN B 102 -16.42 48.88 4.02
C ASN B 102 -16.60 47.44 3.55
N VAL B 103 -15.95 46.47 4.23
CA VAL B 103 -16.20 45.06 3.93
C VAL B 103 -17.67 44.73 4.21
N ARG B 104 -18.20 45.21 5.34
CA ARG B 104 -19.58 44.85 5.67
C ARG B 104 -20.56 45.48 4.69
N GLU B 105 -20.28 46.68 4.22
CA GLU B 105 -21.17 47.26 3.23
C GLU B 105 -21.05 46.53 1.90
N ALA B 106 -19.82 46.19 1.47
CA ALA B 106 -19.65 45.43 0.23
C ALA B 106 -20.38 44.11 0.31
N VAL B 107 -20.21 43.39 1.43
CA VAL B 107 -20.86 42.09 1.60
C VAL B 107 -22.38 42.26 1.55
N GLU B 108 -22.90 43.23 2.31
CA GLU B 108 -24.35 43.45 2.38
C GLU B 108 -24.92 43.97 1.07
N SER B 109 -24.10 44.55 0.19
CA SER B 109 -24.59 44.96 -1.12
C SER B 109 -25.13 43.80 -1.96
N PHE B 110 -24.86 42.53 -1.58
CA PHE B 110 -25.20 41.37 -2.40
C PHE B 110 -26.38 40.54 -1.87
N TYR B 117 -25.03 36.42 -2.84
CA TYR B 117 -24.61 36.64 -1.46
C TYR B 117 -23.43 35.74 -1.06
N ARG B 118 -22.33 36.34 -0.62
CA ARG B 118 -21.16 35.61 -0.12
C ARG B 118 -20.84 36.15 1.27
N PRO B 119 -21.00 35.37 2.34
CA PRO B 119 -20.37 35.75 3.61
C PRO B 119 -18.84 35.85 3.44
N VAL B 120 -18.25 36.84 4.11
CA VAL B 120 -16.83 37.14 4.07
C VAL B 120 -16.39 37.28 5.52
N ALA B 121 -15.42 36.48 5.93
CA ALA B 121 -14.89 36.62 7.27
C ALA B 121 -13.90 37.78 7.36
N ILE B 122 -13.73 38.26 8.58
CA ILE B 122 -12.87 39.39 8.89
C ILE B 122 -11.86 38.88 9.89
N ALA B 123 -10.58 38.99 9.54
CA ALA B 123 -9.51 38.41 10.34
C ALA B 123 -8.55 39.53 10.73
N LEU B 124 -8.22 39.59 12.00
CA LEU B 124 -7.36 40.60 12.57
C LEU B 124 -6.00 39.96 12.76
N ASP B 125 -5.01 40.50 12.08
CA ASP B 125 -3.65 39.94 12.08
C ASP B 125 -2.83 40.90 12.95
N THR B 126 -2.42 40.41 14.11
CA THR B 126 -1.83 41.26 15.13
C THR B 126 -0.44 41.71 14.76
N LYS B 127 -0.06 42.86 15.32
CA LYS B 127 1.28 43.41 15.15
C LYS B 127 2.35 42.49 15.73
N GLY B 128 2.21 42.13 17.00
CA GLY B 128 3.12 41.24 17.66
C GLY B 128 4.45 41.85 18.04
N PRO B 129 5.31 41.05 18.67
CA PRO B 129 6.70 41.45 18.89
C PRO B 129 7.37 41.99 17.64
N GLU B 130 7.97 43.18 17.75
CA GLU B 130 8.57 43.86 16.61
C GLU B 130 9.76 44.74 17.04
N PRO B 231 8.28 38.10 24.95
CA PRO B 231 7.08 38.86 25.33
C PRO B 231 5.89 38.56 24.41
N GLY B 232 5.03 37.63 24.83
CA GLY B 232 3.95 37.15 23.99
C GLY B 232 3.18 38.25 23.29
N LEU B 233 2.49 39.05 24.10
CA LEU B 233 1.47 39.99 23.65
C LEU B 233 1.91 41.37 24.11
N SER B 234 2.09 42.29 23.17
CA SER B 234 2.37 43.66 23.55
C SER B 234 1.13 44.30 24.16
N GLU B 235 1.33 45.42 24.84
CA GLU B 235 0.20 46.24 25.26
C GLU B 235 -0.62 46.67 24.06
N GLN B 236 0.06 47.01 22.97
CA GLN B 236 -0.61 47.33 21.72
C GLN B 236 -1.48 46.18 21.25
N ASP B 237 -0.90 44.95 21.19
CA ASP B 237 -1.68 43.79 20.79
C ASP B 237 -2.95 43.67 21.63
N VAL B 238 -2.85 43.94 22.94
CA VAL B 238 -4.01 43.77 23.80
C VAL B 238 -5.09 44.77 23.42
N ARG B 239 -4.70 46.01 23.15
CA ARG B 239 -5.68 47.01 22.74
C ARG B 239 -6.28 46.64 21.39
N ASP B 240 -5.45 46.11 20.48
CA ASP B 240 -5.94 45.73 19.16
C ASP B 240 -6.94 44.60 19.26
N LEU B 241 -6.65 43.63 20.14
CA LEU B 241 -7.56 42.49 20.29
C LEU B 241 -8.88 42.94 20.91
N ARG B 242 -8.82 43.88 21.85
CA ARG B 242 -10.06 44.46 22.40
C ARG B 242 -10.87 45.15 21.30
N PHE B 243 -10.19 45.92 20.45
CA PHE B 243 -10.84 46.56 19.31
C PHE B 243 -11.54 45.52 18.44
N GLY B 244 -10.84 44.43 18.11
CA GLY B 244 -11.44 43.46 17.23
C GLY B 244 -12.63 42.77 17.86
N VAL B 245 -12.56 42.50 19.15
CA VAL B 245 -13.74 41.97 19.82
C VAL B 245 -14.89 42.97 19.75
N GLU B 246 -14.64 44.21 20.15
CA GLU B 246 -15.73 45.20 20.08
C GLU B 246 -16.28 45.35 18.66
N HIS B 247 -15.48 45.08 17.62
CA HIS B 247 -15.99 45.20 16.25
C HIS B 247 -16.45 43.88 15.64
N GLY B 248 -16.51 42.80 16.42
CA GLY B 248 -17.02 41.51 15.96
C GLY B 248 -16.15 40.81 14.92
N VAL B 249 -14.84 40.93 15.02
CA VAL B 249 -14.02 40.22 14.05
C VAL B 249 -14.16 38.70 14.29
N ASP B 250 -13.96 37.91 13.23
CA ASP B 250 -14.23 36.47 13.27
C ASP B 250 -13.02 35.63 13.63
N ILE B 251 -11.84 36.14 13.29
CA ILE B 251 -10.61 35.35 13.31
C ILE B 251 -9.50 36.27 13.76
N VAL B 252 -8.53 35.69 14.46
CA VAL B 252 -7.28 36.36 14.80
C VAL B 252 -6.11 35.55 14.28
N PHE B 253 -5.28 36.19 13.45
CA PHE B 253 -3.96 35.68 13.09
C PHE B 253 -2.97 36.22 14.11
N ALA B 254 -2.57 35.36 15.05
CA ALA B 254 -1.67 35.75 16.14
C ALA B 254 -0.23 35.63 15.71
N SER B 255 0.50 36.76 15.73
CA SER B 255 1.87 36.79 15.25
C SER B 255 2.83 36.17 16.26
N PHE B 256 3.96 35.69 15.73
CA PHE B 256 5.09 35.12 16.48
C PHE B 256 4.66 34.17 17.60
N VAL B 257 3.86 33.17 17.25
CA VAL B 257 3.49 32.19 18.26
C VAL B 257 4.62 31.19 18.43
N ARG B 258 5.12 31.07 19.66
CA ARG B 258 6.26 30.21 19.96
C ARG B 258 5.93 29.04 20.85
N LYS B 259 4.77 29.04 21.51
CA LYS B 259 4.47 28.05 22.54
C LYS B 259 3.01 28.22 22.91
N ALA B 260 2.49 27.21 23.61
CA ALA B 260 1.07 27.15 23.87
C ALA B 260 0.62 28.32 24.72
N SER B 261 1.51 28.85 25.57
CA SER B 261 1.15 29.95 26.46
C SER B 261 0.93 31.24 25.67
N ASP B 262 1.65 31.41 24.55
CA ASP B 262 1.37 32.53 23.65
C ASP B 262 -0.07 32.48 23.18
N VAL B 263 -0.58 31.30 22.81
CA VAL B 263 -1.99 31.20 22.42
C VAL B 263 -2.91 31.50 23.60
N ALA B 264 -2.59 30.98 24.78
CA ALA B 264 -3.49 31.19 25.91
C ALA B 264 -3.61 32.68 26.20
N ALA B 265 -2.47 33.36 26.22
CA ALA B 265 -2.46 34.81 26.34
C ALA B 265 -3.46 35.46 25.39
N VAL B 266 -3.33 35.19 24.09
CA VAL B 266 -4.28 35.72 23.12
C VAL B 266 -5.71 35.45 23.57
N ARG B 267 -5.96 34.22 24.00
CA ARG B 267 -7.31 33.82 24.36
C ARG B 267 -7.83 34.66 25.52
N ALA B 268 -6.97 34.90 26.52
CA ALA B 268 -7.38 35.70 27.65
C ALA B 268 -7.63 37.14 27.24
N ALA B 269 -6.74 37.68 26.40
CA ALA B 269 -6.92 39.04 25.88
C ALA B 269 -8.25 39.19 25.16
N LEU B 270 -8.69 38.15 24.44
CA LEU B 270 -10.00 38.21 23.79
C LEU B 270 -11.12 38.17 24.81
N GLY B 271 -10.87 37.57 25.97
CA GLY B 271 -11.79 37.64 27.07
C GLY B 271 -13.12 37.02 26.79
N PRO B 272 -14.08 37.26 27.69
CA PRO B 272 -15.32 36.47 27.66
C PRO B 272 -16.16 36.70 26.42
N GLU B 273 -16.29 37.95 25.99
CA GLU B 273 -17.12 38.24 24.83
C GLU B 273 -16.48 37.75 23.54
N GLY B 274 -15.18 37.43 23.56
CA GLY B 274 -14.49 36.91 22.39
C GLY B 274 -14.20 35.42 22.40
N HIS B 275 -15.07 34.63 23.07
CA HIS B 275 -14.89 33.19 23.15
C HIS B 275 -15.05 32.51 21.79
N GLY B 276 -15.91 33.04 20.93
CA GLY B 276 -16.21 32.41 19.66
C GLY B 276 -15.27 32.78 18.54
N ILE B 277 -14.23 33.51 18.82
CA ILE B 277 -13.30 33.96 17.78
C ILE B 277 -12.23 32.89 17.57
N LYS B 278 -12.05 32.48 16.31
CA LYS B 278 -11.02 31.49 15.98
C LYS B 278 -9.62 32.11 16.08
N ILE B 279 -8.73 31.40 16.75
CA ILE B 279 -7.34 31.80 16.86
C ILE B 279 -6.52 30.95 15.89
N ILE B 280 -5.87 31.63 14.95
CA ILE B 280 -4.99 31.00 13.98
C ILE B 280 -3.58 31.44 14.34
N SER B 281 -2.74 30.51 14.80
CA SER B 281 -1.41 30.88 15.28
C SER B 281 -0.46 30.95 14.09
N LYS B 282 0.29 32.02 14.04
CA LYS B 282 1.26 32.22 12.96
C LYS B 282 2.59 31.65 13.41
N ILE B 283 3.11 30.68 12.66
CA ILE B 283 4.41 30.09 12.94
C ILE B 283 5.43 30.81 12.08
N GLU B 284 6.35 31.53 12.69
CA GLU B 284 7.21 32.45 11.98
C GLU B 284 8.68 32.31 12.36
N ASN B 285 9.02 31.33 13.19
CA ASN B 285 10.40 31.22 13.60
C ASN B 285 10.69 29.77 13.99
N HIS B 286 11.91 29.57 14.43
CA HIS B 286 12.40 28.22 14.66
C HIS B 286 11.73 27.58 15.86
N GLU B 287 11.64 28.32 16.98
CA GLU B 287 10.97 27.78 18.15
C GLU B 287 9.55 27.36 17.81
N GLY B 288 8.82 28.21 17.08
CA GLY B 288 7.46 27.86 16.75
C GLY B 288 7.37 26.58 15.95
N VAL B 289 8.30 26.40 15.00
CA VAL B 289 8.27 25.18 14.20
C VAL B 289 8.52 23.96 15.10
N LYS B 290 9.54 24.05 15.96
CA LYS B 290 9.95 22.94 16.81
C LYS B 290 8.86 22.59 17.82
N ARG B 291 8.23 23.60 18.40
CA ARG B 291 7.14 23.42 19.34
C ARG B 291 5.79 23.42 18.66
N PHE B 292 5.74 23.03 17.38
CA PHE B 292 4.50 23.12 16.61
C PHE B 292 3.38 22.30 17.24
N ASP B 293 3.69 21.10 17.74
CA ASP B 293 2.62 20.23 18.21
C ASP B 293 1.88 20.84 19.41
N GLU B 294 2.61 21.43 20.36
CA GLU B 294 1.91 22.04 21.49
C GLU B 294 1.18 23.33 21.07
N ILE B 295 1.66 24.05 20.04
CA ILE B 295 0.89 25.18 19.52
C ILE B 295 -0.38 24.68 18.84
N LEU B 296 -0.24 23.68 17.96
CA LEU B 296 -1.40 23.18 17.23
C LEU B 296 -2.49 22.65 18.14
N GLU B 297 -2.12 22.07 19.29
CA GLU B 297 -3.10 21.44 20.16
C GLU B 297 -4.09 22.46 20.70
N VAL B 298 -3.60 23.62 21.12
CA VAL B 298 -4.42 24.66 21.73
C VAL B 298 -4.89 25.74 20.74
N SER B 299 -4.51 25.65 19.46
CA SER B 299 -4.90 26.65 18.47
C SER B 299 -6.07 26.14 17.67
N ASP B 300 -6.92 27.07 17.20
CA ASP B 300 -7.93 26.60 16.24
C ASP B 300 -7.29 26.26 14.87
N GLY B 301 -6.07 26.70 14.62
CA GLY B 301 -5.54 26.62 13.27
C GLY B 301 -4.17 27.26 13.23
N ILE B 302 -3.61 27.30 12.03
CA ILE B 302 -2.21 27.66 11.84
C ILE B 302 -2.03 28.50 10.57
N MET B 303 -1.10 29.42 10.62
CA MET B 303 -0.62 30.06 9.42
C MET B 303 0.86 29.76 9.30
N VAL B 304 1.24 29.22 8.15
CA VAL B 304 2.65 29.16 7.75
C VAL B 304 3.04 30.57 7.30
N ALA B 305 3.64 31.35 8.19
CA ALA B 305 3.95 32.76 7.90
C ALA B 305 5.32 32.80 7.23
N ARG B 306 5.33 32.42 5.95
CA ARG B 306 6.57 32.23 5.22
C ARG B 306 7.45 33.48 5.16
N GLY B 307 6.85 34.67 5.31
CA GLY B 307 7.61 35.89 5.27
C GLY B 307 8.69 35.94 6.34
N ASP B 308 8.29 35.96 7.60
CA ASP B 308 9.27 35.99 8.68
C ASP B 308 10.00 34.66 8.82
N LEU B 309 9.33 33.54 8.55
CA LEU B 309 9.97 32.23 8.66
C LEU B 309 11.22 32.16 7.79
N GLY B 310 11.11 32.57 6.52
CA GLY B 310 12.25 32.58 5.63
C GLY B 310 13.35 33.55 5.99
N ILE B 311 13.16 34.33 7.06
CA ILE B 311 14.23 35.13 7.62
C ILE B 311 14.78 34.50 8.89
N GLU B 312 13.90 33.90 9.69
CA GLU B 312 14.30 33.28 10.95
C GLU B 312 15.03 31.95 10.72
N ILE B 313 14.70 31.24 9.67
CA ILE B 313 15.40 30.02 9.29
C ILE B 313 15.91 30.21 7.86
N PRO B 314 16.81 29.35 7.36
CA PRO B 314 17.32 29.55 6.00
C PRO B 314 16.20 29.38 4.98
N ALA B 315 16.22 30.26 3.97
CA ALA B 315 15.11 30.36 3.01
C ALA B 315 14.85 29.02 2.32
N GLU B 316 15.92 28.26 2.07
CA GLU B 316 15.85 26.98 1.37
C GLU B 316 15.22 25.87 2.21
N LYS B 317 14.90 26.14 3.48
CA LYS B 317 14.21 25.19 4.34
C LYS B 317 12.72 25.45 4.49
N VAL B 318 12.24 26.64 4.11
CA VAL B 318 10.86 26.98 4.44
C VAL B 318 9.89 25.96 3.83
N PHE B 319 10.22 25.42 2.65
CA PHE B 319 9.31 24.46 2.05
C PHE B 319 9.12 23.25 2.94
N LEU B 320 10.14 22.89 3.73
CA LEU B 320 10.03 21.74 4.60
C LEU B 320 9.07 22.02 5.75
N ALA B 321 9.23 23.19 6.37
CA ALA B 321 8.34 23.58 7.45
C ALA B 321 6.92 23.79 6.95
N GLN B 322 6.76 24.28 5.72
CA GLN B 322 5.43 24.37 5.12
C GLN B 322 4.78 22.99 5.00
N LYS B 323 5.47 22.07 4.33
CA LYS B 323 4.89 20.77 4.07
C LYS B 323 4.59 20.03 5.37
N MET B 324 5.52 20.06 6.33
CA MET B 324 5.32 19.40 7.62
C MET B 324 4.10 19.95 8.31
N MET B 325 3.99 21.29 8.41
CA MET B 325 2.92 21.90 9.19
C MET B 325 1.57 21.68 8.52
N ILE B 326 1.49 21.80 7.19
CA ILE B 326 0.22 21.55 6.53
C ILE B 326 -0.17 20.08 6.72
N GLY B 327 0.78 19.18 6.50
CA GLY B 327 0.50 17.76 6.73
C GLY B 327 -0.04 17.50 8.12
N ARG B 328 0.58 18.08 9.14
CA ARG B 328 0.14 17.85 10.49
C ARG B 328 -1.21 18.47 10.76
N CYS B 329 -1.47 19.66 10.18
CA CYS B 329 -2.80 20.27 10.34
C CYS B 329 -3.89 19.42 9.68
N ASN B 330 -3.57 18.82 8.52
CA ASN B 330 -4.55 17.97 7.84
C ASN B 330 -4.87 16.76 8.70
N LEU B 331 -3.83 16.14 9.27
CA LEU B 331 -4.03 14.98 10.12
C LEU B 331 -4.91 15.33 11.32
N ALA B 332 -4.67 16.49 11.92
CA ALA B 332 -5.47 16.96 13.03
C ALA B 332 -6.81 17.54 12.62
N GLY B 333 -7.09 17.67 11.33
CA GLY B 333 -8.36 18.25 10.96
C GLY B 333 -8.52 19.72 11.33
N LYS B 334 -7.41 20.48 11.36
CA LYS B 334 -7.44 21.88 11.74
C LYS B 334 -6.95 22.77 10.61
N PRO B 335 -7.60 23.93 10.39
CA PRO B 335 -7.35 24.67 9.15
C PRO B 335 -5.90 25.14 9.10
N VAL B 336 -5.34 25.14 7.91
CA VAL B 336 -3.99 25.66 7.73
C VAL B 336 -4.00 26.65 6.57
N VAL B 337 -3.26 27.76 6.76
CA VAL B 337 -3.17 28.86 5.79
C VAL B 337 -1.75 28.93 5.26
N CYS B 338 -1.61 29.04 3.95
CA CYS B 338 -0.31 29.30 3.35
C CYS B 338 -0.22 30.80 3.04
N ALA B 339 0.82 31.46 3.50
CA ALA B 339 0.88 32.91 3.32
C ALA B 339 2.20 33.41 2.76
N THR B 340 2.09 34.48 1.98
CA THR B 340 3.16 35.47 1.76
C THR B 340 3.95 35.18 0.50
N GLN B 341 3.88 36.16 -0.41
CA GLN B 341 4.60 36.26 -1.69
C GLN B 341 4.14 35.24 -2.72
N MET B 342 2.94 34.68 -2.54
CA MET B 342 2.44 33.64 -3.44
C MET B 342 2.34 34.13 -4.89
N LEU B 343 1.92 35.37 -5.08
CA LEU B 343 1.80 36.00 -6.38
C LEU B 343 2.51 37.36 -6.40
N GLU B 344 3.69 37.43 -5.79
CA GLU B 344 4.31 38.71 -5.43
C GLU B 344 4.44 39.68 -6.61
N SER B 345 4.86 39.21 -7.78
CA SER B 345 5.12 40.12 -8.87
C SER B 345 3.85 40.79 -9.39
N MET B 346 2.67 40.29 -9.03
CA MET B 346 1.48 40.98 -9.46
C MET B 346 1.22 42.28 -8.71
N ILE B 347 2.04 42.63 -7.72
CA ILE B 347 1.96 43.94 -7.12
C ILE B 347 2.13 45.00 -8.19
N THR B 348 3.01 44.75 -9.18
CA THR B 348 3.26 45.65 -10.29
C THR B 348 2.89 45.08 -11.65
N LYS B 349 2.74 43.75 -11.78
CA LYS B 349 2.50 43.21 -13.10
C LYS B 349 1.11 42.60 -13.17
N PRO B 350 0.50 42.63 -14.35
CA PRO B 350 -0.86 42.07 -14.50
C PRO B 350 -0.90 40.56 -14.56
N ARG B 351 0.23 39.90 -14.74
CA ARG B 351 0.32 38.44 -14.84
C ARG B 351 1.43 37.95 -13.92
N PRO B 352 1.24 36.82 -13.25
CA PRO B 352 2.25 36.32 -12.32
C PRO B 352 3.34 35.54 -13.04
N THR B 353 4.41 35.26 -12.31
CA THR B 353 5.48 34.42 -12.86
C THR B 353 5.11 32.95 -12.81
N ARG B 354 5.96 32.13 -13.44
CA ARG B 354 5.74 30.68 -13.47
C ARG B 354 5.96 30.05 -12.11
N ALA B 355 6.91 30.57 -11.31
CA ALA B 355 7.10 30.07 -9.97
C ALA B 355 5.93 30.43 -9.07
N GLU B 356 5.27 31.56 -9.33
CA GLU B 356 4.16 32.02 -8.48
C GLU B 356 2.92 31.15 -8.68
N THR B 357 2.56 30.83 -9.94
CA THR B 357 1.46 29.91 -10.15
C THR B 357 1.77 28.54 -9.57
N SER B 358 3.01 28.07 -9.77
CA SER B 358 3.46 26.82 -9.17
C SER B 358 3.21 26.82 -7.67
N ASP B 359 3.57 27.93 -7.01
CA ASP B 359 3.53 27.99 -5.57
C ASP B 359 2.11 27.90 -5.05
N VAL B 360 1.18 28.61 -5.71
CA VAL B 360 -0.23 28.50 -5.37
C VAL B 360 -0.73 27.05 -5.58
N ALA B 361 -0.52 26.50 -6.78
CA ALA B 361 -1.01 25.14 -7.07
C ALA B 361 -0.48 24.13 -6.07
N ASN B 362 0.80 24.24 -5.75
CA ASN B 362 1.41 23.29 -4.82
C ASN B 362 0.98 23.52 -3.39
N ALA B 363 0.64 24.77 -3.02
CA ALA B 363 0.09 24.96 -1.66
C ALA B 363 -1.21 24.20 -1.53
N VAL B 364 -2.01 24.18 -2.59
CA VAL B 364 -3.27 23.46 -2.58
C VAL B 364 -3.00 21.97 -2.54
N LEU B 365 -2.02 21.50 -3.34
CA LEU B 365 -1.71 20.07 -3.38
C LEU B 365 -1.05 19.60 -2.08
N ASP B 366 -0.31 20.48 -1.38
CA ASP B 366 0.22 20.16 -0.05
C ASP B 366 -0.90 19.92 0.96
N GLY B 367 -2.02 20.63 0.81
CA GLY B 367 -3.13 20.45 1.73
C GLY B 367 -3.66 21.72 2.39
N ALA B 368 -3.27 22.90 1.91
CA ALA B 368 -3.68 24.14 2.59
C ALA B 368 -5.19 24.33 2.48
N ASP B 369 -5.82 24.70 3.61
CA ASP B 369 -7.23 25.12 3.57
C ASP B 369 -7.41 26.51 2.96
N CYS B 370 -6.45 27.41 3.18
CA CYS B 370 -6.51 28.79 2.73
C CYS B 370 -5.18 29.23 2.14
N ILE B 371 -5.28 30.06 1.12
CA ILE B 371 -4.14 30.75 0.53
C ILE B 371 -4.41 32.24 0.58
N MET B 372 -3.34 33.00 0.71
CA MET B 372 -3.40 34.35 1.19
C MET B 372 -2.71 35.27 0.20
N LEU B 373 -3.22 36.50 0.12
CA LEU B 373 -2.57 37.59 -0.60
C LEU B 373 -2.28 38.74 0.37
N SER B 374 -1.08 39.31 0.26
CA SER B 374 -0.70 40.44 1.12
C SER B 374 -0.57 41.69 0.27
N GLY B 375 0.64 42.12 -0.10
CA GLY B 375 0.78 43.33 -0.91
C GLY B 375 0.03 43.28 -2.22
N GLU B 376 -0.17 42.08 -2.76
CA GLU B 376 -0.87 41.93 -4.03
C GLU B 376 -2.26 42.55 -4.00
N THR B 377 -2.93 42.54 -2.84
CA THR B 377 -4.25 43.12 -2.68
C THR B 377 -4.24 44.37 -1.80
N ALA B 378 -3.24 44.52 -0.93
CA ALA B 378 -3.21 45.66 -0.02
C ALA B 378 -2.71 46.92 -0.71
N LYS B 379 -1.76 46.79 -1.61
CA LYS B 379 -1.16 47.99 -2.18
C LYS B 379 -0.83 47.89 -3.66
N GLY B 380 -0.89 46.72 -4.27
CA GLY B 380 -0.47 46.59 -5.65
C GLY B 380 -1.47 47.19 -6.62
N ASN B 381 -1.09 47.15 -7.89
CA ASN B 381 -1.92 47.69 -8.95
C ASN B 381 -2.94 46.72 -9.50
N PHE B 382 -2.97 45.50 -9.01
CA PHE B 382 -3.90 44.54 -9.59
C PHE B 382 -4.57 43.67 -8.54
N PRO B 383 -5.18 44.26 -7.49
CA PRO B 383 -5.79 43.43 -6.43
C PRO B 383 -6.80 42.42 -6.95
N VAL B 384 -7.66 42.85 -7.86
CA VAL B 384 -8.77 41.99 -8.27
C VAL B 384 -8.24 40.86 -9.13
N GLU B 385 -7.31 41.15 -10.01
CA GLU B 385 -6.75 40.13 -10.85
C GLU B 385 -5.96 39.12 -10.01
N ALA B 386 -5.35 39.56 -8.91
CA ALA B 386 -4.62 38.65 -8.06
C ALA B 386 -5.57 37.62 -7.43
N VAL B 387 -6.68 38.10 -6.88
CA VAL B 387 -7.72 37.21 -6.36
C VAL B 387 -8.20 36.27 -7.47
N LYS B 388 -8.49 36.82 -8.65
CA LYS B 388 -8.91 36.00 -9.77
C LYS B 388 -7.86 34.95 -10.13
N MET B 389 -6.59 35.29 -10.01
CA MET B 389 -5.57 34.32 -10.38
C MET B 389 -5.51 33.21 -9.34
N GLN B 390 -5.59 33.57 -8.04
CA GLN B 390 -5.60 32.54 -7.01
C GLN B 390 -6.83 31.63 -7.18
N HIS B 391 -7.97 32.22 -7.56
CA HIS B 391 -9.19 31.42 -7.73
C HIS B 391 -8.98 30.40 -8.85
N ALA B 392 -8.44 30.87 -9.98
CA ALA B 392 -8.28 30.02 -11.15
C ALA B 392 -7.29 28.87 -10.90
N ILE B 393 -6.16 29.17 -10.25
CA ILE B 393 -5.18 28.12 -9.95
C ILE B 393 -5.77 27.10 -8.97
N ALA B 394 -6.34 27.58 -7.86
CA ALA B 394 -6.88 26.71 -6.82
C ALA B 394 -7.84 25.68 -7.41
N ARG B 395 -8.73 26.15 -8.28
CA ARG B 395 -9.70 25.26 -8.89
C ARG B 395 -9.04 24.15 -9.67
N GLU B 396 -8.04 24.49 -10.50
CA GLU B 396 -7.28 23.47 -11.24
C GLU B 396 -6.56 22.53 -10.29
N ALA B 397 -5.92 23.10 -9.26
CA ALA B 397 -5.15 22.27 -8.34
C ALA B 397 -6.08 21.33 -7.57
N GLU B 398 -7.23 21.84 -7.14
CA GLU B 398 -8.12 20.98 -6.39
C GLU B 398 -8.54 19.76 -7.18
N ALA B 399 -8.75 19.91 -8.49
CA ALA B 399 -9.13 18.77 -9.31
C ALA B 399 -7.98 17.76 -9.45
N ALA B 400 -6.73 18.22 -9.31
CA ALA B 400 -5.56 17.39 -9.40
C ALA B 400 -5.24 16.66 -8.11
N VAL B 401 -6.02 16.92 -7.04
CA VAL B 401 -5.81 16.22 -5.77
C VAL B 401 -6.08 14.74 -5.99
N TYR B 402 -5.19 13.89 -5.45
CA TYR B 402 -5.28 12.44 -5.63
C TYR B 402 -6.00 11.87 -4.40
N HIS B 403 -7.33 11.95 -4.44
CA HIS B 403 -8.13 11.62 -3.26
C HIS B 403 -7.95 10.18 -2.84
N ARG B 404 -7.89 9.27 -3.80
CA ARG B 404 -7.69 7.86 -3.50
C ARG B 404 -6.63 7.66 -2.43
N GLN B 405 -5.41 8.12 -2.68
CA GLN B 405 -4.35 8.06 -1.68
C GLN B 405 -4.68 8.92 -0.46
N LEU B 406 -5.15 10.17 -0.68
CA LEU B 406 -5.27 11.09 0.44
C LEU B 406 -6.35 10.63 1.44
N PHE B 407 -7.50 10.16 0.94
CA PHE B 407 -8.54 9.70 1.86
C PHE B 407 -8.09 8.48 2.63
N GLU B 408 -7.59 7.47 1.93
CA GLU B 408 -7.08 6.29 2.62
C GLU B 408 -6.05 6.67 3.69
N GLU B 409 -5.10 7.58 3.37
CA GLU B 409 -4.08 7.87 4.38
C GLU B 409 -4.67 8.63 5.57
N LEU B 410 -5.65 9.52 5.32
CA LEU B 410 -6.27 10.25 6.42
C LEU B 410 -7.17 9.35 7.25
N ARG B 411 -7.78 8.36 6.60
CA ARG B 411 -8.56 7.34 7.33
C ARG B 411 -7.66 6.53 8.24
N ARG B 412 -6.59 5.99 7.68
CA ARG B 412 -5.65 5.16 8.42
C ARG B 412 -5.04 5.90 9.61
N ALA B 413 -4.46 7.09 9.35
CA ALA B 413 -3.72 7.81 10.39
C ALA B 413 -4.65 8.39 11.42
N ALA B 414 -5.91 8.61 11.07
CA ALA B 414 -6.85 9.19 12.00
C ALA B 414 -7.17 8.18 13.11
N PRO B 415 -7.57 8.67 14.27
CA PRO B 415 -7.72 7.78 15.44
C PRO B 415 -9.16 7.33 15.63
N LEU B 416 -9.34 6.12 16.14
CA LEU B 416 -10.66 5.69 16.56
C LEU B 416 -11.32 6.81 17.33
N SER B 417 -12.62 6.95 17.16
CA SER B 417 -13.37 7.99 17.84
C SER B 417 -14.73 7.43 18.22
N ARG B 418 -15.17 7.76 19.41
CA ARG B 418 -16.53 7.47 19.84
C ARG B 418 -17.42 8.71 19.82
N ASP B 419 -16.97 9.79 19.19
CA ASP B 419 -17.80 10.99 19.07
C ASP B 419 -18.74 10.82 17.88
N PRO B 420 -20.07 10.86 18.07
CA PRO B 420 -20.97 10.56 16.94
C PRO B 420 -20.77 11.48 15.75
N THR B 421 -20.34 12.72 15.97
CA THR B 421 -20.20 13.66 14.85
C THR B 421 -19.05 13.23 13.95
N GLU B 422 -17.94 12.84 14.58
CA GLU B 422 -16.79 12.36 13.82
C GLU B 422 -17.11 11.04 13.13
N VAL B 423 -17.84 10.15 13.83
CA VAL B 423 -18.20 8.86 13.22
C VAL B 423 -19.09 9.08 12.01
N THR B 424 -20.06 10.00 12.13
CA THR B 424 -21.00 10.23 11.04
C THR B 424 -20.30 10.87 9.86
N ALA B 425 -19.37 11.79 10.16
CA ALA B 425 -18.63 12.50 9.12
C ALA B 425 -17.85 11.54 8.23
N ILE B 426 -17.05 10.66 8.81
CA ILE B 426 -16.28 9.76 7.95
C ILE B 426 -17.20 8.83 7.19
N GLY B 427 -18.23 8.27 7.86
CA GLY B 427 -19.24 7.50 7.17
C GLY B 427 -19.84 8.27 6.01
N ALA B 428 -20.12 9.55 6.25
CA ALA B 428 -20.67 10.39 5.19
C ALA B 428 -19.66 10.66 4.06
N VAL B 429 -18.39 10.89 4.38
CA VAL B 429 -17.43 11.11 3.28
C VAL B 429 -17.22 9.83 2.48
N GLU B 430 -17.12 8.67 3.17
CA GLU B 430 -17.04 7.40 2.45
C GLU B 430 -18.22 7.22 1.52
N ALA B 431 -19.43 7.46 2.04
CA ALA B 431 -20.62 7.32 1.22
C ALA B 431 -20.57 8.26 0.03
N ALA B 432 -20.08 9.49 0.23
CA ALA B 432 -20.06 10.43 -0.88
C ALA B 432 -19.14 9.95 -2.00
N PHE B 433 -17.95 9.41 -1.65
CA PHE B 433 -17.06 8.90 -2.69
C PHE B 433 -17.70 7.73 -3.44
N LYS B 434 -18.52 6.91 -2.77
CA LYS B 434 -19.07 5.72 -3.42
C LYS B 434 -20.05 6.07 -4.54
N CYS B 435 -20.81 7.17 -4.43
CA CYS B 435 -21.81 7.49 -5.43
C CYS B 435 -21.52 8.77 -6.22
N CYS B 436 -20.26 9.19 -6.28
CA CYS B 436 -19.87 10.46 -6.90
C CYS B 436 -20.87 11.56 -6.54
N ALA B 437 -21.07 11.74 -5.24
CA ALA B 437 -22.08 12.68 -4.75
C ALA B 437 -21.69 14.10 -5.09
N ALA B 438 -22.69 14.90 -5.48
CA ALA B 438 -22.43 16.30 -5.82
C ALA B 438 -22.08 17.12 -4.57
N ALA B 439 -22.71 16.82 -3.44
CA ALA B 439 -22.49 17.63 -2.26
C ALA B 439 -22.87 16.83 -1.03
N ILE B 440 -22.38 17.26 0.12
CA ILE B 440 -22.80 16.79 1.43
C ILE B 440 -23.46 17.99 2.11
N ILE B 441 -24.77 17.97 2.28
CA ILE B 441 -25.46 19.07 2.95
C ILE B 441 -25.44 18.78 4.44
N VAL B 442 -24.83 19.66 5.23
CA VAL B 442 -24.76 19.48 6.67
C VAL B 442 -25.40 20.67 7.36
N LEU B 443 -26.13 20.39 8.43
CA LEU B 443 -26.75 21.40 9.28
C LEU B 443 -25.81 21.64 10.45
N THR B 444 -25.41 22.89 10.65
CA THR B 444 -24.42 23.13 11.67
C THR B 444 -24.71 24.46 12.32
N THR B 445 -24.43 24.50 13.61
CA THR B 445 -24.67 25.68 14.40
C THR B 445 -23.37 26.45 14.60
N THR B 446 -22.31 25.73 14.98
CA THR B 446 -20.99 26.30 15.21
C THR B 446 -20.05 26.12 14.04
N GLY B 447 -20.44 25.32 13.03
CA GLY B 447 -19.56 24.94 11.96
C GLY B 447 -18.81 23.64 12.16
N ARG B 448 -18.76 23.12 13.39
CA ARG B 448 -17.93 21.95 13.70
C ARG B 448 -18.24 20.75 12.81
N SER B 449 -19.52 20.40 12.66
CA SER B 449 -19.84 19.21 11.87
C SER B 449 -19.33 19.39 10.46
N ALA B 450 -19.20 20.63 10.04
CA ALA B 450 -18.74 20.91 8.69
C ALA B 450 -17.23 20.77 8.61
N GLN B 451 -16.53 21.24 9.65
CA GLN B 451 -15.08 21.03 9.73
C GLN B 451 -14.75 19.55 9.72
N LEU B 452 -15.53 18.74 10.43
CA LEU B 452 -15.23 17.31 10.51
C LEU B 452 -15.49 16.59 9.21
N LEU B 453 -16.40 17.10 8.37
CA LEU B 453 -16.47 16.61 6.99
C LEU B 453 -15.23 17.02 6.21
N SER B 454 -14.89 18.33 6.25
CA SER B 454 -13.81 18.89 5.42
C SER B 454 -12.48 18.20 5.66
N ARG B 455 -12.23 17.71 6.90
CA ARG B 455 -10.95 17.10 7.23
C ARG B 455 -10.68 15.79 6.48
N TYR B 456 -11.67 15.20 5.82
CA TYR B 456 -11.45 14.01 4.98
C TYR B 456 -11.36 14.38 3.51
N ARG B 457 -11.33 15.67 3.19
CA ARG B 457 -11.22 16.16 1.82
C ARG B 457 -12.16 15.45 0.84
N PRO B 458 -13.47 15.50 1.05
CA PRO B 458 -14.38 14.98 0.02
C PRO B 458 -14.21 15.75 -1.27
N ARG B 459 -14.40 15.06 -2.38
CA ARG B 459 -14.59 15.78 -3.64
C ARG B 459 -15.91 16.51 -3.64
N ALA B 460 -16.93 15.94 -2.98
CA ALA B 460 -18.20 16.62 -2.88
C ALA B 460 -18.07 17.94 -2.12
N ALA B 461 -18.78 18.95 -2.58
CA ALA B 461 -18.86 20.21 -1.84
C ALA B 461 -19.63 20.00 -0.55
N VAL B 462 -19.12 20.61 0.51
CA VAL B 462 -19.78 20.58 1.81
C VAL B 462 -20.59 21.88 1.93
N ILE B 463 -21.91 21.72 1.93
CA ILE B 463 -22.86 22.83 2.01
C ILE B 463 -23.32 22.91 3.46
N ALA B 464 -22.86 23.94 4.18
CA ALA B 464 -23.10 24.07 5.61
C ALA B 464 -24.24 25.08 5.82
N VAL B 465 -25.43 24.56 6.15
CA VAL B 465 -26.61 25.37 6.48
C VAL B 465 -26.56 25.69 7.96
N THR B 466 -26.52 27.00 8.28
CA THR B 466 -26.40 27.50 9.64
C THR B 466 -27.27 28.74 9.84
N ARG B 467 -27.75 28.91 11.05
CA ARG B 467 -28.41 30.16 11.43
C ARG B 467 -27.39 31.19 11.90
N SER B 468 -26.16 30.77 12.15
CA SER B 468 -25.19 31.64 12.81
C SER B 468 -24.36 32.38 11.77
N ALA B 469 -24.53 33.72 11.69
CA ALA B 469 -23.80 34.48 10.68
C ALA B 469 -22.31 34.37 10.93
N GLN B 470 -21.90 34.33 12.20
CA GLN B 470 -20.49 34.19 12.51
C GLN B 470 -19.95 32.83 12.05
N ALA B 471 -20.73 31.76 12.21
CA ALA B 471 -20.24 30.43 11.78
C ALA B 471 -20.17 30.36 10.27
N ALA B 472 -21.12 30.98 9.57
CA ALA B 472 -21.07 30.99 8.11
C ALA B 472 -19.83 31.71 7.61
N ARG B 473 -19.37 32.74 8.35
CA ARG B 473 -18.12 33.40 7.98
C ARG B 473 -16.91 32.55 8.34
N GLN B 474 -16.90 31.96 9.54
CA GLN B 474 -15.72 31.24 10.01
C GLN B 474 -15.48 29.94 9.26
N VAL B 475 -16.54 29.29 8.76
CA VAL B 475 -16.28 28.04 8.07
C VAL B 475 -15.46 28.23 6.79
N HIS B 476 -15.21 29.50 6.36
CA HIS B 476 -14.37 29.73 5.20
C HIS B 476 -12.93 29.37 5.50
N LEU B 477 -12.59 29.16 6.77
CA LEU B 477 -11.30 28.64 7.14
C LEU B 477 -11.09 27.19 6.69
N CYS B 478 -12.15 26.46 6.32
CA CYS B 478 -12.11 25.01 6.06
C CYS B 478 -12.27 24.74 4.58
N ARG B 479 -11.29 24.04 3.99
CA ARG B 479 -11.37 23.79 2.56
C ARG B 479 -12.70 23.14 2.25
N GLY B 480 -13.32 23.62 1.18
CA GLY B 480 -14.47 22.95 0.58
C GLY B 480 -15.78 23.10 1.31
N VAL B 481 -15.92 24.10 2.19
CA VAL B 481 -17.17 24.36 2.89
C VAL B 481 -17.81 25.64 2.35
N PHE B 482 -19.06 25.54 1.96
CA PHE B 482 -19.82 26.59 1.29
C PHE B 482 -20.98 26.94 2.21
N PRO B 483 -20.89 28.05 2.93
CA PRO B 483 -21.91 28.37 3.93
C PRO B 483 -23.19 28.95 3.33
N LEU B 484 -24.29 28.64 3.99
CA LEU B 484 -25.61 29.16 3.65
C LEU B 484 -26.22 29.64 4.95
N LEU B 485 -26.41 30.95 5.08
CA LEU B 485 -27.03 31.52 6.25
C LEU B 485 -28.54 31.39 6.10
N TYR B 486 -29.17 30.71 7.06
CA TYR B 486 -30.61 30.50 7.09
C TYR B 486 -31.21 31.54 8.01
N ARG B 487 -32.20 32.27 7.51
CA ARG B 487 -32.77 33.37 8.28
C ARG B 487 -34.24 33.18 8.60
N GLU B 488 -34.85 32.06 8.21
CA GLU B 488 -36.28 31.85 8.41
C GLU B 488 -36.61 31.49 9.85
N PRO B 489 -37.87 31.69 10.24
CA PRO B 489 -38.24 31.52 11.64
C PRO B 489 -38.39 30.05 11.99
N PRO B 490 -37.84 29.63 13.14
CA PRO B 490 -38.03 28.24 13.61
C PRO B 490 -39.43 27.71 13.32
N GLU B 491 -39.53 26.52 12.75
CA GLU B 491 -40.83 25.86 12.65
C GLU B 491 -41.23 25.32 14.01
N ALA B 492 -42.54 25.32 14.28
CA ALA B 492 -43.03 24.82 15.57
C ALA B 492 -42.60 23.38 15.79
N ILE B 493 -42.73 22.54 14.77
CA ILE B 493 -42.27 21.15 14.83
C ILE B 493 -40.80 21.12 14.41
N TRP B 494 -39.92 20.76 15.32
CA TRP B 494 -38.48 20.81 15.04
C TRP B 494 -38.16 20.04 13.77
N ALA B 495 -38.64 18.81 13.67
CA ALA B 495 -38.35 17.98 12.51
C ALA B 495 -38.75 18.66 11.20
N ASP B 496 -39.76 19.54 11.25
CA ASP B 496 -40.10 20.35 10.07
C ASP B 496 -39.03 21.40 9.82
N ASP B 497 -38.50 21.99 10.88
CA ASP B 497 -37.45 22.99 10.75
C ASP B 497 -36.22 22.37 10.10
N VAL B 498 -35.86 21.16 10.52
CA VAL B 498 -34.72 20.45 9.93
C VAL B 498 -34.94 20.25 8.44
N ASN B 499 -36.11 19.72 8.06
CA ASN B 499 -36.33 19.44 6.65
C ASN B 499 -36.39 20.70 5.81
N ARG B 500 -36.88 21.79 6.38
CA ARG B 500 -36.94 23.03 5.64
C ARG B 500 -35.53 23.54 5.39
N ARG B 501 -34.65 23.37 6.36
CA ARG B 501 -33.26 23.77 6.16
C ARG B 501 -32.56 22.89 5.14
N VAL B 502 -32.78 21.57 5.18
CA VAL B 502 -32.20 20.72 4.15
C VAL B 502 -32.69 21.15 2.77
N GLN B 503 -34.01 21.39 2.64
CA GLN B 503 -34.56 21.82 1.36
C GLN B 503 -33.97 23.15 0.93
N PHE B 504 -33.90 24.10 1.86
CA PHE B 504 -33.14 25.31 1.62
C PHE B 504 -31.80 24.98 1.02
N GLY B 505 -31.10 24.02 1.64
CA GLY B 505 -29.79 23.63 1.16
C GLY B 505 -29.83 23.15 -0.28
N ILE B 506 -30.82 22.31 -0.60
CA ILE B 506 -30.92 21.76 -1.96
C ILE B 506 -31.22 22.86 -2.96
N GLU B 507 -32.22 23.70 -2.67
CA GLU B 507 -32.66 24.69 -3.64
C GLU B 507 -31.51 25.63 -3.96
N SER B 508 -30.84 26.16 -2.93
CA SER B 508 -29.66 26.99 -3.14
C SER B 508 -28.57 26.25 -3.92
N GLY B 509 -28.31 24.99 -3.56
CA GLY B 509 -27.34 24.22 -4.31
C GLY B 509 -27.67 24.17 -5.79
N LYS B 510 -28.95 23.91 -6.11
CA LYS B 510 -29.40 23.95 -7.50
C LYS B 510 -29.11 25.33 -8.12
N LEU B 511 -29.66 26.39 -7.52
CA LEU B 511 -29.53 27.72 -8.13
C LEU B 511 -28.07 28.14 -8.28
N ARG B 512 -27.19 27.67 -7.39
CA ARG B 512 -25.80 28.10 -7.41
C ARG B 512 -24.89 27.19 -8.22
N GLY B 513 -25.38 26.05 -8.70
CA GLY B 513 -24.63 25.20 -9.59
C GLY B 513 -24.04 23.96 -8.98
N PHE B 514 -24.20 23.75 -7.67
CA PHE B 514 -23.67 22.54 -7.05
C PHE B 514 -24.45 21.28 -7.43
N LEU B 515 -25.75 21.42 -7.71
CA LEU B 515 -26.66 20.28 -7.72
C LEU B 515 -27.55 20.31 -8.95
N ARG B 516 -27.54 19.23 -9.70
CA ARG B 516 -28.52 19.01 -10.77
C ARG B 516 -29.57 18.03 -10.27
N VAL B 517 -30.77 18.14 -10.83
CA VAL B 517 -31.77 17.12 -10.64
C VAL B 517 -31.17 15.78 -11.02
N GLY B 518 -31.38 14.79 -10.17
CA GLY B 518 -30.81 13.49 -10.39
C GLY B 518 -29.49 13.25 -9.70
N ASP B 519 -28.77 14.30 -9.31
CA ASP B 519 -27.58 14.10 -8.51
C ASP B 519 -27.94 13.31 -7.24
N LEU B 520 -26.89 12.84 -6.56
CA LEU B 520 -27.01 12.25 -5.25
C LEU B 520 -26.32 13.14 -4.24
N VAL B 521 -26.96 13.35 -3.09
CA VAL B 521 -26.36 14.10 -2.00
C VAL B 521 -26.44 13.28 -0.74
N ILE B 522 -25.47 13.52 0.14
CA ILE B 522 -25.48 13.07 1.51
C ILE B 522 -25.99 14.21 2.39
N VAL B 523 -26.95 13.90 3.28
CA VAL B 523 -27.49 14.88 4.23
C VAL B 523 -27.08 14.47 5.63
N VAL B 524 -26.48 15.39 6.37
CA VAL B 524 -25.95 15.13 7.70
C VAL B 524 -26.64 16.05 8.69
N THR B 525 -27.34 15.45 9.65
CA THR B 525 -28.14 16.16 10.63
C THR B 525 -27.99 15.49 11.99
N GLY B 526 -28.72 16.02 12.99
CA GLY B 526 -28.70 15.49 14.33
C GLY B 526 -30.06 14.94 14.79
N TRP B 527 -30.03 14.34 15.99
CA TRP B 527 -31.21 13.74 16.61
C TRP B 527 -31.96 14.70 17.54
N ARG B 528 -31.34 15.81 17.94
CA ARG B 528 -31.89 16.72 18.93
C ARG B 528 -31.42 18.13 18.62
N PRO B 529 -32.16 19.15 19.08
CA PRO B 529 -31.69 20.53 18.91
C PRO B 529 -30.39 20.79 19.66
N GLY B 530 -29.65 21.79 19.18
CA GLY B 530 -28.40 22.23 19.78
C GLY B 530 -27.20 21.49 19.23
N SER B 531 -26.08 22.21 19.15
CA SER B 531 -24.86 21.63 18.59
C SER B 531 -24.40 20.42 19.41
N GLY B 532 -23.50 19.63 18.82
CA GLY B 532 -22.94 18.47 19.48
C GLY B 532 -23.66 17.17 19.26
N TYR B 533 -24.80 17.18 18.54
CA TYR B 533 -25.63 15.99 18.36
C TYR B 533 -25.75 15.56 16.91
N THR B 534 -24.84 15.96 16.04
CA THR B 534 -24.87 15.41 14.69
C THR B 534 -24.60 13.90 14.79
N ASN B 535 -25.42 13.11 14.10
CA ASN B 535 -25.31 11.66 14.21
C ASN B 535 -26.13 10.89 13.19
N ILE B 536 -26.65 11.57 12.19
CA ILE B 536 -27.53 10.98 11.22
C ILE B 536 -26.97 11.27 9.84
N MET B 537 -26.94 10.26 9.00
CA MET B 537 -26.59 10.45 7.61
C MET B 537 -27.63 9.79 6.74
N ARG B 538 -27.96 10.48 5.67
CA ARG B 538 -29.02 10.04 4.77
C ARG B 538 -28.53 10.21 3.35
N VAL B 539 -28.88 9.27 2.52
CA VAL B 539 -28.53 9.30 1.11
C VAL B 539 -29.79 9.69 0.35
N LEU B 540 -29.71 10.75 -0.44
CA LEU B 540 -30.89 11.33 -1.07
C LEU B 540 -30.60 11.60 -2.54
N SER B 541 -31.63 11.42 -3.36
CA SER B 541 -31.56 11.76 -4.78
C SER B 541 -32.24 13.09 -5.00
N ILE B 542 -31.71 13.90 -5.91
CA ILE B 542 -32.24 15.23 -6.20
C ILE B 542 -33.36 15.10 -7.24
N SER B 543 -34.40 15.90 -7.06
CA SER B 543 -35.53 15.90 -7.99
C SER B 543 -36.18 17.27 -8.10
N GLN C 15 -8.00 6.68 26.59
CA GLN C 15 -9.03 7.28 25.73
C GLN C 15 -10.21 6.34 25.53
N LEU C 16 -10.20 5.58 24.42
CA LEU C 16 -11.18 4.51 24.26
C LEU C 16 -11.01 3.45 25.34
N THR C 17 -9.81 3.36 25.93
CA THR C 17 -9.57 2.43 27.03
C THR C 17 -10.55 2.67 28.16
N GLN C 18 -10.77 3.94 28.52
CA GLN C 18 -11.77 4.29 29.52
C GLN C 18 -13.14 3.79 29.09
N GLU C 19 -13.57 4.19 27.89
CA GLU C 19 -14.91 3.86 27.42
C GLU C 19 -15.13 2.35 27.33
N LEU C 20 -14.17 1.64 26.72
CA LEU C 20 -14.36 0.26 26.30
C LEU C 20 -13.69 -0.77 27.20
N GLY C 21 -12.71 -0.37 28.00
CA GLY C 21 -11.98 -1.28 28.86
C GLY C 21 -10.50 -1.31 28.51
N THR C 22 -9.72 -1.88 29.44
CA THR C 22 -8.29 -2.03 29.24
C THR C 22 -7.90 -3.34 28.54
N ALA C 23 -8.75 -4.37 28.62
CA ALA C 23 -8.51 -5.59 27.86
C ALA C 23 -9.00 -5.46 26.43
N PHE C 24 -9.99 -4.59 26.19
CA PHE C 24 -10.65 -4.52 24.89
C PHE C 24 -9.65 -4.63 23.74
N PHE C 25 -8.60 -3.81 23.77
CA PHE C 25 -7.65 -3.76 22.67
C PHE C 25 -6.61 -4.86 22.77
N GLN C 26 -6.57 -5.62 23.86
CA GLN C 26 -5.79 -6.85 23.92
C GLN C 26 -6.54 -8.01 23.25
N GLN C 27 -7.87 -7.97 23.24
CA GLN C 27 -8.73 -9.01 22.74
C GLN C 27 -8.92 -8.87 21.24
N GLN C 28 -9.56 -9.88 20.65
CA GLN C 28 -10.06 -9.82 19.28
C GLN C 28 -8.95 -9.70 18.26
N GLN C 29 -7.71 -10.07 18.62
CA GLN C 29 -6.55 -9.89 17.74
C GLN C 29 -6.37 -8.45 17.25
N LEU C 30 -6.74 -7.47 18.08
CA LEU C 30 -6.72 -6.08 17.60
C LEU C 30 -5.31 -5.52 17.38
N PRO C 31 -4.32 -5.88 18.19
CA PRO C 31 -2.93 -5.52 17.82
C PRO C 31 -2.58 -5.97 16.40
N ALA C 32 -2.94 -7.22 16.03
CA ALA C 32 -2.66 -7.70 14.68
C ALA C 32 -3.47 -6.91 13.65
N ALA C 33 -4.64 -6.41 14.04
CA ALA C 33 -5.53 -5.73 13.11
C ALA C 33 -5.00 -4.35 12.71
N MET C 34 -4.33 -3.67 13.61
CA MET C 34 -3.76 -2.36 13.30
C MET C 34 -2.34 -2.44 12.73
N ALA C 35 -1.85 -3.65 12.39
CA ALA C 35 -0.57 -3.79 11.71
C ALA C 35 -0.61 -3.12 10.34
N ASP C 36 0.57 -2.70 9.88
CA ASP C 36 0.68 -1.96 8.62
C ASP C 36 0.81 -2.85 7.42
N THR C 37 1.16 -4.12 7.62
CA THR C 37 1.35 -5.05 6.50
C THR C 37 0.73 -6.39 6.89
N PHE C 38 0.38 -7.16 5.88
CA PHE C 38 -0.19 -8.48 6.14
C PHE C 38 0.81 -9.33 6.92
N LEU C 39 2.08 -9.28 6.54
CA LEU C 39 3.10 -10.05 7.21
C LEU C 39 3.23 -9.65 8.68
N GLU C 40 3.21 -8.35 8.97
CA GLU C 40 3.24 -7.91 10.38
C GLU C 40 1.96 -8.30 11.10
N HIS C 41 0.84 -8.31 10.38
CA HIS C 41 -0.40 -8.81 10.96
C HIS C 41 -0.22 -10.27 11.39
N LEU C 42 0.26 -11.12 10.49
CA LEU C 42 0.51 -12.53 10.87
C LEU C 42 1.39 -12.62 12.12
N CYS C 43 2.49 -11.86 12.13
CA CYS C 43 3.42 -11.91 13.27
C CYS C 43 2.79 -11.46 14.58
N LEU C 44 1.65 -10.76 14.54
CA LEU C 44 1.03 -10.27 15.77
C LEU C 44 -0.16 -11.12 16.23
N LEU C 45 -0.56 -12.12 15.47
CA LEU C 45 -1.59 -13.02 15.95
C LEU C 45 -1.16 -13.65 17.27
N ASP C 46 -2.11 -13.76 18.20
CA ASP C 46 -1.78 -14.02 19.60
C ASP C 46 -2.77 -15.02 20.16
N ILE C 47 -2.27 -16.18 20.60
CA ILE C 47 -3.14 -17.23 21.14
C ILE C 47 -3.84 -16.78 22.44
N ASP C 48 -3.35 -15.72 23.08
CA ASP C 48 -4.02 -15.25 24.30
C ASP C 48 -5.03 -14.11 24.03
N SER C 49 -5.17 -13.64 22.79
CA SER C 49 -6.19 -12.65 22.45
C SER C 49 -7.54 -13.35 22.30
N GLU C 50 -8.39 -13.26 23.31
CA GLU C 50 -9.63 -14.00 23.26
C GLU C 50 -10.59 -13.35 22.28
N PRO C 51 -11.28 -14.14 21.44
CA PRO C 51 -12.26 -13.57 20.53
C PRO C 51 -13.53 -13.23 21.30
N VAL C 52 -13.85 -11.94 21.37
CA VAL C 52 -15.03 -11.50 22.11
C VAL C 52 -16.27 -11.50 21.23
N ALA C 53 -16.12 -11.21 19.94
CA ALA C 53 -17.26 -11.03 19.06
C ALA C 53 -18.03 -12.33 18.87
N ALA C 54 -19.29 -12.20 18.45
CA ALA C 54 -20.12 -13.37 18.18
C ALA C 54 -19.64 -14.05 16.91
N ARG C 55 -19.58 -15.38 16.95
CA ARG C 55 -19.19 -16.15 15.78
C ARG C 55 -20.12 -15.82 14.62
N SER C 56 -19.56 -15.60 13.44
CA SER C 56 -20.30 -14.99 12.35
C SER C 56 -20.43 -15.87 11.13
N THR C 57 -19.53 -16.83 10.93
CA THR C 57 -19.61 -17.78 9.81
C THR C 57 -20.70 -18.81 10.15
N SER C 58 -21.64 -19.03 9.25
CA SER C 58 -22.73 -19.96 9.52
C SER C 58 -22.22 -21.39 9.38
N ILE C 59 -22.82 -22.29 10.16
CA ILE C 59 -22.53 -23.71 10.19
C ILE C 59 -23.71 -24.44 9.60
N ILE C 60 -23.44 -25.19 8.54
CA ILE C 60 -24.39 -26.05 7.87
C ILE C 60 -24.15 -27.47 8.32
N ALA C 61 -25.20 -28.14 8.82
CA ALA C 61 -25.08 -29.50 9.35
C ALA C 61 -25.98 -30.41 8.55
N THR C 62 -25.40 -31.46 7.97
CA THR C 62 -26.16 -32.41 7.18
C THR C 62 -26.93 -33.32 8.13
N ILE C 63 -28.24 -33.44 7.89
CA ILE C 63 -29.08 -34.28 8.73
C ILE C 63 -28.95 -35.74 8.29
N GLY C 64 -28.89 -36.66 9.24
CA GLY C 64 -28.96 -38.08 9.00
C GLY C 64 -29.22 -38.84 10.27
N PRO C 65 -28.99 -40.18 10.30
CA PRO C 65 -29.29 -40.96 11.52
C PRO C 65 -28.69 -40.39 12.80
N ALA C 66 -27.49 -39.80 12.74
CA ALA C 66 -26.86 -39.26 13.94
C ALA C 66 -27.47 -37.95 14.39
N SER C 67 -28.29 -37.31 13.57
CA SER C 67 -28.71 -35.95 13.88
C SER C 67 -30.20 -35.76 13.58
N ARG C 68 -31.01 -36.79 13.75
CA ARG C 68 -32.44 -36.68 13.51
C ARG C 68 -33.26 -36.48 14.79
N SER C 69 -32.88 -37.05 15.94
CA SER C 69 -33.59 -36.76 17.20
C SER C 69 -33.91 -35.27 17.31
N VAL C 70 -35.15 -34.96 17.68
CA VAL C 70 -35.48 -33.58 18.10
C VAL C 70 -34.54 -33.16 19.22
N GLU C 71 -34.30 -34.07 20.15
CA GLU C 71 -33.37 -33.83 21.27
C GLU C 71 -31.98 -33.51 20.77
N ARG C 72 -31.51 -34.26 19.77
CA ARG C 72 -30.16 -34.07 19.24
C ARG C 72 -30.07 -32.75 18.51
N LEU C 73 -31.09 -32.46 17.69
CA LEU C 73 -31.11 -31.23 16.92
C LEU C 73 -31.09 -30.00 17.82
N LYS C 74 -31.82 -30.05 18.94
CA LYS C 74 -31.78 -28.93 19.87
C LYS C 74 -30.37 -28.75 20.41
N GLU C 75 -29.68 -29.84 20.73
CA GLU C 75 -28.28 -29.75 21.14
C GLU C 75 -27.44 -29.11 20.05
N MET C 76 -27.71 -29.47 18.80
CA MET C 76 -26.93 -28.97 17.69
C MET C 76 -27.19 -27.49 17.47
N ILE C 77 -28.44 -27.06 17.58
CA ILE C 77 -28.77 -25.65 17.50
C ILE C 77 -28.02 -24.86 18.57
N LYS C 78 -28.02 -25.38 19.81
CA LYS C 78 -27.32 -24.70 20.89
C LYS C 78 -25.82 -24.61 20.62
N ALA C 79 -25.27 -25.65 19.99
CA ALA C 79 -23.86 -25.70 19.66
C ALA C 79 -23.51 -24.75 18.52
N GLY C 80 -24.49 -24.38 17.70
CA GLY C 80 -24.29 -23.33 16.72
C GLY C 80 -24.79 -23.63 15.32
N MET C 81 -25.47 -24.76 15.11
CA MET C 81 -26.01 -25.05 13.79
C MET C 81 -27.00 -23.95 13.38
N ASN C 82 -26.85 -23.45 12.13
CA ASN C 82 -27.72 -22.40 11.59
C ASN C 82 -28.52 -22.85 10.38
N ILE C 83 -28.03 -23.85 9.66
CA ILE C 83 -28.65 -24.38 8.46
C ILE C 83 -28.59 -25.92 8.53
N ALA C 84 -29.76 -26.56 8.38
CA ALA C 84 -29.85 -28.03 8.29
C ALA C 84 -29.87 -28.40 6.81
N ARG C 85 -28.95 -29.25 6.41
CA ARG C 85 -28.85 -29.72 5.05
C ARG C 85 -29.50 -31.08 4.91
N LEU C 86 -30.41 -31.20 3.94
CA LEU C 86 -31.02 -32.48 3.59
C LEU C 86 -30.38 -32.96 2.29
N ASN C 87 -29.76 -34.13 2.35
CA ASN C 87 -29.07 -34.70 1.21
C ASN C 87 -29.96 -35.70 0.50
N PHE C 88 -30.52 -35.27 -0.62
CA PHE C 88 -31.44 -36.09 -1.38
C PHE C 88 -30.75 -37.16 -2.22
N SER C 89 -29.44 -37.31 -2.11
CA SER C 89 -28.78 -38.46 -2.73
C SER C 89 -29.26 -39.76 -2.11
N HIS C 90 -29.72 -39.72 -0.85
CA HIS C 90 -30.24 -40.89 -0.16
C HIS C 90 -31.46 -40.50 0.69
N GLY C 91 -32.35 -41.48 0.84
CA GLY C 91 -33.54 -41.33 1.67
C GLY C 91 -34.76 -40.95 0.86
N SER C 92 -35.90 -41.55 1.19
CA SER C 92 -37.15 -41.26 0.49
C SER C 92 -37.64 -39.84 0.82
N HIS C 93 -38.63 -39.38 0.04
CA HIS C 93 -39.34 -38.16 0.38
C HIS C 93 -39.88 -38.19 1.79
N GLU C 94 -40.41 -39.34 2.21
CA GLU C 94 -40.96 -39.47 3.55
C GLU C 94 -39.85 -39.33 4.59
N TYR C 95 -38.69 -39.96 4.33
CA TYR C 95 -37.54 -39.77 5.22
C TYR C 95 -37.22 -38.28 5.40
N HIS C 96 -37.22 -37.53 4.32
CA HIS C 96 -36.81 -36.12 4.40
C HIS C 96 -37.91 -35.25 4.98
N ALA C 97 -39.17 -35.59 4.72
CA ALA C 97 -40.27 -34.88 5.38
C ALA C 97 -40.12 -34.96 6.88
N GLU C 98 -39.72 -36.13 7.38
CA GLU C 98 -39.52 -36.31 8.80
C GLU C 98 -38.33 -35.49 9.33
N SER C 99 -37.23 -35.43 8.55
CA SER C 99 -36.10 -34.59 8.93
C SER C 99 -36.51 -33.13 9.05
N ILE C 100 -37.19 -32.62 8.03
CA ILE C 100 -37.76 -31.27 8.10
C ILE C 100 -38.63 -31.12 9.35
N ALA C 101 -39.53 -32.08 9.56
CA ALA C 101 -40.41 -32.01 10.73
C ALA C 101 -39.62 -31.89 12.02
N ASN C 102 -38.59 -32.76 12.20
CA ASN C 102 -37.85 -32.75 13.45
C ASN C 102 -37.03 -31.46 13.62
N VAL C 103 -36.48 -30.93 12.53
CA VAL C 103 -35.78 -29.65 12.60
C VAL C 103 -36.74 -28.56 13.10
N ARG C 104 -37.93 -28.48 12.52
CA ARG C 104 -38.87 -27.43 12.89
C ARG C 104 -39.32 -27.57 14.33
N GLU C 105 -39.50 -28.80 14.83
CA GLU C 105 -39.94 -28.97 16.20
C GLU C 105 -38.83 -28.62 17.20
N ALA C 106 -37.59 -29.01 16.89
CA ALA C 106 -36.48 -28.59 17.74
C ALA C 106 -36.43 -27.07 17.83
N VAL C 107 -36.62 -26.39 16.70
CA VAL C 107 -36.58 -24.93 16.70
C VAL C 107 -37.67 -24.37 17.62
N GLU C 108 -38.93 -24.74 17.36
CA GLU C 108 -40.04 -24.19 18.13
C GLU C 108 -40.08 -24.68 19.56
N SER C 109 -39.45 -25.79 19.87
CA SER C 109 -39.56 -26.31 21.23
C SER C 109 -38.60 -25.63 22.21
N PHE C 110 -38.06 -24.48 21.84
CA PHE C 110 -37.32 -23.64 22.79
C PHE C 110 -38.22 -22.64 23.53
N TYR C 117 -34.86 -16.35 20.25
CA TYR C 117 -35.31 -17.20 19.17
C TYR C 117 -34.30 -17.32 18.03
N ARG C 118 -33.85 -18.55 17.76
CA ARG C 118 -32.84 -18.76 16.73
C ARG C 118 -33.47 -19.46 15.53
N PRO C 119 -33.71 -18.75 14.43
CA PRO C 119 -34.11 -19.42 13.19
C PRO C 119 -33.02 -20.35 12.67
N VAL C 120 -33.45 -21.47 12.06
CA VAL C 120 -32.59 -22.43 11.38
C VAL C 120 -33.09 -22.55 9.95
N ALA C 121 -32.23 -22.29 8.99
CA ALA C 121 -32.66 -22.50 7.62
C ALA C 121 -32.62 -24.00 7.28
N ILE C 122 -33.42 -24.37 6.27
CA ILE C 122 -33.45 -25.75 5.80
C ILE C 122 -33.11 -25.75 4.31
N ALA C 123 -32.06 -26.50 3.95
CA ALA C 123 -31.55 -26.54 2.59
C ALA C 123 -31.68 -27.94 2.00
N LEU C 124 -32.15 -27.98 0.76
CA LEU C 124 -32.30 -29.20 -0.01
C LEU C 124 -31.16 -29.32 -1.01
N ASP C 125 -30.39 -30.38 -0.87
CA ASP C 125 -29.21 -30.62 -1.69
C ASP C 125 -29.56 -31.70 -2.69
N THR C 126 -29.62 -31.34 -3.97
CA THR C 126 -30.20 -32.26 -4.95
C THR C 126 -29.27 -33.44 -5.21
N LYS C 127 -29.89 -34.52 -5.68
CA LYS C 127 -29.16 -35.72 -6.07
C LYS C 127 -28.31 -35.49 -7.33
N GLY C 128 -28.87 -34.80 -8.32
CA GLY C 128 -28.18 -34.57 -9.57
C GLY C 128 -27.80 -35.85 -10.27
N PRO C 129 -26.96 -35.74 -11.31
CA PRO C 129 -26.53 -36.96 -12.04
C PRO C 129 -25.72 -37.90 -11.16
N GLU C 130 -26.21 -39.14 -11.04
CA GLU C 130 -25.55 -40.15 -10.23
C GLU C 130 -25.40 -41.44 -11.03
N LEU C 233 -30.60 -31.70 -15.00
CA LEU C 233 -31.71 -31.87 -14.07
C LEU C 233 -32.57 -33.09 -14.42
N SER C 234 -32.43 -34.15 -13.63
CA SER C 234 -33.13 -35.40 -13.86
C SER C 234 -34.60 -35.30 -13.46
N GLU C 235 -35.38 -36.27 -13.97
CA GLU C 235 -36.75 -36.46 -13.50
C GLU C 235 -36.80 -36.59 -11.98
N GLN C 236 -35.82 -37.28 -11.39
CA GLN C 236 -35.80 -37.39 -9.93
C GLN C 236 -35.63 -36.02 -9.27
N ASP C 237 -34.68 -35.20 -9.76
CA ASP C 237 -34.43 -33.89 -9.16
C ASP C 237 -35.68 -33.03 -9.20
N VAL C 238 -36.43 -33.08 -10.31
CA VAL C 238 -37.62 -32.27 -10.45
C VAL C 238 -38.64 -32.63 -9.36
N ARG C 239 -38.88 -33.92 -9.18
CA ARG C 239 -39.79 -34.33 -8.11
C ARG C 239 -39.26 -33.90 -6.76
N ASP C 240 -37.94 -33.93 -6.57
CA ASP C 240 -37.38 -33.52 -5.28
C ASP C 240 -37.57 -32.03 -5.06
N LEU C 241 -37.40 -31.24 -6.11
CA LEU C 241 -37.56 -29.79 -5.97
C LEU C 241 -39.02 -29.42 -5.71
N ARG C 242 -39.95 -30.01 -6.47
CA ARG C 242 -41.38 -29.84 -6.15
C ARG C 242 -41.66 -30.21 -4.70
N PHE C 243 -41.11 -31.34 -4.24
CA PHE C 243 -41.26 -31.71 -2.83
C PHE C 243 -40.72 -30.62 -1.93
N GLY C 244 -39.60 -30.00 -2.33
CA GLY C 244 -39.02 -28.96 -1.50
C GLY C 244 -39.92 -27.76 -1.35
N VAL C 245 -40.48 -27.28 -2.48
CA VAL C 245 -41.45 -26.18 -2.40
C VAL C 245 -42.61 -26.57 -1.50
N GLU C 246 -43.14 -27.78 -1.70
CA GLU C 246 -44.28 -28.22 -0.89
C GLU C 246 -43.96 -28.12 0.60
N HIS C 247 -42.72 -28.41 0.99
CA HIS C 247 -42.38 -28.39 2.41
C HIS C 247 -41.67 -27.11 2.83
N GLY C 248 -41.74 -26.09 1.99
CA GLY C 248 -41.20 -24.78 2.35
C GLY C 248 -39.72 -24.73 2.66
N VAL C 249 -38.89 -25.42 1.87
CA VAL C 249 -37.45 -25.29 2.09
C VAL C 249 -37.01 -23.86 1.71
N ASP C 250 -35.98 -23.38 2.41
CA ASP C 250 -35.46 -22.04 2.20
C ASP C 250 -34.41 -21.94 1.10
N ILE C 251 -33.69 -23.03 0.84
CA ILE C 251 -32.45 -23.01 0.06
C ILE C 251 -32.36 -24.31 -0.72
N VAL C 252 -31.86 -24.22 -1.95
CA VAL C 252 -31.48 -25.40 -2.72
C VAL C 252 -29.99 -25.34 -3.00
N PHE C 253 -29.28 -26.40 -2.64
CA PHE C 253 -27.93 -26.66 -3.13
C PHE C 253 -28.05 -27.52 -4.38
N ALA C 254 -27.85 -26.92 -5.55
CA ALA C 254 -28.04 -27.59 -6.83
C ALA C 254 -26.77 -28.29 -7.27
N SER C 255 -26.87 -29.59 -7.48
CA SER C 255 -25.69 -30.41 -7.76
C SER C 255 -25.23 -30.25 -9.20
N PHE C 256 -23.91 -30.30 -9.37
CA PHE C 256 -23.25 -30.26 -10.66
C PHE C 256 -23.76 -29.17 -11.59
N VAL C 257 -23.83 -27.94 -11.09
CA VAL C 257 -24.08 -26.81 -11.98
C VAL C 257 -22.86 -26.66 -12.88
N ARG C 258 -23.07 -26.79 -14.18
CA ARG C 258 -22.02 -26.65 -15.16
C ARG C 258 -22.14 -25.37 -15.98
N LYS C 259 -23.27 -24.68 -15.90
CA LYS C 259 -23.50 -23.47 -16.71
C LYS C 259 -24.77 -22.78 -16.25
N ALA C 260 -25.02 -21.62 -16.82
CA ALA C 260 -26.09 -20.77 -16.34
C ALA C 260 -27.44 -21.39 -16.61
N SER C 261 -27.60 -22.09 -17.74
CA SER C 261 -28.87 -22.72 -18.04
C SER C 261 -29.24 -23.77 -17.00
N ASP C 262 -28.25 -24.52 -16.49
CA ASP C 262 -28.51 -25.49 -15.43
C ASP C 262 -29.26 -24.83 -14.27
N VAL C 263 -28.89 -23.60 -13.89
CA VAL C 263 -29.62 -23.01 -12.78
C VAL C 263 -30.99 -22.48 -13.22
N ALA C 264 -31.16 -22.13 -14.50
CA ALA C 264 -32.49 -21.78 -14.99
C ALA C 264 -33.41 -22.99 -14.92
N ALA C 265 -32.88 -24.17 -15.24
CA ALA C 265 -33.67 -25.38 -15.12
C ALA C 265 -34.15 -25.56 -13.70
N VAL C 266 -33.33 -25.18 -12.73
CA VAL C 266 -33.68 -25.33 -11.32
C VAL C 266 -34.71 -24.30 -10.90
N ARG C 267 -34.58 -23.04 -11.33
CA ARG C 267 -35.60 -22.09 -10.92
C ARG C 267 -36.94 -22.42 -11.59
N ALA C 268 -36.90 -22.97 -12.80
CA ALA C 268 -38.11 -23.44 -13.48
C ALA C 268 -38.77 -24.58 -12.71
N ALA C 269 -37.98 -25.58 -12.31
CA ALA C 269 -38.53 -26.67 -11.52
C ALA C 269 -39.19 -26.17 -10.24
N LEU C 270 -38.56 -25.20 -9.56
CA LEU C 270 -39.13 -24.68 -8.33
C LEU C 270 -40.46 -24.00 -8.59
N GLY C 271 -40.65 -23.50 -9.81
CA GLY C 271 -41.90 -22.93 -10.23
C GLY C 271 -42.28 -21.65 -9.54
N PRO C 272 -43.55 -21.24 -9.73
CA PRO C 272 -43.97 -19.91 -9.26
C PRO C 272 -44.03 -19.84 -7.76
N GLU C 273 -44.46 -20.93 -7.12
CA GLU C 273 -44.55 -21.01 -5.67
C GLU C 273 -43.18 -21.04 -5.01
N GLY C 274 -42.11 -21.20 -5.77
CA GLY C 274 -40.78 -21.34 -5.20
C GLY C 274 -39.89 -20.16 -5.48
N HIS C 275 -40.50 -19.04 -5.87
CA HIS C 275 -39.73 -17.91 -6.38
C HIS C 275 -38.76 -17.37 -5.37
N GLY C 276 -39.12 -17.40 -4.09
CA GLY C 276 -38.28 -16.86 -3.05
C GLY C 276 -37.26 -17.84 -2.48
N ILE C 277 -37.15 -19.04 -3.06
CA ILE C 277 -36.14 -20.01 -2.63
C ILE C 277 -34.79 -19.61 -3.22
N LYS C 278 -33.79 -19.51 -2.33
CA LYS C 278 -32.42 -19.23 -2.76
C LYS C 278 -31.75 -20.44 -3.39
N ILE C 279 -31.06 -20.19 -4.50
CA ILE C 279 -30.39 -21.22 -5.27
C ILE C 279 -28.88 -21.02 -5.11
N ILE C 280 -28.24 -22.01 -4.49
CA ILE C 280 -26.80 -22.04 -4.30
C ILE C 280 -26.26 -23.13 -5.23
N SER C 281 -25.49 -22.71 -6.22
CA SER C 281 -25.02 -23.65 -7.23
C SER C 281 -23.77 -24.38 -6.72
N LYS C 282 -23.81 -25.71 -6.76
CA LYS C 282 -22.67 -26.53 -6.39
C LYS C 282 -21.69 -26.62 -7.55
N ILE C 283 -20.46 -26.13 -7.36
CA ILE C 283 -19.42 -26.24 -8.37
C ILE C 283 -18.61 -27.52 -8.09
N GLU C 284 -18.69 -28.50 -8.99
CA GLU C 284 -18.25 -29.85 -8.72
C GLU C 284 -17.36 -30.44 -9.78
N ASN C 285 -17.17 -29.75 -10.89
CA ASN C 285 -16.32 -30.30 -11.93
C ASN C 285 -15.60 -29.18 -12.67
N HIS C 286 -14.83 -29.58 -13.68
CA HIS C 286 -13.99 -28.62 -14.40
C HIS C 286 -14.83 -27.56 -15.10
N GLU C 287 -15.88 -27.96 -15.82
CA GLU C 287 -16.68 -27.00 -16.55
C GLU C 287 -17.32 -25.99 -15.60
N GLY C 288 -17.78 -26.44 -14.44
CA GLY C 288 -18.31 -25.50 -13.47
C GLY C 288 -17.29 -24.47 -13.06
N VAL C 289 -16.05 -24.91 -12.85
CA VAL C 289 -15.00 -23.96 -12.47
C VAL C 289 -14.74 -22.99 -13.63
N LYS C 290 -14.65 -23.52 -14.85
CA LYS C 290 -14.33 -22.73 -16.03
C LYS C 290 -15.44 -21.74 -16.34
N ARG C 291 -16.70 -22.15 -16.18
CA ARG C 291 -17.83 -21.28 -16.45
C ARG C 291 -18.33 -20.59 -15.19
N PHE C 292 -17.48 -20.47 -14.18
CA PHE C 292 -17.91 -19.98 -12.88
C PHE C 292 -18.60 -18.61 -12.96
N ASP C 293 -18.07 -17.69 -13.77
CA ASP C 293 -18.63 -16.33 -13.76
C ASP C 293 -20.09 -16.31 -14.21
N GLU C 294 -20.41 -17.02 -15.29
CA GLU C 294 -21.79 -17.05 -15.75
C GLU C 294 -22.69 -17.77 -14.76
N ILE C 295 -22.17 -18.76 -14.03
CA ILE C 295 -22.98 -19.41 -13.01
C ILE C 295 -23.24 -18.45 -11.87
N LEU C 296 -22.19 -17.75 -11.41
CA LEU C 296 -22.39 -16.86 -10.27
C LEU C 296 -23.37 -15.74 -10.62
N GLU C 297 -23.33 -15.26 -11.88
CA GLU C 297 -24.23 -14.19 -12.28
C GLU C 297 -25.68 -14.57 -11.98
N VAL C 298 -26.06 -15.81 -12.28
CA VAL C 298 -27.46 -16.21 -12.18
C VAL C 298 -27.81 -16.92 -10.89
N SER C 299 -26.88 -17.05 -9.95
CA SER C 299 -27.10 -17.81 -8.73
C SER C 299 -27.18 -16.88 -7.53
N ASP C 300 -27.87 -17.34 -6.48
CA ASP C 300 -27.83 -16.58 -5.23
C ASP C 300 -26.48 -16.73 -4.52
N GLY C 301 -25.72 -17.76 -4.86
CA GLY C 301 -24.58 -18.14 -4.06
C GLY C 301 -23.95 -19.38 -4.64
N ILE C 302 -22.87 -19.80 -4.00
CA ILE C 302 -22.03 -20.86 -4.51
C ILE C 302 -21.65 -21.78 -3.35
N MET C 303 -21.60 -23.07 -3.63
CA MET C 303 -20.94 -24.02 -2.75
C MET C 303 -19.70 -24.54 -3.47
N VAL C 304 -18.55 -24.41 -2.82
CA VAL C 304 -17.35 -25.08 -3.28
C VAL C 304 -17.46 -26.54 -2.83
N ALA C 305 -17.91 -27.43 -3.72
CA ALA C 305 -18.26 -28.80 -3.37
C ALA C 305 -17.04 -29.71 -3.52
N ARG C 306 -16.20 -29.70 -2.48
CA ARG C 306 -14.83 -30.20 -2.69
C ARG C 306 -14.78 -31.71 -2.93
N GLY C 307 -15.78 -32.45 -2.40
CA GLY C 307 -15.82 -33.90 -2.53
C GLY C 307 -15.70 -34.36 -3.96
N ASP C 308 -16.65 -33.96 -4.80
CA ASP C 308 -16.61 -34.36 -6.20
C ASP C 308 -15.60 -33.56 -6.99
N LEU C 309 -15.46 -32.27 -6.71
CA LEU C 309 -14.44 -31.48 -7.39
C LEU C 309 -13.08 -32.16 -7.23
N GLY C 310 -12.74 -32.59 -6.02
CA GLY C 310 -11.48 -33.29 -5.79
C GLY C 310 -11.33 -34.64 -6.45
N ILE C 311 -12.39 -35.12 -7.10
CA ILE C 311 -12.31 -36.31 -7.94
C ILE C 311 -12.31 -35.91 -9.40
N GLU C 312 -13.09 -34.89 -9.73
CA GLU C 312 -13.21 -34.47 -11.12
C GLU C 312 -11.99 -33.70 -11.59
N ILE C 313 -11.31 -32.99 -10.70
CA ILE C 313 -10.03 -32.35 -11.03
C ILE C 313 -8.99 -32.92 -10.06
N PRO C 314 -7.71 -32.77 -10.38
CA PRO C 314 -6.67 -33.33 -9.49
C PRO C 314 -6.86 -32.78 -8.09
N ALA C 315 -6.70 -33.64 -7.09
CA ALA C 315 -7.03 -33.24 -5.73
C ALA C 315 -6.20 -32.05 -5.29
N GLU C 316 -4.93 -31.98 -5.75
CA GLU C 316 -3.96 -30.98 -5.35
C GLU C 316 -4.25 -29.61 -5.96
N LYS C 317 -5.26 -29.51 -6.82
CA LYS C 317 -5.70 -28.22 -7.35
C LYS C 317 -6.94 -27.66 -6.67
N VAL C 318 -7.56 -28.37 -5.72
CA VAL C 318 -8.87 -27.90 -5.21
C VAL C 318 -8.71 -26.60 -4.44
N PHE C 319 -7.62 -26.46 -3.69
CA PHE C 319 -7.40 -25.23 -2.95
C PHE C 319 -7.36 -24.02 -3.88
N LEU C 320 -6.90 -24.19 -5.14
CA LEU C 320 -6.91 -23.06 -6.09
C LEU C 320 -8.34 -22.70 -6.46
N ALA C 321 -9.17 -23.73 -6.73
CA ALA C 321 -10.57 -23.49 -7.07
C ALA C 321 -11.32 -22.91 -5.90
N GLN C 322 -11.06 -23.42 -4.69
CA GLN C 322 -11.69 -22.85 -3.51
C GLN C 322 -11.38 -21.37 -3.34
N LYS C 323 -10.10 -20.99 -3.43
CA LYS C 323 -9.72 -19.62 -3.10
C LYS C 323 -10.22 -18.64 -4.17
N MET C 324 -10.13 -19.04 -5.43
CA MET C 324 -10.67 -18.23 -6.52
C MET C 324 -12.15 -18.01 -6.35
N MET C 325 -12.91 -19.08 -6.00
CA MET C 325 -14.37 -18.96 -5.96
C MET C 325 -14.82 -18.14 -4.76
N ILE C 326 -14.23 -18.38 -3.58
CA ILE C 326 -14.55 -17.56 -2.42
C ILE C 326 -14.19 -16.10 -2.69
N GLY C 327 -13.08 -15.86 -3.39
CA GLY C 327 -12.66 -14.51 -3.69
C GLY C 327 -13.63 -13.80 -4.61
N ARG C 328 -14.01 -14.45 -5.71
CA ARG C 328 -14.93 -13.83 -6.66
C ARG C 328 -16.34 -13.66 -6.06
N CYS C 329 -16.82 -14.64 -5.27
CA CYS C 329 -18.06 -14.47 -4.55
C CYS C 329 -17.98 -13.28 -3.58
N ASN C 330 -16.86 -13.17 -2.84
CA ASN C 330 -16.65 -12.02 -1.95
C ASN C 330 -16.76 -10.70 -2.72
N LEU C 331 -16.12 -10.65 -3.89
CA LEU C 331 -16.20 -9.45 -4.73
C LEU C 331 -17.62 -9.19 -5.15
N ALA C 332 -18.33 -10.24 -5.59
CA ALA C 332 -19.69 -10.09 -6.07
C ALA C 332 -20.71 -9.89 -4.96
N GLY C 333 -20.30 -9.91 -3.70
CA GLY C 333 -21.24 -9.84 -2.57
C GLY C 333 -22.24 -10.98 -2.44
N LYS C 334 -21.88 -12.21 -2.90
CA LYS C 334 -22.81 -13.36 -2.78
C LYS C 334 -22.30 -14.45 -1.84
N PRO C 335 -23.21 -15.14 -1.13
CA PRO C 335 -22.77 -16.19 -0.19
C PRO C 335 -21.96 -17.31 -0.85
N VAL C 336 -20.98 -17.79 -0.14
CA VAL C 336 -20.18 -18.92 -0.61
C VAL C 336 -19.98 -19.85 0.56
N VAL C 337 -20.16 -21.14 0.31
CA VAL C 337 -20.08 -22.20 1.32
C VAL C 337 -18.84 -23.04 1.02
N CYS C 338 -18.08 -23.37 2.05
CA CYS C 338 -16.98 -24.32 1.90
C CYS C 338 -17.45 -25.67 2.43
N ALA C 339 -17.29 -26.71 1.63
CA ALA C 339 -17.95 -27.97 1.96
C ALA C 339 -17.03 -29.17 1.83
N THR C 340 -17.20 -30.10 2.76
CA THR C 340 -16.88 -31.53 2.62
C THR C 340 -15.55 -31.86 3.27
N GLN C 341 -15.59 -32.79 4.25
CA GLN C 341 -14.43 -33.41 4.89
C GLN C 341 -13.64 -32.41 5.73
N MET C 342 -14.30 -31.36 6.23
CA MET C 342 -13.64 -30.31 7.01
C MET C 342 -13.17 -30.83 8.37
N LEU C 343 -13.98 -31.68 9.01
CA LEU C 343 -13.63 -32.33 10.27
C LEU C 343 -13.89 -33.83 10.17
N GLU C 344 -13.50 -34.42 9.03
CA GLU C 344 -13.91 -35.79 8.71
C GLU C 344 -13.63 -36.76 9.84
N SER C 345 -12.43 -36.71 10.42
CA SER C 345 -12.06 -37.71 11.40
C SER C 345 -13.01 -37.71 12.59
N MET C 346 -13.79 -36.65 12.80
CA MET C 346 -14.71 -36.62 13.94
C MET C 346 -15.88 -37.56 13.74
N ILE C 347 -16.04 -38.15 12.55
CA ILE C 347 -17.04 -39.20 12.39
C ILE C 347 -16.83 -40.30 13.43
N THR C 348 -15.57 -40.64 13.72
CA THR C 348 -15.26 -41.68 14.70
C THR C 348 -14.46 -41.18 15.89
N LYS C 349 -13.93 -39.96 15.84
CA LYS C 349 -13.07 -39.45 16.90
C LYS C 349 -13.66 -38.22 17.59
N PRO C 350 -13.48 -38.07 18.91
CA PRO C 350 -14.09 -36.93 19.60
C PRO C 350 -13.36 -35.63 19.39
N ARG C 351 -12.14 -35.62 18.85
CA ARG C 351 -11.34 -34.44 18.54
C ARG C 351 -10.87 -34.54 17.09
N PRO C 352 -10.65 -33.41 16.41
CA PRO C 352 -10.25 -33.44 15.00
C PRO C 352 -8.73 -33.48 14.84
N THR C 353 -8.31 -33.62 13.58
CA THR C 353 -6.87 -33.58 13.29
C THR C 353 -6.37 -32.14 13.18
N ARG C 354 -5.06 -31.99 13.20
CA ARG C 354 -4.48 -30.66 13.03
C ARG C 354 -4.77 -30.12 11.65
N ALA C 355 -4.87 -30.98 10.62
CA ALA C 355 -5.18 -30.48 9.28
C ALA C 355 -6.63 -30.01 9.21
N GLU C 356 -7.51 -30.69 9.93
CA GLU C 356 -8.91 -30.35 9.87
C GLU C 356 -9.19 -29.00 10.52
N THR C 357 -8.66 -28.77 11.71
CA THR C 357 -8.86 -27.46 12.31
C THR C 357 -8.29 -26.39 11.40
N SER C 358 -7.12 -26.66 10.81
CA SER C 358 -6.51 -25.72 9.89
C SER C 358 -7.42 -25.43 8.70
N ASP C 359 -8.03 -26.46 8.15
CA ASP C 359 -8.92 -26.31 7.00
C ASP C 359 -10.09 -25.38 7.32
N VAL C 360 -10.74 -25.60 8.48
CA VAL C 360 -11.85 -24.72 8.85
C VAL C 360 -11.35 -23.28 8.95
N ALA C 361 -10.25 -23.09 9.67
CA ALA C 361 -9.73 -21.73 9.90
C ALA C 361 -9.43 -21.03 8.59
N ASN C 362 -8.75 -21.71 7.68
CA ASN C 362 -8.39 -21.08 6.42
C ASN C 362 -9.59 -20.86 5.51
N ALA C 363 -10.62 -21.69 5.64
CA ALA C 363 -11.85 -21.45 4.91
C ALA C 363 -12.47 -20.13 5.33
N VAL C 364 -12.50 -19.89 6.64
CA VAL C 364 -13.00 -18.62 7.14
C VAL C 364 -12.08 -17.47 6.72
N LEU C 365 -10.76 -17.65 6.83
CA LEU C 365 -9.83 -16.62 6.37
C LEU C 365 -9.90 -16.45 4.86
N ASP C 366 -10.18 -17.51 4.11
CA ASP C 366 -10.29 -17.36 2.67
C ASP C 366 -11.44 -16.41 2.30
N GLY C 367 -12.45 -16.30 3.16
CA GLY C 367 -13.62 -15.48 2.89
C GLY C 367 -14.97 -16.18 2.89
N ALA C 368 -15.02 -17.48 3.25
CA ALA C 368 -16.29 -18.22 3.19
C ALA C 368 -17.35 -17.66 4.13
N ASP C 369 -18.59 -17.57 3.63
CA ASP C 369 -19.73 -17.20 4.46
C ASP C 369 -20.19 -18.34 5.36
N CYS C 370 -20.17 -19.56 4.84
CA CYS C 370 -20.65 -20.74 5.55
C CYS C 370 -19.65 -21.87 5.44
N ILE C 371 -19.58 -22.66 6.48
CA ILE C 371 -18.83 -23.91 6.50
C ILE C 371 -19.77 -25.07 6.82
N MET C 372 -19.40 -26.26 6.36
CA MET C 372 -20.34 -27.36 6.29
C MET C 372 -19.78 -28.62 6.94
N LEU C 373 -20.71 -29.38 7.50
CA LEU C 373 -20.48 -30.72 8.01
C LEU C 373 -21.41 -31.68 7.28
N SER C 374 -20.85 -32.82 6.86
CA SER C 374 -21.59 -33.86 6.17
C SER C 374 -21.68 -35.09 7.06
N GLY C 375 -20.90 -36.14 6.74
CA GLY C 375 -20.90 -37.32 7.57
C GLY C 375 -20.66 -37.04 9.04
N GLU C 376 -19.89 -35.98 9.34
CA GLU C 376 -19.61 -35.64 10.74
C GLU C 376 -20.90 -35.44 11.55
N THR C 377 -21.95 -34.92 10.93
CA THR C 377 -23.23 -34.75 11.63
C THR C 377 -24.28 -35.75 11.18
N ALA C 378 -24.24 -36.18 9.92
CA ALA C 378 -25.25 -37.08 9.40
C ALA C 378 -25.11 -38.46 9.99
N LYS C 379 -23.87 -38.99 10.09
CA LYS C 379 -23.72 -40.39 10.51
C LYS C 379 -22.70 -40.64 11.60
N GLY C 380 -21.94 -39.64 12.03
CA GLY C 380 -20.87 -39.91 12.96
C GLY C 380 -21.33 -40.04 14.40
N ASN C 381 -20.36 -40.40 15.24
CA ASN C 381 -20.63 -40.55 16.66
C ASN C 381 -20.43 -39.27 17.47
N PHE C 382 -20.03 -38.15 16.85
CA PHE C 382 -19.85 -36.93 17.63
C PHE C 382 -20.45 -35.71 16.93
N PRO C 383 -21.71 -35.80 16.46
CA PRO C 383 -22.29 -34.68 15.70
C PRO C 383 -22.28 -33.35 16.45
N VAL C 384 -22.58 -33.37 17.75
CA VAL C 384 -22.66 -32.15 18.52
C VAL C 384 -21.27 -31.55 18.73
N GLU C 385 -20.28 -32.41 19.01
CA GLU C 385 -18.91 -31.95 19.20
C GLU C 385 -18.33 -31.36 17.90
N ALA C 386 -18.75 -31.88 16.76
CA ALA C 386 -18.28 -31.33 15.49
C ALA C 386 -18.79 -29.91 15.28
N VAL C 387 -20.10 -29.70 15.49
CA VAL C 387 -20.68 -28.36 15.43
C VAL C 387 -19.93 -27.43 16.36
N LYS C 388 -19.77 -27.83 17.63
CA LYS C 388 -19.04 -27.02 18.60
C LYS C 388 -17.63 -26.71 18.13
N MET C 389 -16.95 -27.69 17.51
CA MET C 389 -15.58 -27.43 17.08
C MET C 389 -15.55 -26.41 15.96
N GLN C 390 -16.48 -26.49 14.98
CA GLN C 390 -16.53 -25.48 13.93
C GLN C 390 -16.80 -24.10 14.51
N HIS C 391 -17.70 -24.02 15.49
CA HIS C 391 -18.00 -22.72 16.09
C HIS C 391 -16.76 -22.14 16.72
N ALA C 392 -15.99 -22.97 17.43
CA ALA C 392 -14.82 -22.49 18.17
C ALA C 392 -13.72 -22.06 17.21
N ILE C 393 -13.47 -22.85 16.16
CA ILE C 393 -12.49 -22.45 15.16
C ILE C 393 -12.94 -21.20 14.43
N ALA C 394 -14.18 -21.20 13.95
CA ALA C 394 -14.68 -20.05 13.19
C ALA C 394 -14.57 -18.76 13.99
N ARG C 395 -14.84 -18.82 15.29
CA ARG C 395 -14.78 -17.65 16.14
C ARG C 395 -13.36 -17.10 16.21
N GLU C 396 -12.38 -17.98 16.40
CA GLU C 396 -10.98 -17.56 16.43
C GLU C 396 -10.55 -17.00 15.10
N ALA C 397 -10.94 -17.66 14.01
CA ALA C 397 -10.45 -17.29 12.70
C ALA C 397 -11.00 -15.92 12.30
N GLU C 398 -12.26 -15.66 12.64
CA GLU C 398 -12.91 -14.40 12.30
C GLU C 398 -12.22 -13.22 12.96
N ALA C 399 -11.79 -13.41 14.20
CA ALA C 399 -11.05 -12.32 14.86
C ALA C 399 -9.73 -12.06 14.15
N ALA C 400 -9.15 -13.08 13.52
CA ALA C 400 -7.85 -13.00 12.88
C ALA C 400 -7.91 -12.43 11.46
N VAL C 401 -9.09 -12.05 10.99
CA VAL C 401 -9.23 -11.46 9.66
C VAL C 401 -8.55 -10.10 9.64
N TYR C 402 -7.75 -9.84 8.59
CA TYR C 402 -7.03 -8.56 8.46
C TYR C 402 -7.94 -7.59 7.73
N HIS C 403 -8.85 -6.96 8.48
CA HIS C 403 -9.89 -6.15 7.86
C HIS C 403 -9.29 -4.96 7.11
N ARG C 404 -8.24 -4.36 7.68
CA ARG C 404 -7.63 -3.19 7.07
C ARG C 404 -7.34 -3.41 5.59
N GLN C 405 -6.77 -4.57 5.25
CA GLN C 405 -6.49 -4.87 3.85
C GLN C 405 -7.77 -5.26 3.12
N LEU C 406 -8.53 -6.20 3.70
CA LEU C 406 -9.76 -6.67 3.06
C LEU C 406 -10.74 -5.53 2.73
N PHE C 407 -11.06 -4.69 3.70
CA PHE C 407 -11.98 -3.60 3.41
C PHE C 407 -11.46 -2.71 2.29
N GLU C 408 -10.15 -2.42 2.28
CA GLU C 408 -9.57 -1.54 1.27
C GLU C 408 -9.62 -2.19 -0.12
N GLU C 409 -9.28 -3.47 -0.23
CA GLU C 409 -9.35 -4.12 -1.54
C GLU C 409 -10.80 -4.27 -2.02
N LEU C 410 -11.73 -4.59 -1.12
CA LEU C 410 -13.14 -4.66 -1.51
C LEU C 410 -13.62 -3.29 -2.02
N ARG C 411 -13.17 -2.22 -1.36
CA ARG C 411 -13.45 -0.86 -1.83
C ARG C 411 -12.92 -0.61 -3.24
N ARG C 412 -11.61 -0.71 -3.42
CA ARG C 412 -11.00 -0.29 -4.68
C ARG C 412 -11.52 -1.08 -5.87
N ALA C 413 -11.91 -2.34 -5.67
CA ALA C 413 -12.40 -3.16 -6.77
C ALA C 413 -13.89 -2.98 -7.03
N ALA C 414 -14.68 -2.71 -6.01
CA ALA C 414 -16.12 -2.62 -6.17
C ALA C 414 -16.50 -1.35 -6.92
N PRO C 415 -17.50 -1.42 -7.79
CA PRO C 415 -17.82 -0.28 -8.65
C PRO C 415 -18.55 0.80 -7.87
N LEU C 416 -18.36 2.04 -8.31
CA LEU C 416 -19.23 3.11 -7.84
C LEU C 416 -20.67 2.62 -7.95
N SER C 417 -21.52 3.16 -7.08
CA SER C 417 -22.90 2.70 -6.95
C SER C 417 -23.79 3.89 -6.65
N ARG C 418 -24.86 4.02 -7.42
CA ARG C 418 -25.92 4.98 -7.11
C ARG C 418 -27.12 4.31 -6.44
N ASP C 419 -26.95 3.08 -5.90
CA ASP C 419 -27.95 2.42 -5.08
C ASP C 419 -27.85 2.94 -3.65
N PRO C 420 -28.88 3.64 -3.16
CA PRO C 420 -28.74 4.28 -1.83
C PRO C 420 -28.49 3.29 -0.72
N THR C 421 -29.04 2.08 -0.84
CA THR C 421 -28.79 1.07 0.18
C THR C 421 -27.33 0.61 0.15
N GLU C 422 -26.78 0.44 -1.04
CA GLU C 422 -25.36 0.09 -1.16
C GLU C 422 -24.48 1.21 -0.61
N VAL C 423 -24.88 2.47 -0.86
CA VAL C 423 -24.06 3.60 -0.43
C VAL C 423 -24.09 3.73 1.09
N THR C 424 -25.27 3.53 1.67
CA THR C 424 -25.45 3.63 3.11
C THR C 424 -24.67 2.54 3.83
N ALA C 425 -24.61 1.34 3.24
CA ALA C 425 -23.96 0.21 3.90
C ALA C 425 -22.47 0.43 4.05
N ILE C 426 -21.82 0.90 2.98
CA ILE C 426 -20.38 1.12 3.09
C ILE C 426 -20.09 2.26 4.06
N GLY C 427 -20.89 3.32 4.06
CA GLY C 427 -20.69 4.33 5.07
C GLY C 427 -21.01 3.86 6.46
N ALA C 428 -22.00 2.98 6.58
CA ALA C 428 -22.32 2.39 7.87
C ALA C 428 -21.19 1.50 8.36
N VAL C 429 -20.63 0.67 7.47
CA VAL C 429 -19.51 -0.19 7.89
C VAL C 429 -18.29 0.65 8.27
N GLU C 430 -17.94 1.64 7.43
CA GLU C 430 -16.86 2.56 7.79
C GLU C 430 -17.10 3.20 9.15
N ALA C 431 -18.32 3.68 9.39
CA ALA C 431 -18.65 4.25 10.69
C ALA C 431 -18.41 3.24 11.79
N ALA C 432 -18.93 2.02 11.62
CA ALA C 432 -18.74 0.96 12.61
C ALA C 432 -17.26 0.76 12.95
N PHE C 433 -16.38 0.81 11.95
CA PHE C 433 -14.96 0.64 12.24
C PHE C 433 -14.37 1.85 12.96
N LYS C 434 -14.83 3.08 12.63
CA LYS C 434 -14.19 4.22 13.26
C LYS C 434 -14.41 4.22 14.76
N CYS C 435 -15.53 3.67 15.24
CA CYS C 435 -15.86 3.80 16.66
C CYS C 435 -15.88 2.46 17.41
N CYS C 436 -15.45 1.37 16.79
CA CYS C 436 -15.57 0.05 17.41
C CYS C 436 -17.01 -0.21 17.78
N ALA C 437 -17.89 -0.06 16.80
CA ALA C 437 -19.31 -0.27 17.00
C ALA C 437 -19.53 -1.73 17.34
N ALA C 438 -20.23 -1.99 18.44
CA ALA C 438 -20.57 -3.35 18.82
C ALA C 438 -21.46 -4.04 17.79
N ALA C 439 -22.29 -3.29 17.07
CA ALA C 439 -23.24 -3.92 16.18
C ALA C 439 -23.77 -2.89 15.20
N ILE C 440 -24.14 -3.38 14.02
CA ILE C 440 -24.91 -2.65 13.05
C ILE C 440 -26.32 -3.26 13.03
N ILE C 441 -27.30 -2.50 13.51
CA ILE C 441 -28.71 -2.91 13.55
C ILE C 441 -29.37 -2.41 12.27
N VAL C 442 -29.90 -3.32 11.46
CA VAL C 442 -30.47 -2.98 10.16
C VAL C 442 -31.89 -3.50 10.07
N LEU C 443 -32.81 -2.67 9.55
CA LEU C 443 -34.18 -3.07 9.29
C LEU C 443 -34.27 -3.58 7.87
N THR C 444 -34.68 -4.84 7.71
CA THR C 444 -34.67 -5.43 6.39
C THR C 444 -35.92 -6.28 6.23
N THR C 445 -36.42 -6.29 5.02
CA THR C 445 -37.61 -7.05 4.71
C THR C 445 -37.29 -8.34 4.00
N THR C 446 -36.41 -8.26 2.99
CA THR C 446 -35.93 -9.42 2.27
C THR C 446 -34.55 -9.89 2.72
N GLY C 447 -33.88 -9.17 3.64
CA GLY C 447 -32.50 -9.44 3.97
C GLY C 447 -31.45 -8.67 3.18
N ARG C 448 -31.84 -8.09 2.03
CA ARG C 448 -30.86 -7.51 1.13
C ARG C 448 -30.00 -6.44 1.80
N SER C 449 -30.60 -5.54 2.57
CA SER C 449 -29.79 -4.52 3.21
C SER C 449 -28.75 -5.12 4.12
N ALA C 450 -29.02 -6.29 4.67
CA ALA C 450 -28.06 -6.94 5.57
C ALA C 450 -26.98 -7.65 4.79
N GLN C 451 -27.34 -8.25 3.64
CA GLN C 451 -26.32 -8.78 2.74
C GLN C 451 -25.33 -7.70 2.34
N LEU C 452 -25.82 -6.51 1.96
CA LEU C 452 -24.90 -5.47 1.51
C LEU C 452 -24.02 -4.92 2.62
N LEU C 453 -24.44 -4.99 3.88
CA LEU C 453 -23.50 -4.74 4.96
C LEU C 453 -22.48 -5.88 5.06
N SER C 454 -22.98 -7.13 5.08
CA SER C 454 -22.14 -8.31 5.24
C SER C 454 -20.99 -8.34 4.26
N ARG C 455 -21.22 -7.89 3.02
CA ARG C 455 -20.16 -8.02 2.02
C ARG C 455 -18.92 -7.19 2.37
N TYR C 456 -19.04 -6.17 3.24
CA TYR C 456 -17.87 -5.40 3.65
C TYR C 456 -17.22 -5.99 4.90
N ARG C 457 -17.82 -7.05 5.43
CA ARG C 457 -17.21 -7.87 6.47
C ARG C 457 -16.91 -7.00 7.67
N PRO C 458 -17.91 -6.34 8.25
CA PRO C 458 -17.67 -5.62 9.50
C PRO C 458 -17.22 -6.56 10.61
N ARG C 459 -16.41 -6.02 11.53
CA ARG C 459 -16.19 -6.68 12.81
C ARG C 459 -17.46 -6.65 13.65
N ALA C 460 -18.20 -5.54 13.58
CA ALA C 460 -19.48 -5.43 14.29
C ALA C 460 -20.47 -6.47 13.75
N ALA C 461 -21.17 -7.14 14.65
CA ALA C 461 -22.33 -7.94 14.30
C ALA C 461 -23.37 -7.16 13.53
N VAL C 462 -23.89 -7.77 12.46
CA VAL C 462 -25.01 -7.17 11.73
C VAL C 462 -26.28 -7.82 12.29
N ILE C 463 -26.98 -7.09 13.15
CA ILE C 463 -28.24 -7.54 13.73
C ILE C 463 -29.37 -7.11 12.80
N ALA C 464 -30.00 -8.08 12.13
CA ALA C 464 -31.01 -7.78 11.12
C ALA C 464 -32.41 -8.05 11.67
N VAL C 465 -33.21 -7.00 11.82
CA VAL C 465 -34.59 -7.16 12.28
C VAL C 465 -35.49 -7.26 11.07
N THR C 466 -36.27 -8.34 11.00
CA THR C 466 -37.15 -8.58 9.86
C THR C 466 -38.46 -9.17 10.35
N ARG C 467 -39.52 -8.90 9.60
CA ARG C 467 -40.82 -9.50 9.82
C ARG C 467 -40.97 -10.78 9.03
N SER C 468 -40.07 -11.05 8.09
CA SER C 468 -40.18 -12.20 7.21
C SER C 468 -39.40 -13.38 7.83
N ALA C 469 -40.15 -14.36 8.34
CA ALA C 469 -39.54 -15.56 8.92
C ALA C 469 -38.63 -16.24 7.92
N GLN C 470 -38.99 -16.21 6.62
CA GLN C 470 -38.15 -16.85 5.63
C GLN C 470 -36.86 -16.05 5.39
N ALA C 471 -36.98 -14.71 5.23
CA ALA C 471 -35.78 -13.89 5.08
C ALA C 471 -34.86 -14.10 6.26
N ALA C 472 -35.43 -14.14 7.47
CA ALA C 472 -34.64 -14.40 8.66
C ALA C 472 -33.87 -15.72 8.56
N ARG C 473 -34.50 -16.77 8.05
CA ARG C 473 -33.78 -18.03 7.91
C ARG C 473 -32.73 -17.92 6.82
N GLN C 474 -33.07 -17.28 5.70
CA GLN C 474 -32.19 -17.28 4.55
C GLN C 474 -30.95 -16.41 4.75
N VAL C 475 -31.01 -15.40 5.62
CA VAL C 475 -29.84 -14.53 5.75
C VAL C 475 -28.70 -15.24 6.47
N HIS C 476 -28.95 -16.43 7.05
CA HIS C 476 -27.85 -17.18 7.61
C HIS C 476 -26.83 -17.56 6.57
N LEU C 477 -27.16 -17.42 5.29
CA LEU C 477 -26.18 -17.65 4.23
C LEU C 477 -25.07 -16.58 4.24
N CYS C 478 -25.33 -15.42 4.83
CA CYS C 478 -24.43 -14.27 4.78
C CYS C 478 -23.63 -14.15 6.07
N ARG C 479 -22.31 -14.12 5.96
CA ARG C 479 -21.50 -14.04 7.17
C ARG C 479 -21.84 -12.76 7.94
N GLY C 480 -21.94 -12.92 9.25
CA GLY C 480 -22.03 -11.83 10.18
C GLY C 480 -23.44 -11.28 10.42
N VAL C 481 -24.46 -11.90 9.83
CA VAL C 481 -25.83 -11.44 9.99
C VAL C 481 -26.53 -12.33 11.00
N PHE C 482 -27.03 -11.71 12.06
CA PHE C 482 -27.75 -12.37 13.13
C PHE C 482 -29.23 -11.96 13.05
N PRO C 483 -30.09 -12.82 12.51
CA PRO C 483 -31.48 -12.40 12.21
C PRO C 483 -32.35 -12.36 13.46
N LEU C 484 -33.22 -11.36 13.51
CA LEU C 484 -34.19 -11.23 14.59
C LEU C 484 -35.58 -11.09 13.99
N LEU C 485 -36.41 -12.12 14.18
CA LEU C 485 -37.79 -12.09 13.69
C LEU C 485 -38.63 -11.23 14.61
N TYR C 486 -39.29 -10.22 14.04
CA TYR C 486 -40.18 -9.31 14.78
C TYR C 486 -41.63 -9.68 14.47
N ARG C 487 -42.45 -9.88 15.52
CA ARG C 487 -43.83 -10.33 15.37
C ARG C 487 -44.75 -9.44 16.21
N GLU C 488 -44.89 -8.19 15.79
CA GLU C 488 -45.86 -7.25 16.34
C GLU C 488 -46.56 -6.57 15.16
N PRO C 489 -47.86 -6.34 15.24
CA PRO C 489 -48.53 -5.64 14.14
C PRO C 489 -47.96 -4.24 13.98
N PRO C 490 -47.85 -3.73 12.75
CA PRO C 490 -47.24 -2.41 12.55
C PRO C 490 -47.82 -1.36 13.50
N GLU C 491 -46.99 -0.37 13.83
CA GLU C 491 -47.48 0.77 14.60
C GLU C 491 -48.22 1.71 13.68
N ALA C 492 -49.26 2.34 14.22
CA ALA C 492 -50.04 3.32 13.47
C ALA C 492 -49.15 4.29 12.70
N ILE C 493 -48.19 4.88 13.38
CA ILE C 493 -47.20 5.74 12.73
C ILE C 493 -45.97 4.92 12.37
N TRP C 494 -45.63 4.91 11.08
CA TRP C 494 -44.50 4.12 10.60
C TRP C 494 -43.22 4.45 11.37
N ALA C 495 -42.85 5.73 11.38
CA ALA C 495 -41.73 6.21 12.17
C ALA C 495 -41.70 5.57 13.55
N ASP C 496 -42.86 5.40 14.19
CA ASP C 496 -42.91 4.69 15.46
C ASP C 496 -42.65 3.19 15.26
N ASP C 497 -43.05 2.66 14.10
CA ASP C 497 -42.82 1.26 13.82
C ASP C 497 -41.33 0.98 13.67
N VAL C 498 -40.62 1.88 12.99
CA VAL C 498 -39.17 1.78 12.87
C VAL C 498 -38.52 1.74 14.25
N ASN C 499 -38.75 2.77 15.04
CA ASN C 499 -38.05 2.88 16.32
C ASN C 499 -38.36 1.72 17.22
N ARG C 500 -39.55 1.12 17.08
CA ARG C 500 -39.89 -0.02 17.90
C ARG C 500 -39.07 -1.24 17.51
N ARG C 501 -39.00 -1.52 16.20
CA ARG C 501 -38.12 -2.57 15.71
C ARG C 501 -36.67 -2.33 16.13
N VAL C 502 -36.21 -1.08 16.07
CA VAL C 502 -34.82 -0.80 16.44
C VAL C 502 -34.57 -1.13 17.90
N GLN C 503 -35.51 -0.77 18.79
CA GLN C 503 -35.37 -1.11 20.20
C GLN C 503 -35.46 -2.62 20.39
N PHE C 504 -36.31 -3.28 19.62
CA PHE C 504 -36.32 -4.74 19.62
C PHE C 504 -34.93 -5.27 19.27
N GLY C 505 -34.33 -4.72 18.21
CA GLY C 505 -32.94 -5.07 17.92
C GLY C 505 -32.04 -4.87 19.12
N ILE C 506 -32.14 -3.70 19.76
CA ILE C 506 -31.24 -3.40 20.87
C ILE C 506 -31.52 -4.31 22.05
N GLU C 507 -32.80 -4.52 22.39
CA GLU C 507 -33.14 -5.38 23.52
C GLU C 507 -32.64 -6.80 23.29
N SER C 508 -32.99 -7.40 22.15
CA SER C 508 -32.47 -8.71 21.82
C SER C 508 -30.96 -8.72 21.89
N GLY C 509 -30.31 -7.67 21.38
CA GLY C 509 -28.86 -7.64 21.37
C GLY C 509 -28.25 -7.61 22.76
N LYS C 510 -28.82 -6.80 23.65
CA LYS C 510 -28.34 -6.77 25.02
C LYS C 510 -28.47 -8.13 25.69
N LEU C 511 -29.62 -8.78 25.53
CA LEU C 511 -29.84 -10.05 26.22
C LEU C 511 -28.87 -11.10 25.72
N ARG C 512 -28.58 -11.11 24.42
CA ARG C 512 -27.74 -12.14 23.84
C ARG C 512 -26.26 -11.84 23.98
N GLY C 513 -25.88 -10.83 24.75
CA GLY C 513 -24.47 -10.53 24.94
C GLY C 513 -23.80 -9.79 23.81
N PHE C 514 -24.56 -9.37 22.80
CA PHE C 514 -24.00 -8.50 21.76
C PHE C 514 -23.72 -7.10 22.32
N LEU C 515 -24.71 -6.51 22.97
CA LEU C 515 -24.65 -5.13 23.40
C LEU C 515 -24.64 -5.02 24.91
N ARG C 516 -23.94 -3.99 25.41
CA ARG C 516 -24.03 -3.52 26.78
C ARG C 516 -24.36 -2.03 26.76
N VAL C 517 -24.91 -1.52 27.87
CA VAL C 517 -25.14 -0.09 27.97
C VAL C 517 -23.81 0.61 27.75
N GLY C 518 -23.85 1.76 27.07
CA GLY C 518 -22.65 2.51 26.75
C GLY C 518 -21.96 2.12 25.45
N ASP C 519 -22.28 0.96 24.88
CA ASP C 519 -21.78 0.64 23.55
C ASP C 519 -22.22 1.69 22.54
N LEU C 520 -21.57 1.68 21.39
CA LEU C 520 -22.02 2.40 20.21
C LEU C 520 -22.56 1.40 19.18
N VAL C 521 -23.67 1.76 18.53
CA VAL C 521 -24.19 0.96 17.43
C VAL C 521 -24.47 1.89 16.26
N ILE C 522 -24.48 1.29 15.07
CA ILE C 522 -24.85 1.96 13.85
C ILE C 522 -26.21 1.42 13.44
N VAL C 523 -27.17 2.31 13.21
CA VAL C 523 -28.56 1.94 12.92
C VAL C 523 -28.86 2.31 11.47
N VAL C 524 -29.35 1.34 10.71
CA VAL C 524 -29.58 1.49 9.28
C VAL C 524 -31.04 1.21 8.99
N THR C 525 -31.75 2.22 8.49
CA THR C 525 -33.17 2.13 8.21
C THR C 525 -33.44 2.82 6.89
N GLY C 526 -34.73 2.99 6.56
CA GLY C 526 -35.17 3.69 5.37
C GLY C 526 -36.03 4.89 5.69
N TRP C 527 -36.33 5.68 4.63
CA TRP C 527 -37.14 6.89 4.65
C TRP C 527 -38.61 6.65 4.27
N ARG C 528 -38.86 5.74 3.32
CA ARG C 528 -40.14 5.23 2.88
C ARG C 528 -40.27 3.75 3.24
N PRO C 529 -41.50 3.23 3.37
CA PRO C 529 -41.66 1.77 3.53
C PRO C 529 -41.73 0.97 2.23
N GLY C 532 -37.28 -1.69 -0.67
CA GLY C 532 -35.90 -1.54 -1.09
C GLY C 532 -35.44 -0.08 -1.13
N TYR C 533 -35.56 0.61 0.00
CA TYR C 533 -35.17 2.00 0.12
C TYR C 533 -34.36 2.24 1.38
N THR C 534 -33.49 1.32 1.79
CA THR C 534 -32.67 1.60 2.96
C THR C 534 -31.76 2.75 2.57
N ASN C 535 -31.69 3.80 3.40
CA ASN C 535 -30.84 4.91 2.96
C ASN C 535 -30.50 5.86 4.09
N ILE C 536 -30.57 5.44 5.35
CA ILE C 536 -30.25 6.26 6.50
C ILE C 536 -29.37 5.47 7.46
N MET C 537 -28.34 6.14 7.95
CA MET C 537 -27.50 5.63 9.01
C MET C 537 -27.45 6.61 10.16
N ARG C 538 -27.58 6.09 11.37
CA ARG C 538 -27.56 6.88 12.59
C ARG C 538 -26.61 6.23 13.58
N VAL C 539 -25.81 7.07 14.24
CA VAL C 539 -24.88 6.65 15.27
C VAL C 539 -25.57 6.81 16.60
N LEU C 540 -25.65 5.74 17.38
CA LEU C 540 -26.49 5.68 18.55
C LEU C 540 -25.72 5.08 19.71
N SER C 541 -25.97 5.62 20.89
CA SER C 541 -25.33 5.18 22.12
C SER C 541 -26.36 4.39 22.93
N ILE C 542 -25.95 3.25 23.48
CA ILE C 542 -26.91 2.34 24.09
C ILE C 542 -27.21 2.81 25.51
N SER C 543 -28.47 3.07 25.78
CA SER C 543 -28.94 3.45 27.11
C SER C 543 -29.24 2.21 27.94
N PHE D 24 23.48 10.27 12.50
CA PHE D 24 23.42 9.86 11.10
C PHE D 24 21.99 9.73 10.63
N PHE D 25 21.20 8.94 11.37
CA PHE D 25 19.81 8.72 10.98
C PHE D 25 18.92 9.89 11.34
N GLN D 26 19.46 10.94 11.94
CA GLN D 26 18.74 12.20 12.11
C GLN D 26 18.94 13.15 10.93
N GLN D 27 19.97 12.96 10.12
CA GLN D 27 20.22 13.76 8.96
C GLN D 27 19.48 13.23 7.75
N GLN D 28 19.60 13.99 6.65
CA GLN D 28 19.01 13.78 5.34
C GLN D 28 17.59 13.22 5.37
N GLN D 29 16.79 13.76 6.30
CA GLN D 29 15.36 13.43 6.44
C GLN D 29 15.11 11.92 6.59
N LEU D 30 16.05 11.18 7.21
CA LEU D 30 15.87 9.73 7.29
C LEU D 30 14.64 9.34 8.11
N PRO D 31 14.30 10.01 9.22
CA PRO D 31 13.00 9.71 9.87
C PRO D 31 11.81 9.82 8.93
N ALA D 32 11.75 10.86 8.08
CA ALA D 32 10.65 10.95 7.13
C ALA D 32 10.74 9.85 6.06
N ALA D 33 11.94 9.32 5.81
CA ALA D 33 12.13 8.35 4.74
C ALA D 33 11.48 7.02 5.07
N MET D 34 11.54 6.62 6.33
CA MET D 34 11.00 5.37 6.85
C MET D 34 9.54 5.45 7.27
N ALA D 35 8.88 6.59 7.07
CA ALA D 35 7.44 6.69 7.29
C ALA D 35 6.71 5.69 6.40
N ASP D 36 5.55 5.26 6.86
CA ASP D 36 4.73 4.26 6.19
C ASP D 36 3.76 4.84 5.19
N THR D 37 3.54 6.15 5.22
CA THR D 37 2.60 6.78 4.32
C THR D 37 3.21 8.09 3.87
N PHE D 38 2.74 8.58 2.74
CA PHE D 38 3.25 9.85 2.25
C PHE D 38 2.92 10.96 3.22
N LEU D 39 1.66 10.99 3.69
CA LEU D 39 1.22 11.99 4.65
C LEU D 39 2.06 11.95 5.92
N GLU D 40 2.35 10.76 6.41
CA GLU D 40 3.23 10.65 7.57
C GLU D 40 4.66 11.10 7.24
N HIS D 41 5.10 10.87 6.00
CA HIS D 41 6.39 11.36 5.57
C HIS D 41 6.43 12.90 5.58
N LEU D 42 5.38 13.54 5.02
CA LEU D 42 5.30 15.01 5.11
C LEU D 42 5.37 15.46 6.56
N CYS D 43 4.64 14.79 7.45
CA CYS D 43 4.60 15.20 8.86
C CYS D 43 5.96 15.05 9.53
N LEU D 44 6.86 14.23 9.00
CA LEU D 44 8.15 14.04 9.64
C LEU D 44 9.27 14.88 9.04
N LEU D 45 9.01 15.68 8.00
CA LEU D 45 10.09 16.52 7.46
C LEU D 45 10.53 17.52 8.52
N ASP D 46 11.82 17.82 8.54
CA ASP D 46 12.45 18.39 9.72
C ASP D 46 13.50 19.38 9.29
N ILE D 47 13.28 20.66 9.63
CA ILE D 47 14.20 21.72 9.22
C ILE D 47 15.57 21.59 9.88
N ASP D 48 15.72 20.79 10.95
CA ASP D 48 17.02 20.55 11.58
C ASP D 48 17.74 19.29 11.05
N SER D 49 17.11 18.53 10.14
CA SER D 49 17.74 17.39 9.49
C SER D 49 18.61 17.90 8.34
N GLU D 50 19.90 18.01 8.57
CA GLU D 50 20.73 18.60 7.53
C GLU D 50 20.98 17.61 6.40
N PRO D 51 20.98 18.09 5.15
CA PRO D 51 21.38 17.21 4.04
C PRO D 51 22.83 16.83 4.19
N VAL D 52 23.14 15.59 3.86
CA VAL D 52 24.51 15.12 3.78
C VAL D 52 24.91 14.81 2.34
N ALA D 53 24.02 14.22 1.56
CA ALA D 53 24.38 13.81 0.22
C ALA D 53 24.72 14.99 -0.67
N ALA D 54 25.55 14.73 -1.68
CA ALA D 54 25.88 15.70 -2.71
C ALA D 54 24.63 16.07 -3.51
N ARG D 55 24.51 17.36 -3.83
CA ARG D 55 23.41 17.84 -4.66
C ARG D 55 23.41 17.11 -5.99
N SER D 56 22.25 16.66 -6.40
CA SER D 56 22.13 15.73 -7.51
C SER D 56 21.40 16.28 -8.71
N THR D 57 20.45 17.20 -8.53
CA THR D 57 19.79 17.85 -9.64
C THR D 57 20.75 18.83 -10.32
N SER D 58 20.92 18.71 -11.62
CA SER D 58 21.82 19.59 -12.35
C SER D 58 21.22 21.00 -12.52
N ILE D 59 22.11 21.99 -12.55
CA ILE D 59 21.76 23.40 -12.69
C ILE D 59 22.24 23.88 -14.05
N ILE D 60 21.29 24.35 -14.83
CA ILE D 60 21.52 24.93 -16.13
C ILE D 60 21.50 26.45 -15.98
N ALA D 61 22.55 27.12 -16.43
CA ALA D 61 22.70 28.56 -16.33
C ALA D 61 22.77 29.12 -17.74
N THR D 62 21.87 30.04 -18.05
CA THR D 62 21.90 30.70 -19.34
C THR D 62 23.03 31.74 -19.37
N ILE D 63 23.83 31.70 -20.44
CA ILE D 63 24.95 32.62 -20.58
C ILE D 63 24.47 33.94 -21.18
N GLY D 64 24.91 35.06 -20.60
CA GLY D 64 24.67 36.37 -21.17
C GLY D 64 25.62 37.39 -20.58
N PRO D 65 25.33 38.69 -20.71
CA PRO D 65 26.29 39.71 -20.22
C PRO D 65 26.67 39.59 -18.75
N ALA D 66 25.76 39.18 -17.87
CA ALA D 66 26.10 38.97 -16.47
C ALA D 66 26.98 37.73 -16.25
N SER D 67 27.13 36.85 -17.24
CA SER D 67 27.75 35.56 -16.96
C SER D 67 28.67 35.08 -18.08
N ARG D 68 29.26 35.99 -18.84
CA ARG D 68 30.19 35.65 -19.91
C ARG D 68 31.65 35.70 -19.48
N SER D 69 32.04 36.55 -18.53
CA SER D 69 33.44 36.61 -18.14
C SER D 69 33.95 35.27 -17.60
N VAL D 70 35.22 34.94 -17.92
CA VAL D 70 35.84 33.69 -17.48
C VAL D 70 35.89 33.63 -15.96
N GLU D 71 36.28 34.74 -15.34
CA GLU D 71 36.25 34.86 -13.88
C GLU D 71 34.85 34.56 -13.33
N ARG D 72 33.85 35.13 -13.97
CA ARG D 72 32.48 34.95 -13.50
C ARG D 72 32.03 33.52 -13.69
N LEU D 73 32.32 32.94 -14.86
CA LEU D 73 31.97 31.54 -15.10
C LEU D 73 32.66 30.60 -14.13
N LYS D 74 33.88 30.92 -13.72
CA LYS D 74 34.54 30.11 -12.71
C LYS D 74 33.79 30.14 -11.39
N GLU D 75 33.37 31.34 -10.95
CA GLU D 75 32.61 31.45 -9.71
C GLU D 75 31.33 30.63 -9.80
N MET D 76 30.71 30.65 -10.98
CA MET D 76 29.46 29.94 -11.21
C MET D 76 29.65 28.44 -11.19
N ILE D 77 30.76 27.95 -11.71
CA ILE D 77 31.07 26.53 -11.66
C ILE D 77 31.26 26.09 -10.22
N LYS D 78 31.97 26.90 -9.43
CA LYS D 78 32.16 26.56 -8.02
C LYS D 78 30.83 26.58 -7.28
N ALA D 79 29.91 27.46 -7.68
CA ALA D 79 28.60 27.53 -7.08
C ALA D 79 27.70 26.38 -7.50
N GLY D 80 27.99 25.73 -8.64
CA GLY D 80 27.25 24.51 -8.98
C GLY D 80 26.69 24.39 -10.38
N MET D 81 26.94 25.40 -11.22
CA MET D 81 26.50 25.29 -12.61
C MET D 81 27.11 24.05 -13.25
N ASN D 82 26.27 23.24 -13.90
CA ASN D 82 26.70 22.00 -14.54
C ASN D 82 26.57 22.05 -16.05
N ILE D 83 25.71 22.94 -16.54
CA ILE D 83 25.36 23.05 -17.95
C ILE D 83 25.21 24.54 -18.27
N ALA D 84 25.96 25.01 -19.27
CA ALA D 84 25.81 26.37 -19.78
C ALA D 84 24.88 26.36 -20.98
N ARG D 85 23.86 27.21 -20.92
CA ARG D 85 22.85 27.32 -21.97
C ARG D 85 23.16 28.53 -22.85
N LEU D 86 23.28 28.28 -24.14
CA LEU D 86 23.44 29.35 -25.13
C LEU D 86 22.09 29.61 -25.77
N ASN D 87 21.58 30.83 -25.61
CA ASN D 87 20.26 31.17 -26.17
C ASN D 87 20.44 31.82 -27.52
N PHE D 88 20.16 31.08 -28.58
CA PHE D 88 20.30 31.61 -29.92
C PHE D 88 19.15 32.52 -30.34
N SER D 89 18.23 32.87 -29.44
CA SER D 89 17.28 33.92 -29.75
C SER D 89 17.95 35.26 -29.87
N HIS D 90 19.12 35.43 -29.24
CA HIS D 90 19.84 36.68 -29.20
C HIS D 90 21.33 36.40 -29.41
N GLY D 91 21.94 37.19 -30.27
CA GLY D 91 23.39 37.26 -30.38
C GLY D 91 23.82 36.53 -31.63
N SER D 92 24.83 37.08 -32.32
CA SER D 92 25.41 36.48 -33.50
C SER D 92 26.09 35.13 -33.19
N HIS D 93 26.42 34.39 -34.25
CA HIS D 93 27.30 33.23 -34.13
C HIS D 93 28.61 33.57 -33.44
N GLU D 94 29.20 34.71 -33.79
CA GLU D 94 30.45 35.12 -33.16
C GLU D 94 30.25 35.35 -31.68
N TYR D 95 29.15 36.01 -31.29
CA TYR D 95 28.81 36.18 -29.88
C TYR D 95 28.80 34.83 -29.14
N HIS D 96 28.19 33.83 -29.74
CA HIS D 96 28.07 32.54 -29.08
C HIS D 96 29.36 31.75 -29.14
N ALA D 97 30.14 31.93 -30.21
CA ALA D 97 31.44 31.28 -30.26
C ALA D 97 32.29 31.72 -29.08
N GLU D 98 32.17 32.99 -28.72
CA GLU D 98 32.92 33.53 -27.59
C GLU D 98 32.40 33.01 -26.25
N SER D 99 31.08 32.82 -26.13
CA SER D 99 30.49 32.21 -24.93
C SER D 99 31.03 30.81 -24.72
N ILE D 100 30.95 29.98 -25.75
CA ILE D 100 31.59 28.67 -25.75
C ILE D 100 33.05 28.80 -25.33
N ALA D 101 33.81 29.68 -26.00
CA ALA D 101 35.22 29.85 -25.69
C ALA D 101 35.43 30.06 -24.20
N ASN D 102 34.65 30.98 -23.59
CA ASN D 102 34.90 31.37 -22.19
C ASN D 102 34.51 30.27 -21.20
N VAL D 103 33.39 29.58 -21.46
CA VAL D 103 33.03 28.40 -20.67
C VAL D 103 34.16 27.36 -20.70
N ARG D 104 34.66 27.03 -21.90
CA ARG D 104 35.74 26.03 -21.99
C ARG D 104 37.00 26.49 -21.28
N GLU D 105 37.33 27.79 -21.37
CA GLU D 105 38.52 28.27 -20.69
C GLU D 105 38.33 28.28 -19.17
N ALA D 106 37.16 28.72 -18.70
CA ALA D 106 36.87 28.65 -17.27
C ALA D 106 37.04 27.21 -16.76
N VAL D 107 36.53 26.24 -17.53
CA VAL D 107 36.64 24.84 -17.13
C VAL D 107 38.09 24.41 -17.05
N GLU D 108 38.91 24.80 -18.03
CA GLU D 108 40.29 24.34 -18.11
C GLU D 108 41.19 25.05 -17.11
N SER D 109 40.82 26.24 -16.66
CA SER D 109 41.71 27.00 -15.79
C SER D 109 41.57 26.62 -14.32
N PHE D 110 41.13 25.40 -14.04
CA PHE D 110 41.21 24.89 -12.66
C PHE D 110 42.43 23.99 -12.49
N TYR D 117 38.11 17.55 -11.28
CA TYR D 117 37.86 18.13 -12.60
C TYR D 117 36.38 18.48 -12.71
N ARG D 118 36.05 19.46 -13.54
CA ARG D 118 34.72 20.07 -13.56
C ARG D 118 34.10 20.02 -14.95
N PRO D 119 33.61 18.87 -15.38
CA PRO D 119 32.94 18.85 -16.70
C PRO D 119 31.69 19.71 -16.68
N VAL D 120 31.62 20.68 -17.60
CA VAL D 120 30.44 21.51 -17.82
C VAL D 120 29.89 21.23 -19.21
N ALA D 121 28.65 20.79 -19.30
CA ALA D 121 28.03 20.62 -20.61
C ALA D 121 27.66 21.98 -21.21
N ILE D 122 27.58 22.00 -22.54
CA ILE D 122 27.20 23.19 -23.29
C ILE D 122 26.02 22.85 -24.17
N ALA D 123 24.93 23.60 -23.99
CA ALA D 123 23.65 23.36 -24.65
C ALA D 123 23.29 24.53 -25.55
N LEU D 124 22.85 24.23 -26.76
CA LEU D 124 22.42 25.21 -27.73
C LEU D 124 20.90 25.20 -27.78
N ASP D 125 20.31 26.34 -27.44
CA ASP D 125 18.86 26.50 -27.36
C ASP D 125 18.42 27.27 -28.60
N THR D 126 17.69 26.61 -29.49
CA THR D 126 17.44 27.18 -30.81
C THR D 126 16.46 28.35 -30.71
N LYS D 127 16.61 29.27 -31.68
CA LYS D 127 15.70 30.41 -31.77
C LYS D 127 14.28 29.94 -32.08
N GLY D 128 14.12 29.09 -33.07
CA GLY D 128 12.84 28.56 -33.43
C GLY D 128 11.91 29.64 -33.93
N PRO D 129 10.66 29.25 -34.21
CA PRO D 129 9.65 30.24 -34.63
C PRO D 129 9.56 31.37 -33.64
N GLU D 130 10.02 32.56 -34.01
CA GLU D 130 10.18 33.63 -33.04
C GLU D 130 9.79 34.96 -33.64
N ILE D 131 9.24 35.82 -32.78
CA ILE D 131 8.83 37.16 -33.14
C ILE D 131 9.30 38.13 -32.07
N ARG D 132 9.89 39.24 -32.49
CA ARG D 132 10.52 40.17 -31.57
C ARG D 132 10.10 41.58 -31.93
N THR D 133 10.32 42.50 -30.98
CA THR D 133 10.09 43.93 -31.17
C THR D 133 10.66 44.40 -32.51
N LEU D 233 11.23 24.17 -38.63
CA LEU D 233 12.65 24.45 -38.46
C LEU D 233 13.15 25.44 -39.52
N SER D 234 13.48 26.66 -39.10
CA SER D 234 13.78 27.74 -40.03
C SER D 234 15.14 27.54 -40.70
N GLU D 235 15.38 28.36 -41.74
CA GLU D 235 16.73 28.49 -42.30
C GLU D 235 17.71 28.89 -41.21
N GLN D 236 17.28 29.74 -40.27
CA GLN D 236 18.18 30.20 -39.23
C GLN D 236 18.54 29.08 -38.27
N ASP D 237 17.54 28.29 -37.83
CA ASP D 237 17.82 27.21 -36.90
C ASP D 237 18.84 26.25 -37.48
N VAL D 238 18.74 25.97 -38.78
CA VAL D 238 19.64 25.01 -39.41
C VAL D 238 21.08 25.51 -39.39
N ARG D 239 21.26 26.79 -39.69
CA ARG D 239 22.60 27.36 -39.62
C ARG D 239 23.10 27.32 -38.18
N ASP D 240 22.21 27.59 -37.21
CA ASP D 240 22.58 27.53 -35.80
C ASP D 240 22.98 26.11 -35.41
N LEU D 241 22.23 25.13 -35.86
CA LEU D 241 22.55 23.74 -35.49
C LEU D 241 23.88 23.32 -36.10
N ARG D 242 24.07 23.61 -37.39
CA ARG D 242 25.35 23.32 -38.03
C ARG D 242 26.48 24.06 -37.32
N PHE D 243 26.26 25.31 -36.94
CA PHE D 243 27.26 26.00 -36.13
C PHE D 243 27.50 25.25 -34.83
N GLY D 244 26.45 24.66 -34.25
CA GLY D 244 26.63 23.95 -33.00
C GLY D 244 27.51 22.74 -33.16
N VAL D 245 27.27 21.95 -34.21
CA VAL D 245 28.15 20.81 -34.49
C VAL D 245 29.58 21.31 -34.66
N GLU D 246 29.76 22.38 -35.44
CA GLU D 246 31.10 22.89 -35.69
C GLU D 246 31.83 23.17 -34.38
N HIS D 247 31.11 23.62 -33.36
CA HIS D 247 31.76 23.98 -32.10
C HIS D 247 31.59 22.93 -31.03
N GLY D 248 31.19 21.72 -31.40
CA GLY D 248 31.10 20.62 -30.45
C GLY D 248 30.18 20.85 -29.27
N VAL D 249 28.99 21.42 -29.48
CA VAL D 249 28.01 21.49 -28.36
C VAL D 249 27.57 20.07 -27.99
N ASP D 250 27.15 19.90 -26.74
CA ASP D 250 26.79 18.56 -26.27
C ASP D 250 25.30 18.27 -26.35
N ILE D 251 24.47 19.32 -26.30
CA ILE D 251 23.02 19.21 -26.15
C ILE D 251 22.36 20.27 -27.03
N VAL D 252 21.25 19.90 -27.64
CA VAL D 252 20.35 20.90 -28.25
C VAL D 252 19.03 20.90 -27.48
N PHE D 253 18.62 22.10 -27.05
CA PHE D 253 17.25 22.37 -26.61
C PHE D 253 16.49 22.88 -27.83
N ALA D 254 15.61 22.04 -28.35
CA ALA D 254 14.92 22.28 -29.61
C ALA D 254 13.59 23.00 -29.34
N SER D 255 13.49 24.22 -29.82
CA SER D 255 12.36 25.06 -29.48
C SER D 255 11.11 24.64 -30.22
N PHE D 256 9.98 24.77 -29.53
CA PHE D 256 8.66 24.56 -30.10
C PHE D 256 8.54 23.23 -30.85
N VAL D 257 8.87 22.16 -30.17
CA VAL D 257 8.63 20.84 -30.73
C VAL D 257 7.16 20.51 -30.52
N ARG D 258 6.49 20.16 -31.62
CA ARG D 258 5.07 19.88 -31.65
C ARG D 258 4.76 18.43 -31.99
N LYS D 259 5.71 17.68 -32.53
CA LYS D 259 5.46 16.36 -33.07
C LYS D 259 6.80 15.71 -33.37
N ALA D 260 6.76 14.41 -33.66
CA ALA D 260 7.98 13.64 -33.80
C ALA D 260 8.79 14.06 -35.02
N SER D 261 8.15 14.39 -36.13
CA SER D 261 8.93 14.78 -37.30
C SER D 261 9.79 16.01 -37.00
N ASP D 262 9.29 16.94 -36.18
CA ASP D 262 10.09 18.11 -35.80
C ASP D 262 11.42 17.71 -35.19
N VAL D 263 11.42 16.65 -34.37
CA VAL D 263 12.69 16.21 -33.81
C VAL D 263 13.58 15.58 -34.88
N ALA D 264 12.97 14.90 -35.86
CA ALA D 264 13.75 14.32 -36.95
C ALA D 264 14.37 15.40 -37.81
N ALA D 265 13.66 16.50 -38.01
CA ALA D 265 14.23 17.63 -38.74
C ALA D 265 15.48 18.12 -38.05
N VAL D 266 15.51 18.07 -36.72
CA VAL D 266 16.65 18.58 -35.97
C VAL D 266 17.82 17.60 -36.02
N ARG D 267 17.57 16.29 -35.94
CA ARG D 267 18.68 15.37 -36.05
C ARG D 267 19.22 15.34 -37.48
N ALA D 268 18.35 15.57 -38.48
CA ALA D 268 18.82 15.77 -39.85
C ALA D 268 19.70 17.02 -39.96
N ALA D 269 19.23 18.14 -39.41
CA ALA D 269 20.02 19.36 -39.41
C ALA D 269 21.40 19.15 -38.81
N LEU D 270 21.48 18.36 -37.74
CA LEU D 270 22.75 18.15 -37.07
C LEU D 270 23.68 17.29 -37.90
N GLY D 271 23.11 16.37 -38.68
CA GLY D 271 23.86 15.61 -39.64
C GLY D 271 24.69 14.51 -39.03
N PRO D 272 25.59 13.94 -39.84
CA PRO D 272 26.33 12.75 -39.39
C PRO D 272 27.38 13.06 -38.34
N GLU D 273 28.01 14.23 -38.44
CA GLU D 273 28.94 14.65 -37.41
C GLU D 273 28.26 15.04 -36.11
N GLY D 274 26.93 15.18 -36.10
CA GLY D 274 26.22 15.57 -34.89
C GLY D 274 25.49 14.44 -34.21
N HIS D 275 25.87 13.19 -34.50
CA HIS D 275 25.02 12.07 -34.12
C HIS D 275 25.02 11.83 -32.63
N GLY D 276 26.12 12.10 -31.96
CA GLY D 276 26.18 11.96 -30.53
C GLY D 276 25.59 13.11 -29.74
N ILE D 277 25.10 14.16 -30.40
CA ILE D 277 24.49 15.30 -29.70
C ILE D 277 23.10 14.91 -29.18
N LYS D 278 22.87 15.12 -27.90
CA LYS D 278 21.56 14.86 -27.30
C LYS D 278 20.54 15.93 -27.67
N ILE D 279 19.32 15.49 -27.93
CA ILE D 279 18.26 16.38 -28.36
C ILE D 279 17.22 16.38 -27.25
N ILE D 280 17.11 17.53 -26.57
CA ILE D 280 16.09 17.78 -25.55
C ILE D 280 15.02 18.66 -26.19
N SER D 281 13.82 18.13 -26.30
CA SER D 281 12.72 18.80 -26.98
C SER D 281 11.98 19.72 -26.01
N LYS D 282 11.81 20.97 -26.41
CA LYS D 282 11.10 21.96 -25.59
C LYS D 282 9.61 21.91 -25.88
N ILE D 283 8.82 21.65 -24.85
CA ILE D 283 7.38 21.62 -24.98
C ILE D 283 6.88 22.97 -24.53
N GLU D 284 6.28 23.71 -25.47
CA GLU D 284 6.02 25.13 -25.32
C GLU D 284 4.62 25.51 -25.70
N ASN D 285 3.81 24.58 -26.16
CA ASN D 285 2.47 24.92 -26.61
C ASN D 285 1.56 23.70 -26.46
N HIS D 286 0.29 23.92 -26.79
CA HIS D 286 -0.72 22.89 -26.60
C HIS D 286 -0.41 21.65 -27.43
N GLU D 287 -0.01 21.84 -28.69
CA GLU D 287 0.20 20.67 -29.55
C GLU D 287 1.30 19.78 -28.99
N GLY D 288 2.37 20.37 -28.49
CA GLY D 288 3.43 19.56 -27.93
C GLY D 288 3.00 18.83 -26.68
N VAL D 289 2.18 19.46 -25.86
CA VAL D 289 1.65 18.79 -24.69
C VAL D 289 0.77 17.59 -25.11
N LYS D 290 -0.09 17.78 -26.11
CA LYS D 290 -0.99 16.72 -26.55
C LYS D 290 -0.22 15.57 -27.19
N ARG D 291 0.76 15.87 -28.04
CA ARG D 291 1.55 14.86 -28.72
C ARG D 291 2.81 14.53 -27.94
N PHE D 292 2.83 14.81 -26.65
CA PHE D 292 4.01 14.59 -25.83
C PHE D 292 4.57 13.17 -25.94
N ASP D 293 3.72 12.15 -25.92
CA ASP D 293 4.23 10.78 -25.88
C ASP D 293 5.06 10.45 -27.12
N GLU D 294 4.58 10.87 -28.29
CA GLU D 294 5.34 10.66 -29.52
C GLU D 294 6.60 11.53 -29.54
N ILE D 295 6.54 12.72 -28.94
CA ILE D 295 7.74 13.54 -28.86
C ILE D 295 8.78 12.86 -28.00
N LEU D 296 8.36 12.35 -26.84
CA LEU D 296 9.31 11.77 -25.89
C LEU D 296 9.92 10.49 -26.45
N GLU D 297 9.11 9.70 -27.15
CA GLU D 297 9.59 8.47 -27.76
C GLU D 297 10.87 8.73 -28.55
N VAL D 298 10.91 9.81 -29.33
CA VAL D 298 12.01 10.03 -30.25
C VAL D 298 13.06 11.00 -29.73
N SER D 299 12.90 11.54 -28.53
CA SER D 299 13.82 12.53 -28.01
C SER D 299 14.72 11.92 -26.95
N ASP D 300 15.87 12.56 -26.69
CA ASP D 300 16.69 12.16 -25.56
C ASP D 300 16.14 12.63 -24.22
N GLY D 301 15.31 13.65 -24.23
CA GLY D 301 14.77 14.24 -23.02
C GLY D 301 13.84 15.38 -23.36
N ILE D 302 13.39 16.07 -22.31
CA ILE D 302 12.33 17.07 -22.42
C ILE D 302 12.69 18.30 -21.59
N MET D 303 12.31 19.47 -22.10
CA MET D 303 12.32 20.67 -21.28
C MET D 303 10.88 21.16 -21.12
N VAL D 304 10.42 21.27 -19.88
CA VAL D 304 9.16 21.93 -19.60
C VAL D 304 9.44 23.43 -19.70
N ALA D 305 9.15 24.03 -20.86
CA ALA D 305 9.54 25.41 -21.15
C ALA D 305 8.38 26.34 -20.76
N ARG D 306 8.34 26.68 -19.46
CA ARG D 306 7.10 27.25 -18.92
C ARG D 306 6.83 28.67 -19.40
N GLY D 307 7.87 29.40 -19.81
CA GLY D 307 7.70 30.75 -20.31
C GLY D 307 6.67 30.86 -21.42
N ASP D 308 6.95 30.19 -22.53
CA ASP D 308 6.02 30.23 -23.66
C ASP D 308 4.81 29.36 -23.41
N LEU D 309 5.00 28.20 -22.79
CA LEU D 309 3.85 27.36 -22.42
C LEU D 309 2.81 28.18 -21.63
N GLY D 310 3.25 28.91 -20.61
CA GLY D 310 2.33 29.70 -19.82
C GLY D 310 1.68 30.88 -20.56
N ILE D 311 2.06 31.15 -21.81
CA ILE D 311 1.31 32.10 -22.61
C ILE D 311 0.46 31.35 -23.61
N GLU D 312 0.98 30.21 -24.10
CA GLU D 312 0.22 29.47 -25.10
C GLU D 312 -0.97 28.71 -24.52
N ILE D 313 -0.85 28.22 -23.30
CA ILE D 313 -2.00 27.65 -22.60
C ILE D 313 -2.27 28.54 -21.38
N PRO D 314 -3.44 28.44 -20.77
CA PRO D 314 -3.70 29.22 -19.55
C PRO D 314 -2.59 29.02 -18.53
N ALA D 315 -2.19 30.12 -17.89
CA ALA D 315 -1.10 30.08 -16.93
C ALA D 315 -1.38 29.12 -15.78
N GLU D 316 -2.66 29.04 -15.36
CA GLU D 316 -3.09 28.23 -14.24
C GLU D 316 -3.10 26.74 -14.58
N LYS D 317 -2.82 26.35 -15.82
CA LYS D 317 -2.71 24.94 -16.19
C LYS D 317 -1.27 24.45 -16.32
N VAL D 318 -0.28 25.33 -16.21
CA VAL D 318 1.09 24.92 -16.49
C VAL D 318 1.56 23.84 -15.53
N PHE D 319 1.19 23.95 -14.25
CA PHE D 319 1.64 22.98 -13.26
C PHE D 319 1.14 21.58 -13.60
N LEU D 320 -0.03 21.46 -14.23
CA LEU D 320 -0.51 20.14 -14.66
C LEU D 320 0.39 19.58 -15.74
N ALA D 321 0.68 20.38 -16.76
CA ALA D 321 1.59 19.95 -17.82
C ALA D 321 2.95 19.61 -17.27
N GLN D 322 3.47 20.45 -16.37
CA GLN D 322 4.78 20.18 -15.77
C GLN D 322 4.82 18.84 -15.03
N LYS D 323 3.81 18.59 -14.17
CA LYS D 323 3.81 17.41 -13.31
C LYS D 323 3.65 16.15 -14.15
N MET D 324 2.79 16.23 -15.17
CA MET D 324 2.60 15.10 -16.09
C MET D 324 3.88 14.77 -16.80
N MET D 325 4.53 15.79 -17.39
CA MET D 325 5.68 15.54 -18.25
C MET D 325 6.86 15.05 -17.44
N ILE D 326 7.09 15.63 -16.26
CA ILE D 326 8.13 15.10 -15.37
C ILE D 326 7.80 13.66 -14.99
N GLY D 327 6.52 13.36 -14.77
CA GLY D 327 6.14 12.01 -14.38
C GLY D 327 6.37 11.02 -15.51
N ARG D 328 5.99 11.40 -16.72
CA ARG D 328 6.15 10.50 -17.85
C ARG D 328 7.62 10.33 -18.20
N CYS D 329 8.42 11.41 -18.13
CA CYS D 329 9.85 11.28 -18.34
C CYS D 329 10.49 10.39 -17.28
N ASN D 330 10.08 10.53 -16.01
CA ASN D 330 10.58 9.68 -14.93
C ASN D 330 10.31 8.22 -15.23
N LEU D 331 9.10 7.93 -15.68
CA LEU D 331 8.68 6.58 -16.02
C LEU D 331 9.49 6.04 -17.19
N ALA D 332 9.82 6.90 -18.15
CA ALA D 332 10.56 6.53 -19.35
C ALA D 332 12.05 6.49 -19.12
N GLY D 333 12.54 6.94 -17.96
CA GLY D 333 13.97 7.00 -17.75
C GLY D 333 14.71 8.04 -18.59
N LYS D 334 14.04 9.04 -19.12
CA LYS D 334 14.67 10.12 -19.89
C LYS D 334 14.67 11.43 -19.13
N PRO D 335 15.74 12.24 -19.26
CA PRO D 335 15.85 13.46 -18.45
C PRO D 335 14.82 14.52 -18.80
N VAL D 336 14.51 15.31 -17.79
CA VAL D 336 13.48 16.32 -17.89
C VAL D 336 14.00 17.55 -17.17
N VAL D 337 13.87 18.70 -17.83
CA VAL D 337 14.31 20.01 -17.34
C VAL D 337 13.07 20.80 -16.95
N CYS D 338 13.08 21.43 -15.80
CA CYS D 338 12.09 22.44 -15.48
C CYS D 338 12.71 23.82 -15.70
N ALA D 339 12.01 24.68 -16.43
CA ALA D 339 12.65 25.94 -16.81
C ALA D 339 11.75 27.14 -16.64
N THR D 340 12.38 28.27 -16.35
CA THR D 340 11.93 29.64 -16.58
C THR D 340 11.28 30.26 -15.35
N GLN D 341 11.82 31.41 -14.93
CA GLN D 341 11.30 32.22 -13.84
C GLN D 341 11.33 31.53 -12.48
N MET D 342 12.23 30.55 -12.30
CA MET D 342 12.29 29.79 -11.05
C MET D 342 12.74 30.67 -9.91
N LEU D 343 13.64 31.61 -10.20
CA LEU D 343 14.12 32.55 -9.20
C LEU D 343 14.10 33.96 -9.79
N GLU D 344 13.03 34.29 -10.52
CA GLU D 344 13.01 35.48 -11.37
C GLU D 344 13.42 36.75 -10.64
N SER D 345 12.90 36.95 -9.43
CA SER D 345 13.15 38.20 -8.72
C SER D 345 14.64 38.43 -8.45
N MET D 346 15.45 37.37 -8.50
CA MET D 346 16.89 37.51 -8.21
C MET D 346 17.63 38.22 -9.34
N ILE D 347 16.95 38.52 -10.45
CA ILE D 347 17.53 39.37 -11.47
C ILE D 347 17.91 40.73 -10.86
N THR D 348 17.07 41.25 -9.95
CA THR D 348 17.34 42.51 -9.28
C THR D 348 17.50 42.41 -7.77
N LYS D 349 17.14 41.30 -7.13
CA LYS D 349 17.23 41.20 -5.68
C LYS D 349 18.23 40.14 -5.24
N PRO D 350 18.94 40.35 -4.13
CA PRO D 350 19.94 39.37 -3.71
C PRO D 350 19.36 38.11 -3.09
N ARG D 351 18.04 38.06 -2.84
CA ARG D 351 17.35 36.94 -2.16
C ARG D 351 16.03 36.70 -2.89
N PRO D 352 15.61 35.44 -3.01
CA PRO D 352 14.40 35.13 -3.78
C PRO D 352 13.12 35.30 -2.97
N THR D 353 11.97 35.20 -3.66
CA THR D 353 10.68 35.19 -2.98
C THR D 353 10.38 33.80 -2.42
N ARG D 354 9.35 33.74 -1.58
CA ARG D 354 8.95 32.48 -0.99
C ARG D 354 8.34 31.55 -2.03
N ALA D 355 7.65 32.10 -3.04
CA ALA D 355 7.11 31.24 -4.12
C ALA D 355 8.21 30.69 -5.02
N GLU D 356 9.31 31.43 -5.12
CA GLU D 356 10.40 30.99 -5.97
C GLU D 356 11.15 29.82 -5.35
N THR D 357 11.52 29.92 -4.07
CA THR D 357 12.18 28.81 -3.43
C THR D 357 11.25 27.60 -3.44
N SER D 358 9.95 27.85 -3.21
CA SER D 358 8.95 26.79 -3.27
C SER D 358 8.99 26.07 -4.62
N ASP D 359 9.07 26.84 -5.70
CA ASP D 359 8.96 26.32 -7.04
C ASP D 359 10.17 25.46 -7.38
N VAL D 360 11.35 25.89 -6.96
CA VAL D 360 12.55 25.06 -7.15
C VAL D 360 12.38 23.75 -6.38
N ALA D 361 11.96 23.83 -5.11
CA ALA D 361 11.87 22.62 -4.31
C ALA D 361 10.87 21.66 -4.94
N ASN D 362 9.70 22.17 -5.32
CA ASN D 362 8.68 21.33 -5.91
C ASN D 362 9.07 20.76 -7.27
N ALA D 363 9.89 21.47 -8.04
CA ALA D 363 10.36 20.89 -9.28
C ALA D 363 11.24 19.68 -8.98
N VAL D 364 12.08 19.77 -7.95
CA VAL D 364 12.91 18.65 -7.56
C VAL D 364 12.04 17.52 -7.02
N LEU D 365 11.14 17.84 -6.08
CA LEU D 365 10.18 16.87 -5.57
C LEU D 365 9.32 16.28 -6.68
N ASP D 366 9.04 17.05 -7.74
CA ASP D 366 8.19 16.53 -8.79
C ASP D 366 8.91 15.45 -9.61
N GLY D 367 10.25 15.47 -9.58
CA GLY D 367 11.05 14.50 -10.31
C GLY D 367 11.97 15.04 -11.39
N ALA D 368 12.20 16.36 -11.42
CA ALA D 368 13.05 16.96 -12.46
C ALA D 368 14.52 16.56 -12.32
N ASP D 369 15.14 16.24 -13.45
CA ASP D 369 16.57 15.97 -13.45
C ASP D 369 17.38 17.25 -13.41
N CYS D 370 16.85 18.28 -14.04
CA CYS D 370 17.56 19.54 -14.21
C CYS D 370 16.64 20.71 -13.89
N ILE D 371 17.19 21.72 -13.24
CA ILE D 371 16.52 23.01 -13.03
C ILE D 371 17.35 24.09 -13.73
N MET D 372 16.67 25.13 -14.20
CA MET D 372 17.32 26.12 -15.03
C MET D 372 17.14 27.53 -14.52
N LEU D 373 18.13 28.34 -14.90
CA LEU D 373 18.14 29.80 -14.72
C LEU D 373 18.29 30.45 -16.08
N SER D 374 17.49 31.50 -16.33
CA SER D 374 17.52 32.23 -17.58
C SER D 374 18.01 33.62 -17.28
N GLY D 375 17.15 34.66 -17.27
CA GLY D 375 17.58 36.01 -16.98
C GLY D 375 18.37 36.15 -15.70
N GLU D 376 18.09 35.31 -14.71
CA GLU D 376 18.78 35.36 -13.43
C GLU D 376 20.30 35.22 -13.57
N THR D 377 20.76 34.46 -14.57
CA THR D 377 22.19 34.37 -14.83
C THR D 377 22.62 35.13 -16.07
N ALA D 378 21.76 35.25 -17.06
CA ALA D 378 22.13 35.88 -18.32
C ALA D 378 22.30 37.37 -18.16
N LYS D 379 21.39 38.04 -17.43
CA LYS D 379 21.36 39.50 -17.39
C LYS D 379 21.25 40.14 -16.01
N GLY D 380 20.97 39.39 -14.97
CA GLY D 380 20.69 39.99 -13.67
C GLY D 380 21.94 40.33 -12.91
N ASN D 381 21.72 40.94 -11.74
CA ASN D 381 22.83 41.41 -10.91
C ASN D 381 23.35 40.40 -9.90
N PHE D 382 22.74 39.18 -9.83
CA PHE D 382 23.16 38.20 -8.83
C PHE D 382 23.24 36.80 -9.44
N PRO D 383 23.97 36.64 -10.55
CA PRO D 383 24.10 35.30 -11.15
C PRO D 383 24.69 34.26 -10.22
N VAL D 384 25.78 34.56 -9.52
CA VAL D 384 26.39 33.55 -8.67
C VAL D 384 25.44 33.19 -7.54
N GLU D 385 24.83 34.19 -6.92
CA GLU D 385 23.91 33.93 -5.83
C GLU D 385 22.71 33.10 -6.27
N ALA D 386 22.25 33.29 -7.51
CA ALA D 386 21.14 32.51 -8.02
C ALA D 386 21.52 31.04 -8.13
N VAL D 387 22.70 30.75 -8.70
CA VAL D 387 23.20 29.36 -8.76
C VAL D 387 23.26 28.77 -7.37
N LYS D 388 23.94 29.48 -6.46
CA LYS D 388 24.04 29.02 -5.07
C LYS D 388 22.67 28.78 -4.47
N MET D 389 21.71 29.64 -4.76
CA MET D 389 20.41 29.44 -4.14
C MET D 389 19.76 28.18 -4.70
N GLN D 390 19.89 27.92 -6.00
CA GLN D 390 19.32 26.69 -6.54
C GLN D 390 20.01 25.48 -5.94
N HIS D 391 21.34 25.56 -5.76
CA HIS D 391 22.07 24.41 -5.20
C HIS D 391 21.54 24.09 -3.80
N ALA D 392 21.36 25.13 -2.99
CA ALA D 392 20.93 24.98 -1.59
C ALA D 392 19.53 24.40 -1.52
N ILE D 393 18.60 24.91 -2.34
CA ILE D 393 17.24 24.39 -2.33
C ILE D 393 17.21 22.95 -2.83
N ALA D 394 17.81 22.73 -4.00
CA ALA D 394 17.86 21.39 -4.57
C ALA D 394 18.39 20.37 -3.58
N ARG D 395 19.43 20.73 -2.82
CA ARG D 395 20.00 19.82 -1.84
C ARG D 395 18.97 19.45 -0.78
N GLU D 396 18.24 20.44 -0.24
CA GLU D 396 17.22 20.13 0.76
C GLU D 396 16.11 19.27 0.19
N ALA D 397 15.66 19.60 -1.01
CA ALA D 397 14.49 18.94 -1.57
C ALA D 397 14.80 17.49 -1.90
N GLU D 398 16.04 17.25 -2.36
CA GLU D 398 16.46 15.89 -2.70
C GLU D 398 16.45 14.97 -1.49
N ALA D 399 16.87 15.46 -0.34
CA ALA D 399 16.79 14.68 0.88
C ALA D 399 15.33 14.39 1.27
N ALA D 400 14.40 15.27 0.89
CA ALA D 400 13.01 15.15 1.26
C ALA D 400 12.22 14.24 0.32
N VAL D 401 12.87 13.71 -0.71
CA VAL D 401 12.23 12.75 -1.59
C VAL D 401 11.85 11.50 -0.80
N TYR D 402 10.64 11.01 -1.04
CA TYR D 402 10.10 9.87 -0.32
C TYR D 402 10.39 8.65 -1.19
N HIS D 403 11.64 8.18 -1.11
CA HIS D 403 12.13 7.14 -2.01
C HIS D 403 11.31 5.87 -1.88
N ARG D 404 10.96 5.48 -0.66
CA ARG D 404 10.16 4.27 -0.46
C ARG D 404 8.96 4.22 -1.40
N GLN D 405 8.21 5.32 -1.51
CA GLN D 405 7.08 5.27 -2.44
C GLN D 405 7.58 5.29 -3.88
N LEU D 406 8.48 6.23 -4.19
CA LEU D 406 8.88 6.44 -5.57
C LEU D 406 9.56 5.17 -6.14
N PHE D 407 10.54 4.63 -5.41
CA PHE D 407 11.22 3.44 -5.91
C PHE D 407 10.21 2.32 -6.16
N GLU D 408 9.32 2.10 -5.19
CA GLU D 408 8.26 1.10 -5.30
C GLU D 408 7.33 1.35 -6.48
N GLU D 409 6.90 2.61 -6.69
CA GLU D 409 6.00 2.87 -7.82
C GLU D 409 6.75 2.76 -9.15
N LEU D 410 8.04 3.17 -9.19
CA LEU D 410 8.83 2.99 -10.41
C LEU D 410 8.98 1.51 -10.75
N ARG D 411 9.20 0.66 -9.73
CA ARG D 411 9.24 -0.79 -9.89
C ARG D 411 7.99 -1.33 -10.59
N ARG D 412 6.82 -1.17 -9.96
CA ARG D 412 5.61 -1.83 -10.47
C ARG D 412 5.41 -1.53 -11.95
N ALA D 413 5.45 -0.23 -12.30
CA ALA D 413 5.08 0.21 -13.65
C ALA D 413 6.17 -0.09 -14.67
N ALA D 414 7.44 0.01 -14.29
CA ALA D 414 8.53 -0.32 -15.19
C ALA D 414 8.45 -1.79 -15.62
N PRO D 415 8.78 -2.09 -16.87
CA PRO D 415 8.48 -3.42 -17.41
C PRO D 415 9.55 -4.46 -17.10
N LEU D 416 9.11 -5.69 -16.88
CA LEU D 416 10.04 -6.80 -16.93
C LEU D 416 11.06 -6.50 -18.03
N SER D 417 12.32 -6.74 -17.73
CA SER D 417 13.42 -6.40 -18.63
C SER D 417 14.36 -7.58 -18.74
N ARG D 418 14.72 -7.94 -19.97
CA ARG D 418 15.74 -8.92 -20.24
C ARG D 418 17.08 -8.27 -20.65
N ASP D 419 17.25 -6.97 -20.43
CA ASP D 419 18.52 -6.31 -20.72
C ASP D 419 19.42 -6.36 -19.50
N PRO D 420 20.60 -6.97 -19.58
CA PRO D 420 21.40 -7.15 -18.36
C PRO D 420 21.79 -5.87 -17.68
N THR D 421 21.95 -4.77 -18.44
CA THR D 421 22.27 -3.50 -17.82
C THR D 421 21.11 -2.99 -16.96
N GLU D 422 19.86 -3.12 -17.44
CA GLU D 422 18.74 -2.64 -16.62
C GLU D 422 18.59 -3.52 -15.37
N VAL D 423 18.81 -4.83 -15.54
CA VAL D 423 18.65 -5.76 -14.42
C VAL D 423 19.67 -5.48 -13.35
N THR D 424 20.91 -5.20 -13.77
CA THR D 424 21.96 -4.92 -12.80
C THR D 424 21.68 -3.64 -12.08
N ALA D 425 21.16 -2.64 -12.81
CA ALA D 425 20.94 -1.33 -12.23
C ALA D 425 19.90 -1.43 -11.12
N ILE D 426 18.76 -2.05 -11.39
CA ILE D 426 17.77 -2.13 -10.32
C ILE D 426 18.30 -2.97 -9.15
N GLY D 427 19.07 -4.02 -9.43
CA GLY D 427 19.69 -4.78 -8.33
C GLY D 427 20.72 -3.96 -7.59
N ALA D 428 21.45 -3.12 -8.32
CA ALA D 428 22.44 -2.27 -7.67
C ALA D 428 21.76 -1.20 -6.82
N VAL D 429 20.64 -0.66 -7.30
CA VAL D 429 19.94 0.38 -6.54
C VAL D 429 19.31 -0.21 -5.26
N GLU D 430 18.63 -1.35 -5.39
CA GLU D 430 18.11 -2.02 -4.20
C GLU D 430 19.21 -2.29 -3.19
N ALA D 431 20.35 -2.79 -3.66
CA ALA D 431 21.46 -3.04 -2.77
C ALA D 431 21.89 -1.77 -2.07
N ALA D 432 21.99 -0.68 -2.84
CA ALA D 432 22.42 0.59 -2.27
C ALA D 432 21.52 1.02 -1.11
N PHE D 433 20.20 0.94 -1.31
CA PHE D 433 19.28 1.26 -0.22
C PHE D 433 19.41 0.32 0.98
N LYS D 434 19.69 -0.98 0.74
CA LYS D 434 19.74 -1.90 1.87
C LYS D 434 20.87 -1.57 2.82
N CYS D 435 21.96 -0.97 2.32
CA CYS D 435 23.12 -0.75 3.17
C CYS D 435 23.48 0.72 3.34
N CYS D 436 22.61 1.63 2.91
CA CYS D 436 22.95 3.07 2.92
C CYS D 436 24.28 3.28 2.23
N ALA D 437 24.36 2.78 1.00
CA ALA D 437 25.58 2.93 0.23
C ALA D 437 25.83 4.41 -0.02
N ALA D 438 27.05 4.84 0.20
CA ALA D 438 27.42 6.23 -0.07
C ALA D 438 27.47 6.49 -1.57
N ALA D 439 27.92 5.53 -2.34
CA ALA D 439 28.03 5.73 -3.78
C ALA D 439 27.80 4.44 -4.52
N ILE D 440 27.23 4.57 -5.71
CA ILE D 440 27.29 3.56 -6.75
C ILE D 440 28.31 4.04 -7.79
N ILE D 441 29.41 3.30 -7.94
CA ILE D 441 30.47 3.59 -8.92
C ILE D 441 30.19 2.74 -10.15
N VAL D 442 29.93 3.38 -11.28
CA VAL D 442 29.65 2.65 -12.52
C VAL D 442 30.67 3.07 -13.57
N LEU D 443 31.15 2.08 -14.31
CA LEU D 443 31.97 2.32 -15.49
C LEU D 443 31.02 2.41 -16.67
N THR D 444 31.12 3.49 -17.43
CA THR D 444 30.26 3.75 -18.56
C THR D 444 31.06 4.42 -19.67
N THR D 445 30.67 4.10 -20.90
CA THR D 445 31.32 4.65 -22.08
C THR D 445 30.44 5.71 -22.73
N THR D 446 29.14 5.44 -22.86
CA THR D 446 28.20 6.39 -23.42
C THR D 446 27.40 7.15 -22.37
N GLY D 447 27.50 6.81 -21.07
CA GLY D 447 26.59 7.30 -20.05
C GLY D 447 25.44 6.35 -19.70
N ARG D 448 25.08 5.42 -20.59
CA ARG D 448 23.81 4.71 -20.49
C ARG D 448 23.67 3.96 -19.16
N SER D 449 24.71 3.19 -18.75
CA SER D 449 24.62 2.45 -17.50
C SER D 449 24.37 3.38 -16.32
N ALA D 450 24.80 4.63 -16.40
CA ALA D 450 24.57 5.56 -15.29
C ALA D 450 23.16 6.11 -15.30
N GLN D 451 22.65 6.41 -16.50
CA GLN D 451 21.25 6.83 -16.67
C GLN D 451 20.28 5.77 -16.17
N LEU D 452 20.55 4.50 -16.48
CA LEU D 452 19.67 3.45 -16.01
C LEU D 452 19.74 3.31 -14.49
N LEU D 453 20.86 3.68 -13.86
CA LEU D 453 20.87 3.75 -12.40
C LEU D 453 20.05 4.92 -11.92
N SER D 454 20.30 6.10 -12.51
CA SER D 454 19.70 7.36 -12.07
C SER D 454 18.19 7.33 -12.12
N ARG D 455 17.59 6.60 -13.08
CA ARG D 455 16.13 6.58 -13.15
C ARG D 455 15.46 5.95 -11.91
N TYR D 456 16.20 5.25 -11.04
CA TYR D 456 15.62 4.67 -9.83
C TYR D 456 15.77 5.62 -8.65
N ARG D 457 16.48 6.73 -8.86
CA ARG D 457 16.66 7.81 -7.91
C ARG D 457 17.31 7.27 -6.64
N PRO D 458 18.47 6.63 -6.74
CA PRO D 458 19.16 6.22 -5.52
C PRO D 458 19.45 7.44 -4.66
N ARG D 459 19.41 7.24 -3.35
CA ARG D 459 20.01 8.22 -2.46
C ARG D 459 21.52 8.27 -2.62
N ALA D 460 22.14 7.13 -2.87
CA ALA D 460 23.59 7.08 -3.07
C ALA D 460 23.95 7.84 -4.33
N ALA D 461 25.07 8.55 -4.31
CA ALA D 461 25.57 9.21 -5.51
C ALA D 461 25.98 8.19 -6.57
N VAL D 462 25.62 8.44 -7.83
CA VAL D 462 26.12 7.65 -8.95
C VAL D 462 27.40 8.30 -9.47
N ILE D 463 28.54 7.69 -9.16
CA ILE D 463 29.83 8.17 -9.65
C ILE D 463 30.15 7.42 -10.94
N ALA D 464 30.16 8.13 -12.06
CA ALA D 464 30.23 7.52 -13.37
C ALA D 464 31.63 7.76 -13.90
N VAL D 465 32.40 6.68 -14.04
CA VAL D 465 33.76 6.80 -14.57
C VAL D 465 33.70 6.52 -16.06
N THR D 466 34.28 7.42 -16.86
CA THR D 466 34.20 7.27 -18.31
C THR D 466 35.45 7.88 -18.95
N ARG D 467 35.83 7.32 -20.09
CA ARG D 467 36.89 7.90 -20.89
C ARG D 467 36.37 8.92 -21.89
N SER D 468 35.06 9.04 -22.04
CA SER D 468 34.49 9.91 -23.04
C SER D 468 34.17 11.27 -22.42
N ALA D 469 34.98 12.28 -22.76
CA ALA D 469 34.76 13.64 -22.27
C ALA D 469 33.33 14.11 -22.58
N GLN D 470 32.80 13.74 -23.74
CA GLN D 470 31.45 14.18 -24.12
C GLN D 470 30.36 13.37 -23.41
N ALA D 471 30.60 12.08 -23.13
CA ALA D 471 29.65 11.35 -22.29
C ALA D 471 29.62 11.98 -20.91
N ALA D 472 30.78 12.30 -20.37
CA ALA D 472 30.89 12.88 -19.04
C ALA D 472 30.17 14.23 -18.91
N ARG D 473 30.28 15.10 -19.92
CA ARG D 473 29.48 16.33 -19.87
C ARG D 473 27.99 16.03 -20.01
N GLN D 474 27.61 15.15 -20.95
CA GLN D 474 26.18 14.94 -21.19
C GLN D 474 25.45 14.27 -20.00
N VAL D 475 26.13 13.44 -19.19
CA VAL D 475 25.40 12.75 -18.14
C VAL D 475 24.88 13.69 -17.06
N HIS D 476 25.30 14.96 -17.10
CA HIS D 476 24.75 15.94 -16.18
C HIS D 476 23.28 16.17 -16.40
N LEU D 477 22.74 15.78 -17.55
CA LEU D 477 21.30 15.81 -17.75
C LEU D 477 20.54 14.87 -16.79
N CYS D 478 21.25 13.87 -16.20
CA CYS D 478 20.66 12.79 -15.42
C CYS D 478 20.85 13.04 -13.93
N ARG D 479 19.74 13.13 -13.18
CA ARG D 479 19.87 13.41 -11.75
C ARG D 479 20.78 12.40 -11.08
N GLY D 480 21.69 12.91 -10.28
CA GLY D 480 22.45 12.12 -9.35
C GLY D 480 23.67 11.48 -9.93
N VAL D 481 24.05 11.84 -11.15
CA VAL D 481 25.22 11.27 -11.79
C VAL D 481 26.35 12.28 -11.68
N PHE D 482 27.47 11.84 -11.12
CA PHE D 482 28.66 12.67 -10.93
C PHE D 482 29.77 12.12 -11.81
N PRO D 483 30.01 12.70 -12.98
CA PRO D 483 30.94 12.07 -13.95
C PRO D 483 32.37 12.27 -13.52
N LEU D 484 33.20 11.29 -13.89
CA LEU D 484 34.65 11.39 -13.70
C LEU D 484 35.34 11.00 -14.99
N LEU D 485 36.04 11.96 -15.61
CA LEU D 485 36.80 11.69 -16.82
C LEU D 485 38.10 10.97 -16.44
N TYR D 486 38.29 9.79 -17.00
CA TYR D 486 39.49 8.99 -16.72
C TYR D 486 40.39 9.12 -17.92
N ARG D 487 41.64 9.50 -17.70
CA ARG D 487 42.58 9.75 -18.80
C ARG D 487 43.86 8.99 -18.54
N GLU D 488 43.92 7.74 -19.01
CA GLU D 488 45.10 6.90 -18.86
C GLU D 488 45.05 5.87 -19.96
N PRO D 489 46.18 5.55 -20.59
CA PRO D 489 46.19 4.46 -21.56
C PRO D 489 45.64 3.21 -20.90
N PRO D 490 44.81 2.44 -21.61
CA PRO D 490 44.33 1.17 -21.05
C PRO D 490 45.48 0.36 -20.47
N GLU D 491 45.15 -0.49 -19.50
CA GLU D 491 46.15 -1.40 -18.96
C GLU D 491 46.29 -2.60 -19.89
N ALA D 492 47.49 -3.17 -19.90
CA ALA D 492 47.74 -4.44 -20.56
C ALA D 492 46.56 -5.39 -20.39
N ILE D 493 46.19 -5.70 -19.15
CA ILE D 493 45.14 -6.68 -18.87
C ILE D 493 43.82 -5.94 -18.63
N TRP D 494 42.75 -6.37 -19.31
CA TRP D 494 41.48 -5.65 -19.22
C TRP D 494 40.94 -5.65 -17.80
N ALA D 495 40.86 -6.81 -17.18
CA ALA D 495 40.46 -6.86 -15.77
C ALA D 495 41.25 -5.84 -14.96
N ASP D 496 42.54 -5.66 -15.25
CA ASP D 496 43.32 -4.65 -14.55
C ASP D 496 42.85 -3.24 -14.90
N ASP D 497 42.42 -3.04 -16.15
CA ASP D 497 41.92 -1.74 -16.57
C ASP D 497 40.68 -1.35 -15.76
N VAL D 498 39.79 -2.32 -15.52
CA VAL D 498 38.55 -2.07 -14.80
C VAL D 498 38.83 -1.61 -13.39
N ASN D 499 39.65 -2.36 -12.67
CA ASN D 499 39.86 -2.05 -11.26
C ASN D 499 40.63 -0.77 -11.07
N ARG D 500 41.37 -0.31 -12.10
CA ARG D 500 42.02 0.98 -12.00
C ARG D 500 41.02 2.12 -12.13
N ARG D 501 40.06 2.00 -13.05
CA ARG D 501 38.97 2.97 -13.11
C ARG D 501 38.14 2.95 -11.83
N VAL D 502 37.81 1.76 -11.32
CA VAL D 502 37.04 1.70 -10.08
C VAL D 502 37.80 2.40 -8.96
N GLN D 503 39.09 2.12 -8.84
CA GLN D 503 39.90 2.78 -7.81
C GLN D 503 39.98 4.28 -8.06
N PHE D 504 40.12 4.68 -9.32
CA PHE D 504 40.01 6.11 -9.64
C PHE D 504 38.68 6.65 -9.13
N GLY D 505 37.60 5.89 -9.33
CA GLY D 505 36.33 6.30 -8.76
C GLY D 505 36.41 6.52 -7.26
N ILE D 506 36.99 5.55 -6.54
CA ILE D 506 37.00 5.64 -5.09
C ILE D 506 37.87 6.80 -4.62
N GLU D 507 39.01 7.01 -5.26
CA GLU D 507 39.90 8.10 -4.84
C GLU D 507 39.27 9.46 -5.07
N SER D 508 38.65 9.68 -6.23
CA SER D 508 37.95 10.94 -6.48
C SER D 508 36.85 11.15 -5.43
N GLY D 509 36.00 10.14 -5.23
CA GLY D 509 34.96 10.26 -4.24
C GLY D 509 35.51 10.56 -2.85
N LYS D 510 36.63 9.95 -2.50
CA LYS D 510 37.27 10.27 -1.24
C LYS D 510 37.67 11.74 -1.20
N LEU D 511 38.42 12.18 -2.22
CA LEU D 511 38.84 13.57 -2.31
C LEU D 511 37.64 14.52 -2.30
N ARG D 512 36.65 14.27 -3.15
CA ARG D 512 35.53 15.16 -3.33
C ARG D 512 34.51 15.08 -2.20
N GLY D 513 34.77 14.28 -1.17
CA GLY D 513 33.85 14.19 -0.05
C GLY D 513 32.71 13.22 -0.19
N PHE D 514 32.71 12.38 -1.23
CA PHE D 514 31.64 11.42 -1.43
C PHE D 514 31.82 10.20 -0.53
N LEU D 515 33.06 9.74 -0.39
CA LEU D 515 33.36 8.51 0.32
C LEU D 515 34.27 8.80 1.50
N ARG D 516 34.08 8.01 2.56
CA ARG D 516 34.93 7.96 3.74
C ARG D 516 35.37 6.51 3.90
N VAL D 517 36.48 6.28 4.61
CA VAL D 517 36.91 4.91 4.84
C VAL D 517 35.83 4.22 5.66
N GLY D 518 35.60 2.93 5.37
CA GLY D 518 34.56 2.18 6.04
C GLY D 518 33.19 2.29 5.41
N ASP D 519 33.00 3.19 4.45
CA ASP D 519 31.73 3.26 3.74
C ASP D 519 31.51 1.98 2.93
N LEU D 520 30.27 1.79 2.53
CA LEU D 520 29.93 0.78 1.53
C LEU D 520 29.65 1.47 0.21
N VAL D 521 30.11 0.84 -0.86
CA VAL D 521 29.81 1.31 -2.20
C VAL D 521 29.39 0.10 -3.00
N ILE D 522 28.57 0.36 -4.00
CA ILE D 522 28.13 -0.63 -4.97
C ILE D 522 28.86 -0.33 -6.28
N VAL D 523 29.47 -1.36 -6.87
CA VAL D 523 30.33 -1.20 -8.06
C VAL D 523 29.68 -1.93 -9.22
N VAL D 524 29.41 -1.20 -10.31
CA VAL D 524 28.75 -1.74 -11.48
C VAL D 524 29.71 -1.71 -12.66
N THR D 525 29.95 -2.88 -13.28
CA THR D 525 30.87 -3.02 -14.39
C THR D 525 30.30 -4.03 -15.37
N GLY D 526 31.12 -4.38 -16.38
CA GLY D 526 30.75 -5.34 -17.39
C GLY D 526 31.71 -6.53 -17.40
N TRP D 527 31.35 -7.53 -18.22
CA TRP D 527 32.10 -8.78 -18.37
C TRP D 527 33.05 -8.78 -19.56
N ARG D 528 32.69 -8.06 -20.64
CA ARG D 528 33.36 -7.80 -21.91
C ARG D 528 33.59 -6.30 -22.07
N PRO D 529 34.69 -5.90 -22.71
CA PRO D 529 34.85 -4.48 -23.07
C PRO D 529 33.88 -4.02 -24.13
N GLY D 530 33.72 -2.70 -24.22
CA GLY D 530 32.90 -2.05 -25.21
C GLY D 530 31.65 -1.42 -24.64
N GLY D 532 27.54 -1.80 -24.06
CA GLY D 532 26.24 -2.35 -23.69
C GLY D 532 26.30 -3.71 -23.01
N TYR D 533 27.35 -3.94 -22.22
CA TYR D 533 27.50 -5.18 -21.47
C TYR D 533 27.69 -4.94 -19.98
N THR D 534 27.13 -3.88 -19.40
CA THR D 534 27.19 -3.76 -17.95
C THR D 534 26.34 -4.90 -17.40
N ASN D 535 26.91 -5.68 -16.48
CA ASN D 535 26.12 -6.81 -15.98
C ASN D 535 26.65 -7.38 -14.67
N ILE D 536 27.44 -6.64 -13.90
CA ILE D 536 27.96 -7.11 -12.63
C ILE D 536 27.84 -6.01 -11.59
N MET D 537 27.39 -6.38 -10.40
CA MET D 537 27.49 -5.51 -9.24
C MET D 537 28.23 -6.22 -8.12
N ARG D 538 29.11 -5.49 -7.47
CA ARG D 538 29.85 -5.97 -6.33
C ARG D 538 29.63 -5.01 -5.19
N VAL D 539 29.56 -5.55 -3.98
CA VAL D 539 29.47 -4.76 -2.76
C VAL D 539 30.87 -4.67 -2.18
N LEU D 540 31.33 -3.45 -1.93
CA LEU D 540 32.72 -3.21 -1.59
C LEU D 540 32.78 -2.22 -0.43
N SER D 541 33.65 -2.52 0.52
CA SER D 541 33.92 -1.68 1.66
C SER D 541 35.12 -0.80 1.33
N ILE D 542 35.00 0.50 1.59
CA ILE D 542 36.08 1.42 1.26
C ILE D 542 37.15 1.30 2.34
N SER D 543 38.37 1.07 1.92
CA SER D 543 39.52 1.04 2.83
C SER D 543 40.41 2.25 2.59
P1 FBP E . 35.70 -21.22 -1.98
O1P FBP E . 36.30 -21.18 -3.38
O2P FBP E . 34.87 -22.47 -1.82
O3P FBP E . 36.75 -21.09 -0.90
O1 FBP E . 34.70 -19.93 -1.81
C1 FBP E . 33.86 -19.68 -2.86
C2 FBP E . 32.76 -18.68 -2.31
O2 FBP E . 32.07 -18.06 -3.42
C3 FBP E . 33.49 -17.51 -1.50
O3 FBP E . 33.94 -16.52 -2.36
C4 FBP E . 32.36 -17.12 -0.59
O4 FBP E . 32.91 -16.29 0.55
C5 FBP E . 31.88 -18.31 -0.20
O5 FBP E . 31.96 -19.26 -1.51
C6 FBP E . 30.47 -18.22 0.27
O6 FBP E . 30.29 -19.22 1.20
P2 FBP E . 29.21 -19.02 2.44
O4P FBP E . 29.42 -17.70 3.18
O5P FBP E . 27.77 -19.14 1.93
O6P FBP E . 29.51 -20.17 3.41
H11 FBP E . 33.44 -20.50 -3.16
H12 FBP E . 34.34 -19.27 -3.59
HO2 FBP E . 32.36 -17.26 -3.52
H3 FBP E . 34.26 -17.76 -0.99
HO3 FBP E . 34.29 -15.89 -1.92
H4 FBP E . 31.66 -16.62 -1.04
HO4 FBP E . 32.83 -16.72 1.28
H5 FBP E . 32.44 -18.65 0.53
H61 FBP E . 30.30 -17.35 0.67
H62 FBP E . 29.86 -18.34 -0.48
C1 EDO F . 7.06 -9.93 -9.76
O1 EDO F . 7.17 -9.71 -8.37
C2 EDO F . 6.74 -11.40 -9.97
O2 EDO F . 5.79 -11.79 -9.03
H11 EDO F . 6.35 -9.39 -10.13
H12 EDO F . 7.90 -9.71 -10.20
HO1 EDO F . 6.78 -8.97 -8.17
H21 EDO F . 6.41 -11.55 -10.87
H22 EDO F . 7.55 -11.93 -9.84
HO2 EDO F . 5.82 -12.63 -8.91
C1 EDO G . 9.01 -48.85 22.03
O1 EDO G . 8.43 -47.77 22.69
C2 EDO G . 10.32 -48.32 21.44
O2 EDO G . 10.90 -49.35 20.68
H11 EDO G . 9.20 -49.57 22.66
H12 EDO G . 8.43 -49.17 21.33
HO1 EDO G . 7.75 -48.03 23.13
H21 EDO G . 10.14 -47.55 20.87
H22 EDO G . 10.92 -48.07 22.15
HO2 EDO G . 11.69 -49.47 20.92
C1 PEP H . 4.24 -32.59 17.73
O1 PEP H . 3.86 -31.97 18.72
O2' PEP H . 3.89 -32.25 16.57
C2 PEP H . 5.17 -33.73 18.08
C3 PEP H . 5.69 -33.83 19.29
O2 PEP H . 5.43 -34.64 17.09
P PEP H . 6.14 -36.02 17.58
O1P PEP H . 5.22 -36.54 18.70
O2P PEP H . 7.55 -35.79 18.09
O3P PEP H . 6.21 -36.91 16.33
H31 PEP H . 5.48 -33.20 19.94
H32 PEP H . 6.27 -34.53 19.50
P1 FBP I . -30.69 23.26 15.69
O1P FBP I . -30.46 24.14 14.47
O2P FBP I . -32.15 22.91 15.75
O3P FBP I . -30.20 23.91 16.96
O1 FBP I . -29.80 21.87 15.50
C1 FBP I . -29.69 21.39 14.21
C2 FBP I . -28.46 20.43 14.11
O2 FBP I . -28.70 19.45 13.04
C3 FBP I . -28.32 19.55 15.43
O3 FBP I . -29.08 18.43 15.31
C4 FBP I . -26.85 19.29 15.43
O4 FBP I . -26.45 18.76 16.79
C5 FBP I . -26.35 20.50 15.12
O5 FBP I . -27.35 21.04 13.96
C6 FBP I . -24.95 20.43 14.59
O6 FBP I . -24.35 21.64 14.88
P2 FBP I . -22.72 21.72 15.25
O4P FBP I . -22.40 23.08 15.88
O5P FBP I . -22.40 20.69 16.32
O6P FBP I . -21.92 21.53 13.96
H11 FBP I . -30.49 20.93 13.97
H12 FBP I . -29.55 22.15 13.61
HO2 FBP I . -28.90 18.71 13.38
H3 FBP I . -28.58 20.01 16.24
HO3 FBP I . -29.10 18.01 16.07
H4 FBP I . -26.55 18.65 14.77
HO4 FBP I . -26.16 19.41 17.27
H5 FBP I . -26.36 21.07 15.91
H61 FBP I . -24.97 20.29 13.63
H62 FBP I . -24.48 19.70 15.02
C1 EDO J . -12.41 7.79 -5.08
O1 EDO J . -12.01 6.44 -5.28
C2 EDO J . -11.44 8.71 -5.83
O2 EDO J . -12.08 9.92 -6.18
H11 EDO J . -12.38 8.00 -4.13
H12 EDO J . -13.31 7.92 -5.42
HO1 EDO J . -12.50 6.08 -5.88
H21 EDO J . -10.67 8.91 -5.27
H22 EDO J . -11.15 8.27 -6.65
HO2 EDO J . -11.56 10.40 -6.65
C1 PEP K . 4.84 36.31 7.46
O1 PEP K . 4.41 35.68 6.45
O2' PEP K . 5.95 36.07 7.92
C2 PEP K . 4.02 37.39 8.19
C3 PEP K . 4.37 37.87 9.39
O2 PEP K . 2.91 37.87 7.55
P PEP K . 2.92 39.51 7.66
O1P PEP K . 2.20 40.13 6.47
O2P PEP K . 2.22 39.86 8.98
O3P PEP K . 4.43 39.77 7.64
H31 PEP K . 5.12 37.53 9.82
H32 PEP K . 3.85 38.54 9.78
P1 FBP L . -41.13 -1.93 6.22
O1P FBP L . -42.15 -1.45 5.21
O2P FBP L . -41.39 -1.34 7.59
O3P FBP L . -41.19 -3.46 6.28
O1 FBP L . -39.64 -1.43 5.68
C1 FBP L . -38.68 -1.02 6.59
C2 FBP L . -37.32 -0.84 5.81
O2 FBP L . -36.38 -0.16 6.68
C3 FBP L . -37.57 0.08 4.55
O3 FBP L . -37.28 1.39 4.84
C4 FBP L . -36.63 -0.46 3.54
O4 FBP L . -37.10 -0.06 2.15
C5 FBP L . -36.65 -1.78 3.77
O5 FBP L . -36.86 -1.96 5.37
C6 FBP L . -35.36 -2.38 3.34
O6 FBP L . -35.52 -3.75 3.25
P2 FBP L . -34.67 -4.56 2.09
O4P FBP L . -34.39 -3.62 0.91
O5P FBP L . -33.39 -5.10 2.71
O6P FBP L . -35.56 -5.74 1.63
H11 FBP L . -38.94 -0.18 6.99
H12 FBP L . -38.58 -1.69 7.28
HO2 FBP L . -36.26 0.63 6.40
H3 FBP L . -38.49 0.02 4.24
HO3 FBP L . -37.33 1.86 4.14
H4 FBP L . -35.72 -0.15 3.64
HO4 FBP L . -37.65 -0.66 1.85
H5 FBP L . -37.40 -2.20 3.31
H61 FBP L . -34.67 -2.17 3.98
H62 FBP L . -35.11 -2.03 2.47
C1 EDO M . -9.87 -0.67 11.00
O1 EDO M . -9.79 -0.38 9.63
C2 EDO M . -8.88 -1.77 11.36
O2 EDO M . -9.61 -2.91 11.70
H11 EDO M . -9.68 0.13 11.51
H12 EDO M . -10.77 -0.97 11.21
HO1 EDO M . -10.26 0.31 9.46
H21 EDO M . -8.33 -1.49 12.11
H22 EDO M . -8.31 -1.97 10.59
HO2 EDO M . -9.88 -3.32 10.99
C1 PEP N . -19.32 -32.76 -3.10
O1 PEP N . -18.80 -32.02 -2.21
O2' PEP N . -18.67 -33.03 -4.13
C2 PEP N . -20.67 -33.48 -3.20
C3 PEP N . -21.59 -33.04 -4.00
O2 PEP N . -20.87 -34.72 -2.61
P PEP N . -21.86 -34.85 -1.32
O1P PEP N . -23.14 -34.10 -1.65
O2P PEP N . -22.08 -36.34 -1.14
O3P PEP N . -21.22 -34.24 -0.08
H31 PEP N . -21.47 -32.22 -4.44
H32 PEP N . -22.36 -33.54 -4.14
P1 FBP O . 35.50 -0.44 -21.40
O1P FBP O . 35.26 0.98 -20.93
O2P FBP O . 36.96 -0.76 -21.20
O3P FBP O . 35.11 -0.59 -22.87
O1 FBP O . 34.57 -1.47 -20.48
C1 FBP O . 34.08 -1.00 -19.28
C2 FBP O . 32.52 -1.19 -19.19
O2 FBP O . 32.19 -1.52 -17.82
C3 FBP O . 31.98 -2.37 -20.12
O3 FBP O . 32.26 -3.61 -19.63
C4 FBP O . 30.53 -2.02 -20.10
O4 FBP O . 29.79 -2.87 -21.12
C5 FBP O . 30.59 -0.71 -20.39
O5 FBP O . 31.88 -0.17 -19.57
C6 FBP O . 29.37 0.03 -19.99
O6 FBP O . 29.20 1.05 -20.94
P2 FBP O . 27.69 1.67 -21.32
O4P FBP O . 27.96 2.77 -22.35
O5P FBP O . 26.79 0.60 -21.94
O6P FBP O . 27.05 2.27 -20.08
H11 FBP O . 34.51 -1.49 -18.56
H12 FBP O . 34.29 -0.06 -19.19
HO2 FBP O . 31.95 -2.34 -17.79
H3 FBP O . 32.38 -2.37 -21.01
HO3 FBP O . 31.77 -4.19 -20.04
H4 FBP O . 30.09 -2.16 -19.25
HO4 FBP O . 29.86 -2.52 -21.89
H5 FBP O . 30.71 -0.62 -21.36
H61 FBP O . 29.49 0.42 -19.10
H62 FBP O . 28.60 -0.55 -19.99
C1 EDO P . 28.96 19.23 -5.33
O1 EDO P . 28.58 20.38 -4.61
C2 EDO P . 27.73 18.34 -5.55
O2 EDO P . 27.02 18.68 -6.73
H11 EDO P . 29.33 19.49 -6.20
H12 EDO P . 29.63 18.73 -4.83
HO1 EDO P . 29.15 20.99 -4.74
H21 EDO P . 28.01 17.42 -5.61
H22 EDO P . 27.13 18.45 -4.80
HO2 EDO P . 26.41 18.10 -6.87
C1 EDO Q . 17.56 9.84 -15.59
O1 EDO Q . 17.04 8.62 -15.36
C2 EDO Q . 17.14 10.21 -17.00
O2 EDO Q . 17.55 11.54 -17.05
H11 EDO Q . 17.21 10.47 -14.96
H12 EDO Q . 18.53 9.81 -15.53
HO1 EDO Q . 17.36 8.30 -14.64
H21 EDO Q . 17.61 9.67 -17.66
H22 EDO Q . 16.18 10.12 -17.12
HO2 EDO Q . 18.25 11.61 -17.54
C1 EDO R . 15.13 4.37 2.20
O1 EDO R . 15.00 5.70 1.79
C2 EDO R . 13.86 3.61 1.84
O2 EDO R . 14.16 2.34 1.35
H11 EDO R . 15.89 3.96 1.75
H12 EDO R . 15.27 4.33 3.16
HO1 EDO R . 14.21 5.98 1.98
H21 EDO R . 13.31 3.52 2.63
H22 EDO R . 13.37 4.10 1.16
HO2 EDO R . 14.95 2.11 1.59
C1 PEP S . 10.26 29.09 -22.51
O1 PEP S . 9.13 29.19 -23.02
O2' PEP S . 10.44 28.76 -21.31
C2 PEP S . 11.42 29.41 -23.44
C3 PEP S . 11.20 29.40 -24.73
O2 PEP S . 12.65 29.71 -22.89
P PEP S . 13.37 30.98 -23.60
O1P PEP S . 12.27 32.01 -23.86
O2P PEP S . 14.46 31.52 -22.69
O3P PEP S . 13.97 30.38 -24.85
H31 PEP S . 10.36 29.20 -25.07
H32 PEP S . 11.90 29.61 -25.32
#